data_4KC7
#
_entry.id   4KC7
#
_cell.length_a   41.669
_cell.length_b   86.912
_cell.length_c   194.854
_cell.angle_alpha   90.00
_cell.angle_beta   90.15
_cell.angle_gamma   90.00
#
_symmetry.space_group_name_H-M   'P 1 21 1'
#
loop_
_entity.id
_entity.type
_entity.pdbx_description
1 polymer 'Glycoside hydrolase, family 43'
2 non-polymer DI(HYDROXYETHYL)ETHER
3 non-polymer 'CALCIUM ION'
4 water water
#
_entity_poly.entity_id   1
_entity_poly.type   'polypeptide(L)'
_entity_poly.pdbx_seq_one_letter_code
;MGSSHHHHHHSSGLVPRGSHMASEQPTFRWAVVHDPSIIKVGNMYYVFGTHLQVAKSKDLMHWEQINTSAHDKNPIIPNI
NEELKETLSWARTRNDIWAPQVIQLSDGRYYMYYCASTFGSPRSAIGIAVSDDIEGPYKHYAVIVKSGQVYSVDGPSEDG
TPYDSRKHPNALDPGVFYDKEGNLWMVYGSWFGGIYILKLDPNTGLPLPGQGYGKRLVGGNHSSMEGPYILYSPDTDYYY
LFLSFGGLDYRGGYNIRVARSKNPNGPYYDPEGKSMENCMGSKTVISNYGAKLVGNFILSESNTIDFKAFGYVSPGHNSA
YYDPETGKYFIFFHTRFPGRGETYQLRVHQLFLNEDGWFVMAPFPYGGETVSKLPNEEIVGEYQFINHGKEITDKIKQPV
RIKLNSDGSITGAVEGRWERKEHYITLKIIEGNTTVIYKGVLLKQWHYSEKKWVTVFTALSNQGVSVWGIRVEE
;
_entity_poly.pdbx_strand_id   A,B,C
#
loop_
_chem_comp.id
_chem_comp.type
_chem_comp.name
_chem_comp.formula
CA non-polymer 'CALCIUM ION' 'Ca 2'
PEG non-polymer DI(HYDROXYETHYL)ETHER 'C4 H10 O3'
#
# COMPACT_ATOMS: atom_id res chain seq x y z
N GLN A 25 -9.40 -2.63 -5.18
CA GLN A 25 -10.75 -3.07 -4.90
C GLN A 25 -11.33 -4.17 -5.81
N PRO A 26 -11.16 -4.15 -7.17
CA PRO A 26 -11.78 -5.35 -7.84
C PRO A 26 -11.10 -6.66 -7.45
N THR A 27 -11.87 -7.73 -7.45
CA THR A 27 -11.40 -9.07 -7.24
C THR A 27 -11.98 -9.98 -8.36
N PHE A 28 -11.35 -11.13 -8.46
CA PHE A 28 -11.54 -12.12 -9.52
C PHE A 28 -11.62 -13.56 -9.11
N ARG A 29 -12.33 -14.36 -9.92
CA ARG A 29 -12.27 -15.78 -9.75
C ARG A 29 -12.51 -16.26 -11.16
N TRP A 30 -11.49 -16.76 -11.81
CA TRP A 30 -11.62 -17.24 -13.19
C TRP A 30 -12.23 -18.63 -13.24
N ALA A 31 -12.57 -19.04 -14.43
CA ALA A 31 -12.99 -20.36 -14.73
C ALA A 31 -12.02 -21.03 -15.69
N VAL A 32 -12.16 -22.33 -15.86
CA VAL A 32 -11.39 -23.10 -16.74
C VAL A 32 -12.31 -23.43 -17.89
N VAL A 33 -12.21 -22.62 -18.96
CA VAL A 33 -13.05 -22.79 -20.12
C VAL A 33 -12.17 -22.54 -21.38
N HIS A 34 -11.83 -23.56 -22.15
CA HIS A 34 -11.03 -23.53 -23.34
C HIS A 34 -11.97 -23.12 -24.50
N ASP A 35 -11.51 -22.23 -25.35
CA ASP A 35 -12.27 -21.76 -26.50
C ASP A 35 -13.62 -21.08 -26.10
N PRO A 36 -13.58 -20.04 -25.25
CA PRO A 36 -14.83 -19.62 -24.66
C PRO A 36 -15.70 -18.80 -25.58
N SER A 37 -17.01 -19.15 -25.64
CA SER A 37 -18.00 -18.41 -26.38
C SER A 37 -19.00 -17.76 -25.48
N ILE A 38 -19.06 -16.43 -25.55
CA ILE A 38 -19.87 -15.59 -24.67
C ILE A 38 -21.32 -15.57 -25.13
N ILE A 39 -22.24 -15.64 -24.19
CA ILE A 39 -23.65 -15.29 -24.47
C ILE A 39 -24.20 -14.61 -23.20
N LYS A 40 -24.96 -13.54 -23.33
CA LYS A 40 -25.63 -12.92 -22.22
C LYS A 40 -27.11 -13.36 -22.14
N VAL A 41 -27.54 -13.83 -21.00
CA VAL A 41 -28.91 -14.30 -20.79
C VAL A 41 -29.42 -13.62 -19.51
N GLY A 42 -30.40 -12.71 -19.66
CA GLY A 42 -30.88 -11.94 -18.50
C GLY A 42 -29.73 -11.08 -18.00
N ASN A 43 -29.46 -11.11 -16.69
CA ASN A 43 -28.33 -10.38 -16.18
C ASN A 43 -27.10 -11.31 -15.97
N MET A 44 -26.99 -12.40 -16.73
CA MET A 44 -25.94 -13.36 -16.46
C MET A 44 -25.21 -13.60 -17.78
N TYR A 45 -23.90 -13.50 -17.69
CA TYR A 45 -23.01 -13.85 -18.78
C TYR A 45 -22.59 -15.28 -18.68
N TYR A 46 -22.75 -16.06 -19.76
CA TYR A 46 -22.21 -17.38 -19.84
C TYR A 46 -21.09 -17.51 -20.87
N VAL A 47 -20.12 -18.35 -20.54
CA VAL A 47 -19.24 -18.86 -21.55
C VAL A 47 -19.39 -20.35 -21.72
N PHE A 48 -19.44 -20.80 -22.98
CA PHE A 48 -19.44 -22.18 -23.37
C PHE A 48 -18.11 -22.51 -24.08
N GLY A 49 -17.50 -23.62 -23.70
CA GLY A 49 -16.22 -23.99 -24.27
C GLY A 49 -16.02 -25.48 -24.54
N THR A 50 -14.90 -25.77 -25.18
CA THR A 50 -14.50 -27.13 -25.48
C THR A 50 -14.63 -28.08 -24.28
N HIS A 51 -15.04 -29.33 -24.54
CA HIS A 51 -15.29 -30.33 -23.46
C HIS A 51 -16.53 -30.01 -22.61
N LEU A 52 -17.42 -29.14 -23.12
CA LEU A 52 -18.55 -28.64 -22.39
C LEU A 52 -18.17 -28.00 -21.10
N GLN A 53 -17.07 -27.28 -21.15
CA GLN A 53 -16.71 -26.42 -20.00
C GLN A 53 -17.63 -25.19 -20.08
N VAL A 54 -18.36 -24.93 -19.03
CA VAL A 54 -19.32 -23.87 -18.99
C VAL A 54 -19.19 -23.13 -17.68
N ALA A 55 -19.24 -21.80 -17.74
CA ALA A 55 -19.20 -20.97 -16.58
C ALA A 55 -20.06 -19.73 -16.71
N LYS A 56 -20.39 -19.09 -15.58
CA LYS A 56 -21.26 -17.94 -15.62
C LYS A 56 -20.89 -16.90 -14.64
N SER A 57 -21.33 -15.67 -14.94
CA SER A 57 -20.94 -14.49 -14.17
C SER A 57 -21.93 -13.35 -14.28
N LYS A 58 -22.12 -12.57 -13.19
CA LYS A 58 -22.88 -11.36 -13.28
C LYS A 58 -22.05 -10.13 -13.58
N ASP A 59 -20.78 -10.16 -13.21
CA ASP A 59 -19.88 -9.00 -13.26
C ASP A 59 -18.68 -9.13 -14.16
N LEU A 60 -18.53 -10.27 -14.86
CA LEU A 60 -17.36 -10.58 -15.76
C LEU A 60 -16.02 -10.85 -15.07
N MET A 61 -15.99 -10.74 -13.75
CA MET A 61 -14.80 -10.93 -12.97
C MET A 61 -14.84 -12.16 -12.09
N HIS A 62 -16.03 -12.49 -11.55
CA HIS A 62 -16.14 -13.73 -10.73
C HIS A 62 -17.02 -14.71 -11.48
N TRP A 63 -16.45 -15.88 -11.73
CA TRP A 63 -17.05 -16.90 -12.60
C TRP A 63 -17.34 -18.15 -11.79
N GLU A 64 -18.55 -18.67 -11.92
CA GLU A 64 -18.95 -19.92 -11.35
C GLU A 64 -18.89 -20.99 -12.42
N GLN A 65 -18.09 -22.01 -12.18
CA GLN A 65 -18.04 -23.13 -13.09
C GLN A 65 -19.27 -23.99 -12.95
N ILE A 66 -20.01 -24.21 -14.02
CA ILE A 66 -21.18 -25.11 -13.96
C ILE A 66 -21.05 -26.47 -14.61
N ASN A 67 -20.02 -26.67 -15.41
CA ASN A 67 -19.68 -27.96 -16.00
C ASN A 67 -18.25 -27.97 -16.45
N THR A 68 -17.63 -29.14 -16.37
CA THR A 68 -16.21 -29.27 -16.69
C THR A 68 -15.87 -30.34 -17.71
N SER A 69 -16.73 -31.33 -18.02
CA SER A 69 -16.38 -32.25 -19.02
C SER A 69 -17.65 -32.84 -19.64
N ALA A 70 -17.46 -33.51 -20.75
CA ALA A 70 -18.58 -34.11 -21.53
C ALA A 70 -18.76 -35.60 -21.20
N HIS A 71 -18.71 -35.92 -19.92
CA HIS A 71 -18.90 -37.28 -19.44
C HIS A 71 -20.38 -37.71 -19.57
N ASP A 72 -20.64 -39.01 -19.52
CA ASP A 72 -22.03 -39.48 -19.77
C ASP A 72 -23.11 -38.80 -18.87
N LYS A 73 -22.76 -38.44 -17.60
CA LYS A 73 -23.68 -37.84 -16.64
C LYS A 73 -23.67 -36.30 -16.53
N ASN A 74 -23.04 -35.63 -17.48
CA ASN A 74 -23.06 -34.16 -17.45
C ASN A 74 -24.48 -33.64 -17.72
N PRO A 75 -24.83 -32.55 -17.14
CA PRO A 75 -26.19 -32.04 -17.28
C PRO A 75 -26.51 -31.20 -18.49
N ILE A 76 -25.46 -30.76 -19.22
CA ILE A 76 -25.57 -29.86 -20.37
C ILE A 76 -26.12 -30.70 -21.52
N ILE A 77 -25.46 -31.81 -21.80
CA ILE A 77 -25.90 -32.77 -22.82
C ILE A 77 -25.84 -34.16 -22.28
N PRO A 78 -26.86 -34.54 -21.53
CA PRO A 78 -26.77 -35.84 -20.90
C PRO A 78 -26.67 -37.03 -21.88
N ASN A 79 -25.89 -38.06 -21.51
CA ASN A 79 -25.68 -39.22 -22.33
C ASN A 79 -25.26 -38.73 -23.77
N ILE A 80 -24.28 -37.82 -23.81
CA ILE A 80 -23.82 -37.24 -25.09
C ILE A 80 -23.50 -38.19 -26.22
N ASN A 81 -22.90 -39.34 -25.92
CA ASN A 81 -22.60 -40.29 -26.95
C ASN A 81 -23.80 -40.82 -27.69
N GLU A 82 -24.90 -41.02 -27.00
CA GLU A 82 -26.11 -41.40 -27.69
C GLU A 82 -26.78 -40.14 -28.30
N GLU A 83 -26.85 -39.06 -27.55
CA GLU A 83 -27.60 -37.84 -28.01
C GLU A 83 -27.00 -37.31 -29.35
N LEU A 84 -25.69 -37.22 -29.41
CA LEU A 84 -24.98 -36.69 -30.57
C LEU A 84 -24.27 -37.78 -31.35
N LYS A 85 -24.92 -38.92 -31.46
CA LYS A 85 -24.37 -40.13 -32.10
C LYS A 85 -23.95 -39.85 -33.56
N GLU A 86 -24.72 -38.99 -34.23
CA GLU A 86 -24.41 -38.66 -35.63
C GLU A 86 -23.08 -37.95 -35.84
N THR A 87 -22.87 -36.86 -35.12
CA THR A 87 -21.59 -36.14 -35.26
C THR A 87 -20.40 -36.92 -34.63
N LEU A 88 -20.62 -37.51 -33.48
CA LEU A 88 -19.55 -38.24 -32.85
C LEU A 88 -19.15 -39.45 -33.61
N SER A 89 -20.13 -40.16 -34.22
CA SER A 89 -19.80 -41.28 -35.08
C SER A 89 -19.00 -40.87 -36.27
N TRP A 90 -19.39 -39.76 -36.88
CA TRP A 90 -18.68 -39.24 -38.02
C TRP A 90 -17.19 -38.99 -37.66
N ALA A 91 -16.99 -38.26 -36.55
CA ALA A 91 -15.64 -37.88 -36.08
C ALA A 91 -14.85 -39.06 -35.42
N ARG A 92 -15.52 -40.19 -35.24
CA ARG A 92 -14.96 -41.42 -34.60
C ARG A 92 -14.49 -41.04 -33.20
N THR A 93 -15.33 -40.37 -32.38
CA THR A 93 -14.91 -39.94 -31.08
C THR A 93 -15.98 -40.19 -30.09
N ARG A 94 -15.76 -39.86 -28.84
CA ARG A 94 -16.71 -40.07 -27.75
C ARG A 94 -16.40 -39.12 -26.64
N ASN A 95 -17.43 -38.77 -25.85
CA ASN A 95 -17.25 -37.94 -24.66
C ASN A 95 -16.52 -36.66 -24.82
N ASP A 96 -16.75 -36.02 -25.95
CA ASP A 96 -16.11 -34.75 -26.18
C ASP A 96 -16.80 -34.07 -27.32
N ILE A 97 -16.94 -32.77 -27.21
CA ILE A 97 -17.23 -31.86 -28.27
C ILE A 97 -16.40 -30.61 -28.11
N TRP A 98 -16.15 -29.97 -29.22
CA TRP A 98 -15.21 -28.84 -29.31
C TRP A 98 -15.88 -27.54 -29.67
N ALA A 99 -15.37 -26.46 -29.11
CA ALA A 99 -15.73 -25.04 -29.48
C ALA A 99 -17.22 -24.82 -29.67
N PRO A 100 -18.05 -25.17 -28.69
CA PRO A 100 -19.52 -24.87 -28.80
C PRO A 100 -19.80 -23.42 -28.52
N GLN A 101 -20.73 -22.86 -29.30
CA GLN A 101 -21.23 -21.53 -29.13
C GLN A 101 -22.73 -21.60 -29.05
N VAL A 102 -23.30 -21.00 -28.04
CA VAL A 102 -24.78 -21.00 -27.90
C VAL A 102 -25.23 -19.62 -28.34
N ILE A 103 -26.28 -19.62 -29.13
CA ILE A 103 -26.93 -18.38 -29.61
C ILE A 103 -28.47 -18.56 -29.48
N GLN A 104 -29.17 -17.52 -29.07
CA GLN A 104 -30.64 -17.54 -29.00
C GLN A 104 -31.19 -17.11 -30.33
N LEU A 105 -32.01 -17.93 -30.96
CA LEU A 105 -32.59 -17.58 -32.24
C LEU A 105 -34.03 -17.05 -31.99
N SER A 106 -34.77 -16.76 -33.06
CA SER A 106 -36.05 -16.03 -33.00
C SER A 106 -37.18 -16.74 -32.30
N ASP A 107 -37.11 -18.06 -32.20
CA ASP A 107 -38.10 -18.83 -31.44
C ASP A 107 -37.88 -18.83 -29.94
N GLY A 108 -36.80 -18.16 -29.51
CA GLY A 108 -36.43 -18.07 -28.15
C GLY A 108 -35.60 -19.16 -27.57
N ARG A 109 -35.36 -20.20 -28.35
CA ARG A 109 -34.61 -21.32 -27.90
C ARG A 109 -33.12 -20.99 -28.11
N TYR A 110 -32.34 -21.75 -27.38
CA TYR A 110 -30.90 -21.69 -27.34
C TYR A 110 -30.35 -22.79 -28.23
N TYR A 111 -29.55 -22.40 -29.24
CA TYR A 111 -29.00 -23.32 -30.20
C TYR A 111 -27.50 -23.37 -29.99
N MET A 112 -26.99 -24.58 -29.74
CA MET A 112 -25.59 -24.82 -29.48
C MET A 112 -24.95 -25.30 -30.72
N TYR A 113 -24.15 -24.45 -31.34
CA TYR A 113 -23.42 -24.89 -32.53
C TYR A 113 -22.11 -25.45 -31.98
N TYR A 114 -21.63 -26.58 -32.46
CA TYR A 114 -20.41 -27.25 -31.93
C TYR A 114 -19.75 -28.06 -33.03
N CYS A 115 -18.60 -28.66 -32.71
CA CYS A 115 -17.97 -29.53 -33.68
C CYS A 115 -17.44 -30.70 -32.92
N ALA A 116 -17.35 -31.79 -33.69
CA ALA A 116 -16.79 -33.09 -33.23
C ALA A 116 -15.59 -33.40 -34.14
N SER A 117 -14.52 -33.91 -33.55
CA SER A 117 -13.30 -34.17 -34.28
C SER A 117 -12.34 -34.98 -33.40
N THR A 118 -11.12 -35.14 -33.95
CA THR A 118 -10.00 -35.77 -33.26
C THR A 118 -8.75 -34.98 -33.54
N PHE A 119 -7.77 -35.03 -32.62
CA PHE A 119 -6.58 -34.15 -32.74
C PHE A 119 -5.82 -34.41 -33.99
N GLY A 120 -5.54 -33.34 -34.73
CA GLY A 120 -4.76 -33.37 -35.97
C GLY A 120 -5.53 -33.73 -37.23
N SER A 121 -6.84 -34.04 -37.12
CA SER A 121 -7.58 -34.64 -38.23
C SER A 121 -8.58 -33.74 -38.89
N PRO A 122 -8.81 -33.92 -40.21
CA PRO A 122 -9.91 -33.16 -40.80
C PRO A 122 -11.22 -33.91 -40.88
N ARG A 123 -11.26 -35.04 -40.21
CA ARG A 123 -12.48 -35.82 -40.11
C ARG A 123 -13.36 -35.28 -39.00
N SER A 124 -14.26 -34.32 -39.37
CA SER A 124 -14.92 -33.44 -38.41
C SER A 124 -16.33 -33.13 -38.89
N ALA A 125 -17.21 -32.76 -37.94
CA ALA A 125 -18.53 -32.32 -38.25
C ALA A 125 -18.96 -31.18 -37.34
N ILE A 126 -19.72 -30.24 -37.91
CA ILE A 126 -20.45 -29.22 -37.22
C ILE A 126 -21.86 -29.68 -37.11
N GLY A 127 -22.27 -29.68 -35.89
CA GLY A 127 -23.63 -29.93 -35.42
C GLY A 127 -24.30 -28.78 -34.68
N ILE A 128 -25.59 -28.97 -34.43
CA ILE A 128 -26.44 -28.05 -33.70
C ILE A 128 -27.23 -28.92 -32.72
N ALA A 129 -27.25 -28.46 -31.47
CA ALA A 129 -28.10 -29.00 -30.43
C ALA A 129 -29.00 -27.83 -29.95
N VAL A 130 -30.12 -28.16 -29.28
CA VAL A 130 -31.09 -27.10 -28.92
C VAL A 130 -31.65 -27.36 -27.52
N SER A 131 -31.84 -26.28 -26.78
CA SER A 131 -32.51 -26.31 -25.49
C SER A 131 -33.49 -25.14 -25.33
N ASP A 132 -34.45 -25.33 -24.43
CA ASP A 132 -35.29 -24.24 -24.03
C ASP A 132 -34.60 -23.36 -22.95
N ASP A 133 -33.63 -23.91 -22.22
CA ASP A 133 -32.98 -23.21 -21.09
C ASP A 133 -31.50 -23.15 -21.36
N ILE A 134 -30.92 -22.01 -21.00
CA ILE A 134 -29.46 -21.80 -21.28
C ILE A 134 -28.60 -22.91 -20.76
N GLU A 135 -28.87 -23.44 -19.57
CA GLU A 135 -27.97 -24.43 -18.99
C GLU A 135 -28.29 -25.85 -19.42
N GLY A 136 -29.27 -25.97 -20.29
CA GLY A 136 -29.62 -27.25 -20.82
C GLY A 136 -30.84 -27.94 -20.17
N PRO A 137 -31.02 -29.23 -20.47
CA PRO A 137 -30.23 -30.15 -21.33
C PRO A 137 -30.51 -29.85 -22.79
N TYR A 138 -29.43 -29.96 -23.58
CA TYR A 138 -29.52 -29.77 -25.05
C TYR A 138 -29.72 -31.10 -25.76
N LYS A 139 -30.56 -31.06 -26.81
CA LYS A 139 -30.81 -32.28 -27.57
C LYS A 139 -30.34 -32.08 -29.02
N HIS A 140 -30.18 -33.17 -29.72
CA HIS A 140 -29.77 -33.07 -31.13
C HIS A 140 -30.80 -32.34 -31.99
N TYR A 141 -30.30 -31.40 -32.77
CA TYR A 141 -31.08 -30.67 -33.76
C TYR A 141 -30.71 -30.94 -35.16
N ALA A 142 -29.42 -30.74 -35.52
CA ALA A 142 -28.97 -30.94 -36.87
C ALA A 142 -27.51 -31.24 -36.98
N VAL A 143 -27.16 -31.90 -38.07
CA VAL A 143 -25.75 -32.05 -38.55
C VAL A 143 -25.65 -31.21 -39.81
N ILE A 144 -24.72 -30.24 -39.86
CA ILE A 144 -24.81 -29.15 -40.89
C ILE A 144 -23.62 -29.11 -41.84
N VAL A 145 -22.45 -29.53 -41.34
CA VAL A 145 -21.22 -29.44 -42.18
C VAL A 145 -20.36 -30.60 -41.79
N LYS A 146 -19.82 -31.30 -42.82
CA LYS A 146 -18.90 -32.41 -42.59
C LYS A 146 -17.58 -32.28 -43.41
N SER A 147 -16.47 -32.68 -42.86
CA SER A 147 -15.22 -32.71 -43.60
C SER A 147 -14.57 -34.09 -43.43
N GLY A 148 -13.57 -34.41 -44.25
CA GLY A 148 -12.83 -35.64 -44.04
C GLY A 148 -13.43 -36.86 -44.68
N GLN A 149 -14.35 -36.65 -45.59
CA GLN A 149 -14.93 -37.73 -46.33
C GLN A 149 -13.87 -38.52 -47.04
N VAL A 150 -13.95 -39.83 -46.92
CA VAL A 150 -13.09 -40.71 -47.68
C VAL A 150 -13.91 -41.15 -48.87
N TYR A 151 -13.48 -40.82 -50.07
CA TYR A 151 -14.37 -40.95 -51.25
C TYR A 151 -14.91 -42.35 -51.47
N SER A 152 -14.09 -43.38 -51.27
CA SER A 152 -14.53 -44.75 -51.56
C SER A 152 -15.64 -45.19 -50.61
N VAL A 153 -15.68 -44.65 -49.41
CA VAL A 153 -16.80 -44.98 -48.51
C VAL A 153 -17.88 -43.91 -48.41
N ASP A 154 -17.49 -42.64 -48.24
CA ASP A 154 -18.44 -41.59 -47.90
C ASP A 154 -18.91 -40.82 -49.10
N GLY A 155 -18.19 -40.88 -50.21
CA GLY A 155 -18.58 -40.02 -51.35
C GLY A 155 -17.94 -38.63 -51.18
N PRO A 156 -18.48 -37.65 -51.87
CA PRO A 156 -17.94 -36.33 -52.00
C PRO A 156 -17.97 -35.51 -50.75
N SER A 157 -17.14 -34.47 -50.76
CA SER A 157 -17.29 -33.33 -49.83
C SER A 157 -18.60 -32.53 -49.95
N GLU A 158 -18.81 -31.54 -49.06
CA GLU A 158 -20.01 -30.70 -49.17
C GLU A 158 -20.16 -29.92 -50.50
N ASP A 159 -19.08 -29.74 -51.25
CA ASP A 159 -19.19 -29.00 -52.52
C ASP A 159 -19.41 -29.89 -53.77
N GLY A 160 -19.58 -31.16 -53.52
CA GLY A 160 -19.85 -32.14 -54.56
C GLY A 160 -18.61 -32.73 -55.18
N THR A 161 -17.42 -32.26 -54.79
CA THR A 161 -16.15 -32.79 -55.28
C THR A 161 -15.50 -33.57 -54.15
N PRO A 162 -14.59 -34.47 -54.48
CA PRO A 162 -13.88 -35.22 -53.45
C PRO A 162 -13.18 -34.31 -52.43
N TYR A 163 -13.32 -34.67 -51.16
CA TYR A 163 -12.69 -33.93 -50.05
C TYR A 163 -11.19 -33.86 -50.22
N ASP A 164 -10.66 -32.66 -50.13
CA ASP A 164 -9.26 -32.37 -50.31
C ASP A 164 -8.95 -31.33 -49.24
N SER A 165 -8.30 -31.80 -48.19
CA SER A 165 -8.05 -31.01 -47.02
C SER A 165 -7.17 -29.77 -47.21
N ARG A 166 -6.50 -29.63 -48.36
CA ARG A 166 -5.88 -28.32 -48.71
C ARG A 166 -6.82 -27.21 -49.10
N LYS A 167 -7.94 -27.58 -49.75
CA LYS A 167 -8.89 -26.64 -50.33
C LYS A 167 -10.16 -26.53 -49.53
N HIS A 168 -10.56 -27.63 -48.97
CA HIS A 168 -11.78 -27.64 -48.24
C HIS A 168 -11.51 -27.38 -46.77
N PRO A 169 -12.44 -26.70 -46.08
CA PRO A 169 -12.18 -26.46 -44.60
C PRO A 169 -12.27 -27.69 -43.77
N ASN A 170 -11.74 -27.63 -42.57
CA ASN A 170 -12.06 -28.55 -41.53
C ASN A 170 -13.36 -28.03 -40.89
N ALA A 171 -14.31 -28.96 -40.68
CA ALA A 171 -15.63 -28.59 -40.17
C ALA A 171 -15.53 -28.45 -38.66
N LEU A 172 -14.87 -27.35 -38.27
CA LEU A 172 -14.59 -27.01 -36.89
C LEU A 172 -14.90 -25.54 -36.61
N ASP A 173 -15.03 -25.22 -35.32
CA ASP A 173 -14.94 -23.84 -34.78
C ASP A 173 -16.04 -22.88 -35.27
N PRO A 174 -17.31 -23.26 -35.16
CA PRO A 174 -18.39 -22.35 -35.57
C PRO A 174 -18.45 -21.06 -34.81
N GLY A 175 -18.65 -19.97 -35.52
CA GLY A 175 -18.82 -18.62 -35.04
C GLY A 175 -20.12 -18.10 -35.69
N VAL A 176 -21.18 -17.96 -34.92
CA VAL A 176 -22.51 -17.61 -35.49
C VAL A 176 -22.89 -16.24 -35.02
N PHE A 177 -23.44 -15.39 -35.90
CA PHE A 177 -23.81 -14.06 -35.56
C PHE A 177 -24.88 -13.55 -36.51
N TYR A 178 -25.73 -12.72 -35.98
CA TYR A 178 -26.64 -11.92 -36.79
C TYR A 178 -25.96 -10.74 -37.38
N ASP A 179 -26.26 -10.39 -38.63
CA ASP A 179 -25.79 -9.09 -39.15
C ASP A 179 -26.74 -7.94 -38.81
N LYS A 180 -26.35 -6.71 -39.13
CA LYS A 180 -27.09 -5.52 -38.73
C LYS A 180 -28.47 -5.48 -39.38
N GLU A 181 -28.61 -6.26 -40.41
CA GLU A 181 -29.90 -6.35 -41.11
C GLU A 181 -30.78 -7.49 -40.67
N GLY A 182 -30.31 -8.34 -39.76
CA GLY A 182 -31.08 -9.44 -39.28
C GLY A 182 -30.81 -10.79 -39.95
N ASN A 183 -29.86 -10.86 -40.88
CA ASN A 183 -29.52 -12.10 -41.50
C ASN A 183 -28.62 -12.80 -40.45
N LEU A 184 -28.51 -14.10 -40.65
CA LEU A 184 -27.74 -15.01 -39.72
C LEU A 184 -26.64 -15.66 -40.54
N TRP A 185 -25.42 -15.69 -39.96
CA TRP A 185 -24.24 -16.21 -40.60
C TRP A 185 -23.47 -17.14 -39.66
N MET A 186 -22.72 -18.05 -40.30
CA MET A 186 -21.71 -18.87 -39.55
C MET A 186 -20.37 -18.83 -40.24
N VAL A 187 -19.39 -18.24 -39.57
CA VAL A 187 -18.00 -18.33 -39.99
C VAL A 187 -17.41 -19.54 -39.24
N TYR A 188 -16.48 -20.25 -39.90
CA TYR A 188 -15.95 -21.48 -39.37
C TYR A 188 -14.61 -21.84 -39.99
N GLY A 189 -13.96 -22.78 -39.37
CA GLY A 189 -12.74 -23.33 -39.93
C GLY A 189 -11.56 -23.43 -38.98
N SER A 190 -10.62 -24.33 -39.31
CA SER A 190 -9.36 -24.47 -38.56
C SER A 190 -8.39 -25.18 -39.49
N TRP A 191 -7.26 -24.54 -39.71
CA TRP A 191 -6.22 -25.01 -40.59
C TRP A 191 -6.80 -25.51 -41.95
N PHE A 192 -6.19 -26.57 -42.50
CA PHE A 192 -6.72 -27.17 -43.68
C PHE A 192 -7.12 -26.16 -44.73
N GLY A 193 -8.32 -26.22 -45.29
CA GLY A 193 -8.74 -25.34 -46.33
C GLY A 193 -9.02 -23.87 -46.04
N GLY A 194 -9.00 -23.50 -44.75
CA GLY A 194 -9.11 -22.10 -44.36
C GLY A 194 -10.39 -21.79 -43.63
N ILE A 195 -10.76 -20.53 -43.65
CA ILE A 195 -11.84 -20.00 -42.87
C ILE A 195 -12.97 -19.53 -43.89
N TYR A 196 -14.12 -20.15 -43.69
CA TYR A 196 -15.28 -20.02 -44.63
C TYR A 196 -16.49 -19.41 -43.90
N ILE A 197 -17.43 -18.84 -44.67
CA ILE A 197 -18.64 -18.32 -44.09
C ILE A 197 -19.82 -18.86 -44.88
N LEU A 198 -20.80 -19.27 -44.13
CA LEU A 198 -22.12 -19.72 -44.66
C LEU A 198 -23.26 -18.82 -44.18
N LYS A 199 -24.21 -18.48 -45.08
CA LYS A 199 -25.44 -17.83 -44.70
C LYS A 199 -26.41 -18.88 -44.20
N LEU A 200 -27.04 -18.60 -43.09
CA LEU A 200 -28.02 -19.44 -42.43
C LEU A 200 -29.41 -18.84 -42.54
N ASP A 201 -30.41 -19.73 -42.43
CA ASP A 201 -31.81 -19.33 -42.43
C ASP A 201 -32.10 -18.87 -41.01
N PRO A 202 -32.45 -17.57 -40.79
CA PRO A 202 -32.67 -17.06 -39.39
C PRO A 202 -33.76 -17.82 -38.64
N ASN A 203 -34.65 -18.47 -39.37
CA ASN A 203 -35.83 -19.14 -38.77
C ASN A 203 -35.55 -20.56 -38.33
N THR A 204 -34.49 -21.15 -38.85
CA THR A 204 -34.17 -22.54 -38.53
C THR A 204 -32.71 -22.75 -38.06
N GLY A 205 -31.82 -21.78 -38.31
CA GLY A 205 -30.40 -21.96 -37.99
C GLY A 205 -29.63 -22.78 -38.98
N LEU A 206 -30.30 -23.30 -40.03
CA LEU A 206 -29.61 -24.13 -40.97
C LEU A 206 -29.02 -23.39 -42.14
N PRO A 207 -27.91 -23.93 -42.71
CA PRO A 207 -27.40 -23.21 -43.88
C PRO A 207 -28.42 -23.23 -45.02
N LEU A 208 -28.59 -22.07 -45.66
CA LEU A 208 -29.40 -21.97 -46.87
C LEU A 208 -28.80 -22.94 -47.91
N PRO A 209 -29.65 -23.64 -48.66
CA PRO A 209 -29.19 -24.65 -49.58
C PRO A 209 -28.28 -24.09 -50.70
N GLY A 210 -27.42 -24.97 -51.21
CA GLY A 210 -26.66 -24.67 -52.41
C GLY A 210 -25.34 -23.93 -52.28
N GLN A 211 -24.86 -23.78 -51.06
CA GLN A 211 -23.61 -23.10 -50.82
C GLN A 211 -22.32 -23.96 -50.77
N GLY A 212 -22.44 -25.26 -50.64
CA GLY A 212 -21.29 -26.15 -50.43
C GLY A 212 -20.75 -25.78 -49.05
N TYR A 213 -19.47 -25.45 -49.01
CA TYR A 213 -18.83 -24.97 -47.73
C TYR A 213 -18.94 -23.49 -47.53
N GLY A 214 -19.47 -22.78 -48.52
CA GLY A 214 -19.64 -21.33 -48.51
C GLY A 214 -18.48 -20.60 -49.09
N LYS A 215 -18.30 -19.34 -48.67
CA LYS A 215 -17.32 -18.43 -49.24
C LYS A 215 -16.03 -18.45 -48.40
N ARG A 216 -14.88 -18.56 -49.04
CA ARG A 216 -13.58 -18.50 -48.32
C ARG A 216 -13.17 -17.11 -47.99
N LEU A 217 -13.03 -16.85 -46.69
CA LEU A 217 -12.56 -15.58 -46.15
C LEU A 217 -11.08 -15.39 -45.95
N VAL A 218 -10.42 -16.41 -45.46
CA VAL A 218 -9.00 -16.37 -45.17
C VAL A 218 -8.47 -17.78 -45.33
N GLY A 219 -7.19 -17.91 -45.67
CA GLY A 219 -6.47 -19.16 -45.45
C GLY A 219 -6.57 -20.07 -46.68
N GLY A 220 -6.28 -21.35 -46.44
CA GLY A 220 -6.06 -22.36 -47.41
C GLY A 220 -4.69 -23.05 -47.31
N ASN A 221 -4.61 -24.22 -47.91
CA ASN A 221 -3.37 -24.97 -48.01
C ASN A 221 -2.67 -25.10 -46.65
N HIS A 222 -3.44 -25.43 -45.58
CA HIS A 222 -2.91 -25.77 -44.26
C HIS A 222 -2.35 -24.58 -43.54
N SER A 223 -2.83 -23.35 -43.78
CA SER A 223 -2.40 -22.16 -43.03
C SER A 223 -2.85 -22.24 -41.60
N SER A 224 -1.97 -21.77 -40.69
CA SER A 224 -2.10 -21.90 -39.23
C SER A 224 -3.05 -20.85 -38.72
N MET A 225 -4.35 -21.06 -38.97
CA MET A 225 -5.36 -20.22 -38.44
C MET A 225 -6.65 -20.97 -38.02
N GLU A 226 -7.27 -20.51 -36.97
CA GLU A 226 -8.52 -21.08 -36.49
C GLU A 226 -9.32 -20.17 -35.54
N GLY A 227 -10.44 -20.69 -35.04
CA GLY A 227 -11.26 -19.98 -34.20
C GLY A 227 -11.84 -18.66 -34.65
N PRO A 228 -12.36 -18.60 -35.86
CA PRO A 228 -12.89 -17.33 -36.34
C PRO A 228 -14.12 -16.82 -35.54
N TYR A 229 -14.20 -15.51 -35.33
CA TYR A 229 -15.37 -14.95 -34.62
C TYR A 229 -15.61 -13.61 -35.25
N ILE A 230 -16.87 -13.29 -35.57
CA ILE A 230 -17.23 -11.98 -36.11
C ILE A 230 -18.10 -11.22 -35.17
N LEU A 231 -17.71 -10.00 -34.93
CA LEU A 231 -18.45 -9.02 -34.08
C LEU A 231 -18.80 -7.76 -34.83
N TYR A 232 -20.08 -7.35 -34.78
CA TYR A 232 -20.48 -6.08 -35.31
C TYR A 232 -20.30 -4.95 -34.33
N SER A 233 -19.73 -3.85 -34.76
CA SER A 233 -19.68 -2.68 -33.97
C SER A 233 -20.71 -1.62 -34.44
N PRO A 234 -21.67 -1.24 -33.58
CA PRO A 234 -22.47 -0.05 -33.92
C PRO A 234 -21.68 1.25 -33.95
N ASP A 235 -20.59 1.35 -33.19
CA ASP A 235 -19.87 2.58 -33.08
C ASP A 235 -19.10 2.92 -34.32
N THR A 236 -18.73 1.89 -35.14
CA THR A 236 -18.04 2.14 -36.36
C THR A 236 -18.77 1.64 -37.59
N ASP A 237 -19.77 0.80 -37.40
CA ASP A 237 -20.51 0.13 -38.51
C ASP A 237 -19.62 -0.72 -39.41
N TYR A 238 -18.62 -1.36 -38.79
CA TYR A 238 -17.87 -2.39 -39.39
C TYR A 238 -18.12 -3.69 -38.61
N TYR A 239 -17.89 -4.77 -39.33
CA TYR A 239 -17.75 -6.13 -38.79
C TYR A 239 -16.28 -6.40 -38.60
N TYR A 240 -15.95 -7.04 -37.48
CA TYR A 240 -14.60 -7.38 -37.13
C TYR A 240 -14.47 -8.84 -37.01
N LEU A 241 -13.53 -9.36 -37.78
CA LEU A 241 -13.18 -10.76 -37.81
C LEU A 241 -11.96 -10.98 -36.93
N PHE A 242 -12.15 -11.81 -35.92
CA PHE A 242 -11.10 -12.20 -35.01
C PHE A 242 -10.63 -13.63 -35.41
N LEU A 243 -9.31 -13.88 -35.44
CA LEU A 243 -8.76 -15.22 -35.75
C LEU A 243 -7.65 -15.50 -34.73
N SER A 244 -7.33 -16.73 -34.50
CA SER A 244 -6.14 -17.16 -33.81
C SER A 244 -5.17 -17.81 -34.77
N PHE A 245 -3.95 -17.32 -34.74
CA PHE A 245 -2.88 -17.80 -35.55
C PHE A 245 -1.95 -18.64 -34.71
N GLY A 246 -1.33 -19.62 -35.32
CA GLY A 246 -0.39 -20.48 -34.59
C GLY A 246 -0.99 -21.66 -33.86
N GLY A 247 -0.19 -22.29 -33.03
CA GLY A 247 -0.63 -23.35 -32.22
C GLY A 247 -1.05 -22.94 -30.85
N LEU A 248 -2.06 -23.63 -30.29
CA LEU A 248 -2.64 -23.34 -28.99
C LEU A 248 -1.72 -23.71 -27.86
N ASP A 249 -0.79 -24.64 -28.10
CA ASP A 249 0.03 -25.13 -26.98
C ASP A 249 1.08 -24.08 -26.50
N TYR A 250 1.76 -24.45 -25.41
CA TYR A 250 2.75 -23.59 -24.80
C TYR A 250 3.78 -23.07 -25.75
N ARG A 251 4.20 -23.92 -26.67
CA ARG A 251 5.21 -23.56 -27.68
C ARG A 251 4.66 -23.18 -29.08
N GLY A 252 3.38 -22.84 -29.15
CA GLY A 252 2.66 -22.72 -30.42
C GLY A 252 2.58 -21.29 -30.96
N GLY A 253 2.82 -20.28 -30.13
CA GLY A 253 2.72 -18.92 -30.51
C GLY A 253 1.34 -18.44 -30.82
N TYR A 254 0.34 -18.99 -30.15
CA TYR A 254 -1.08 -18.56 -30.38
C TYR A 254 -1.23 -17.08 -30.14
N ASN A 255 -1.92 -16.40 -31.06
CA ASN A 255 -2.07 -14.99 -31.01
C ASN A 255 -3.29 -14.58 -31.73
N ILE A 256 -3.85 -13.48 -31.25
CA ILE A 256 -5.16 -13.01 -31.73
C ILE A 256 -4.94 -11.93 -32.79
N ARG A 257 -5.63 -12.09 -33.94
CA ARG A 257 -5.58 -11.26 -35.12
C ARG A 257 -6.95 -10.69 -35.39
N VAL A 258 -6.98 -9.50 -35.90
CA VAL A 258 -8.21 -8.73 -36.24
C VAL A 258 -8.13 -8.15 -37.64
N ALA A 259 -9.22 -8.24 -38.39
CA ALA A 259 -9.47 -7.57 -39.67
C ALA A 259 -10.91 -7.06 -39.66
N ARG A 260 -11.29 -6.21 -40.63
CA ARG A 260 -12.61 -5.65 -40.60
C ARG A 260 -13.19 -5.52 -42.01
N SER A 261 -14.51 -5.44 -42.08
CA SER A 261 -15.27 -5.33 -43.39
C SER A 261 -16.53 -4.56 -43.15
N LYS A 262 -16.96 -3.77 -44.14
CA LYS A 262 -18.30 -3.19 -44.03
C LYS A 262 -19.41 -4.27 -44.23
N ASN A 263 -19.04 -5.40 -44.77
CA ASN A 263 -19.97 -6.55 -45.01
C ASN A 263 -19.72 -7.74 -44.13
N PRO A 264 -20.78 -8.45 -43.73
CA PRO A 264 -20.50 -9.56 -42.79
C PRO A 264 -19.71 -10.64 -43.44
N ASN A 265 -19.90 -10.77 -44.77
CA ASN A 265 -19.15 -11.79 -45.49
C ASN A 265 -17.98 -11.27 -46.29
N GLY A 266 -17.40 -10.14 -45.85
CA GLY A 266 -16.19 -9.63 -46.41
C GLY A 266 -16.26 -8.87 -47.75
N PRO A 267 -15.09 -8.63 -48.38
CA PRO A 267 -13.77 -9.12 -47.92
C PRO A 267 -13.33 -8.34 -46.71
N TYR A 268 -12.54 -9.04 -45.90
CA TYR A 268 -11.97 -8.41 -44.69
C TYR A 268 -10.63 -7.88 -45.00
N TYR A 269 -10.30 -6.72 -44.40
CA TYR A 269 -9.03 -6.09 -44.63
C TYR A 269 -8.35 -5.75 -43.34
N ASP A 270 -7.02 -5.76 -43.36
CA ASP A 270 -6.31 -5.39 -42.14
C ASP A 270 -6.02 -3.88 -42.09
N PRO A 271 -5.35 -3.41 -41.03
CA PRO A 271 -5.11 -1.95 -41.00
C PRO A 271 -4.24 -1.40 -42.07
N GLU A 272 -3.43 -2.21 -42.69
CA GLU A 272 -2.50 -1.79 -43.78
C GLU A 272 -3.26 -1.74 -45.14
N GLY A 273 -4.48 -2.25 -45.15
CA GLY A 273 -5.24 -2.41 -46.37
C GLY A 273 -5.10 -3.73 -47.10
N LYS A 274 -4.40 -4.70 -46.52
CA LYS A 274 -4.28 -6.00 -47.09
C LYS A 274 -5.59 -6.74 -46.96
N SER A 275 -5.94 -7.47 -47.99
CA SER A 275 -7.12 -8.27 -48.00
C SER A 275 -6.79 -9.63 -47.39
N MET A 276 -7.60 -10.00 -46.41
CA MET A 276 -7.44 -11.33 -45.81
C MET A 276 -7.70 -12.55 -46.72
N GLU A 277 -8.45 -12.41 -47.81
CA GLU A 277 -8.50 -13.49 -48.80
C GLU A 277 -7.15 -13.88 -49.36
N ASN A 278 -6.16 -12.96 -49.36
CA ASN A 278 -4.82 -13.23 -49.74
C ASN A 278 -3.89 -13.74 -48.61
N CYS A 279 -4.42 -13.90 -47.40
CA CYS A 279 -3.69 -14.42 -46.30
C CYS A 279 -3.69 -15.93 -46.32
N MET A 280 -2.62 -16.59 -46.80
CA MET A 280 -2.49 -18.03 -46.81
C MET A 280 -1.03 -18.37 -47.00
N GLY A 281 -0.69 -19.58 -46.59
CA GLY A 281 0.67 -20.10 -46.68
C GLY A 281 1.35 -20.42 -45.37
N SER A 282 2.68 -20.26 -45.32
CA SER A 282 3.47 -20.60 -44.15
C SER A 282 3.18 -19.66 -42.98
N LYS A 283 3.63 -20.07 -41.82
CA LYS A 283 3.56 -19.17 -40.67
C LYS A 283 4.19 -17.81 -40.89
N THR A 284 5.35 -17.74 -41.55
CA THR A 284 6.00 -16.48 -41.79
C THR A 284 5.16 -15.58 -42.69
N VAL A 285 4.61 -16.19 -43.75
CA VAL A 285 3.77 -15.49 -44.63
C VAL A 285 2.47 -14.97 -43.99
N ILE A 286 1.70 -15.84 -43.34
CA ILE A 286 0.40 -15.38 -42.82
C ILE A 286 0.62 -14.33 -41.73
N SER A 287 1.78 -14.39 -41.07
CA SER A 287 2.09 -13.40 -40.02
C SER A 287 2.09 -11.96 -40.53
N ASN A 288 2.22 -11.79 -41.85
CA ASN A 288 2.25 -10.46 -42.46
C ASN A 288 0.91 -9.78 -42.46
N TYR A 289 -0.14 -10.52 -42.15
CA TYR A 289 -1.49 -10.05 -42.30
C TYR A 289 -2.20 -9.95 -40.96
N GLY A 290 -3.16 -9.01 -40.93
CA GLY A 290 -3.99 -8.81 -39.75
C GLY A 290 -3.37 -7.88 -38.69
N ALA A 291 -4.22 -7.36 -37.83
CA ALA A 291 -3.77 -6.60 -36.65
C ALA A 291 -3.50 -7.66 -35.54
N LYS A 292 -2.26 -7.73 -35.07
CA LYS A 292 -2.00 -8.66 -34.01
C LYS A 292 -2.34 -7.94 -32.67
N LEU A 293 -3.34 -8.38 -31.92
CA LEU A 293 -3.82 -7.74 -30.71
C LEU A 293 -2.98 -8.02 -29.50
N VAL A 294 -2.41 -9.24 -29.40
CA VAL A 294 -1.64 -9.68 -28.24
C VAL A 294 -0.93 -10.98 -28.69
N GLY A 295 0.21 -11.21 -28.05
CA GLY A 295 0.97 -12.43 -28.15
C GLY A 295 1.51 -12.68 -26.74
N ASN A 296 2.56 -13.49 -26.61
CA ASN A 296 3.08 -13.86 -25.34
C ASN A 296 3.84 -12.71 -24.74
N PHE A 297 3.68 -12.50 -23.44
CA PHE A 297 4.40 -11.38 -22.73
C PHE A 297 4.44 -11.69 -21.27
N ILE A 298 5.32 -10.98 -20.55
CA ILE A 298 5.32 -11.00 -19.11
C ILE A 298 5.84 -9.63 -18.64
N LEU A 299 5.28 -9.10 -17.58
CA LEU A 299 5.63 -7.77 -17.15
C LEU A 299 6.84 -7.88 -16.19
N SER A 300 7.77 -8.74 -16.50
CA SER A 300 8.98 -8.82 -15.72
C SER A 300 10.17 -8.41 -16.60
N GLU A 301 11.02 -7.56 -16.02
CA GLU A 301 12.31 -7.21 -16.54
C GLU A 301 13.28 -8.33 -16.14
N SER A 302 13.06 -8.90 -14.95
CA SER A 302 13.86 -10.02 -14.39
C SER A 302 14.02 -11.24 -15.27
N ASN A 303 12.90 -11.90 -15.59
CA ASN A 303 12.99 -13.20 -16.20
C ASN A 303 11.71 -13.42 -16.98
N THR A 304 11.74 -14.42 -17.84
CA THR A 304 10.58 -14.73 -18.69
C THR A 304 9.53 -15.62 -17.99
N ILE A 305 9.92 -16.25 -16.85
CA ILE A 305 9.11 -16.98 -15.97
C ILE A 305 9.29 -16.33 -14.58
N ASP A 306 8.21 -15.85 -14.07
CA ASP A 306 8.20 -15.07 -12.80
C ASP A 306 6.74 -15.16 -12.41
N PHE A 307 6.43 -16.02 -11.42
CA PHE A 307 5.07 -16.37 -11.14
C PHE A 307 4.35 -15.19 -10.44
N LYS A 308 5.08 -14.21 -9.98
CA LYS A 308 4.45 -13.04 -9.33
C LYS A 308 3.95 -12.09 -10.44
N ALA A 309 4.57 -12.16 -11.59
CA ALA A 309 4.32 -11.17 -12.63
C ALA A 309 3.16 -11.53 -13.55
N PHE A 310 2.45 -10.47 -13.97
CA PHE A 310 1.37 -10.69 -14.95
C PHE A 310 1.92 -11.04 -16.27
N GLY A 311 1.37 -12.10 -16.87
CA GLY A 311 1.78 -12.55 -18.22
C GLY A 311 0.95 -13.69 -18.73
N TYR A 312 0.94 -13.79 -20.06
CA TYR A 312 0.22 -14.79 -20.85
C TYR A 312 1.12 -15.44 -21.85
N VAL A 313 0.84 -16.72 -22.11
CA VAL A 313 1.35 -17.51 -23.16
C VAL A 313 0.18 -18.10 -23.98
N SER A 314 0.27 -17.98 -25.29
CA SER A 314 -0.72 -18.56 -26.22
C SER A 314 -2.17 -18.10 -25.95
N PRO A 315 -2.38 -16.80 -25.70
CA PRO A 315 -3.75 -16.31 -25.54
C PRO A 315 -4.47 -16.43 -26.90
N GLY A 316 -5.71 -16.96 -26.88
CA GLY A 316 -6.48 -17.13 -28.14
C GLY A 316 -7.79 -17.75 -28.02
N HIS A 317 -8.22 -18.18 -29.22
CA HIS A 317 -9.57 -18.68 -29.47
C HIS A 317 -10.69 -17.93 -28.77
N ASN A 318 -10.89 -16.72 -29.25
CA ASN A 318 -11.70 -15.79 -28.60
C ASN A 318 -13.11 -15.59 -29.11
N SER A 319 -13.95 -15.16 -28.19
CA SER A 319 -15.18 -14.42 -28.62
C SER A 319 -15.16 -13.01 -28.13
N ALA A 320 -16.23 -12.24 -28.44
CA ALA A 320 -16.32 -10.84 -28.10
C ALA A 320 -17.75 -10.43 -27.96
N TYR A 321 -17.95 -9.40 -27.17
CA TYR A 321 -19.28 -8.85 -26.87
C TYR A 321 -19.31 -7.37 -26.81
N TYR A 322 -20.39 -6.76 -27.33
CA TYR A 322 -20.67 -5.35 -27.17
C TYR A 322 -21.86 -5.22 -26.22
N ASP A 323 -21.63 -4.46 -25.20
CA ASP A 323 -22.69 -4.25 -24.19
C ASP A 323 -23.46 -2.95 -24.46
N PRO A 324 -24.71 -3.04 -24.92
CA PRO A 324 -25.38 -1.76 -25.34
C PRO A 324 -25.73 -0.83 -24.16
N GLU A 325 -25.78 -1.41 -22.98
CA GLU A 325 -26.13 -0.66 -21.76
C GLU A 325 -25.04 0.28 -21.36
N THR A 326 -23.79 -0.04 -21.69
CA THR A 326 -22.67 0.78 -21.24
C THR A 326 -21.81 1.29 -22.39
N GLY A 327 -21.99 0.70 -23.60
CA GLY A 327 -21.14 0.95 -24.75
C GLY A 327 -19.76 0.32 -24.64
N LYS A 328 -19.55 -0.56 -23.70
CA LYS A 328 -18.24 -1.19 -23.63
C LYS A 328 -18.20 -2.43 -24.49
N TYR A 329 -17.00 -2.78 -24.93
CA TYR A 329 -16.70 -4.01 -25.63
C TYR A 329 -15.77 -4.91 -24.78
N PHE A 330 -15.99 -6.18 -24.88
CA PHE A 330 -15.14 -7.21 -24.16
C PHE A 330 -14.67 -8.34 -25.05
N ILE A 331 -13.47 -8.83 -24.76
CA ILE A 331 -12.96 -10.00 -25.39
C ILE A 331 -12.87 -11.09 -24.34
N PHE A 332 -13.31 -12.27 -24.73
CA PHE A 332 -13.31 -13.53 -23.91
C PHE A 332 -12.37 -14.50 -24.61
N PHE A 333 -11.39 -15.01 -23.87
CA PHE A 333 -10.38 -15.85 -24.44
C PHE A 333 -9.82 -16.79 -23.39
N HIS A 334 -9.20 -17.83 -23.81
CA HIS A 334 -8.37 -18.59 -22.86
C HIS A 334 -6.92 -18.28 -23.04
N THR A 335 -6.12 -18.60 -22.01
CA THR A 335 -4.70 -18.44 -22.14
C THR A 335 -3.99 -19.42 -21.19
N ARG A 336 -2.78 -19.68 -21.60
CA ARG A 336 -1.77 -20.34 -20.78
C ARG A 336 -0.91 -19.24 -20.17
N PHE A 337 0.06 -19.68 -19.39
CA PHE A 337 0.83 -18.79 -18.51
C PHE A 337 2.35 -19.08 -18.56
N PRO A 338 3.20 -18.05 -18.44
CA PRO A 338 4.68 -18.34 -18.39
C PRO A 338 5.00 -19.41 -17.36
N GLY A 339 5.71 -20.43 -17.81
CA GLY A 339 6.24 -21.47 -16.87
C GLY A 339 5.22 -22.46 -16.39
N ARG A 340 3.99 -22.42 -16.89
CA ARG A 340 2.98 -23.33 -16.38
C ARG A 340 2.44 -24.33 -17.40
N GLY A 341 3.18 -24.53 -18.50
CA GLY A 341 2.82 -25.51 -19.49
C GLY A 341 1.45 -25.31 -20.08
N GLU A 342 0.65 -26.33 -19.99
CA GLU A 342 -0.65 -26.33 -20.71
C GLU A 342 -1.86 -25.88 -19.86
N THR A 343 -1.63 -25.51 -18.60
CA THR A 343 -2.67 -25.04 -17.74
C THR A 343 -3.26 -23.78 -18.35
N TYR A 344 -4.56 -23.70 -18.30
CA TYR A 344 -5.20 -22.54 -18.89
C TYR A 344 -6.37 -22.04 -18.07
N GLN A 345 -6.77 -20.80 -18.29
CA GLN A 345 -7.95 -20.15 -17.67
C GLN A 345 -8.69 -19.33 -18.74
N LEU A 346 -9.97 -19.09 -18.51
CA LEU A 346 -10.69 -17.95 -19.09
C LEU A 346 -10.06 -16.61 -18.62
N ARG A 347 -9.92 -15.68 -19.53
CA ARG A 347 -9.66 -14.30 -19.18
C ARG A 347 -10.63 -13.43 -20.01
N VAL A 348 -10.92 -12.32 -19.43
CA VAL A 348 -11.81 -11.26 -20.01
C VAL A 348 -11.09 -9.93 -19.90
N HIS A 349 -10.95 -9.27 -21.06
CA HIS A 349 -10.45 -7.93 -21.06
C HIS A 349 -11.41 -6.99 -21.82
N GLN A 350 -11.31 -5.72 -21.53
CA GLN A 350 -12.00 -4.70 -22.30
C GLN A 350 -11.24 -4.41 -23.57
N LEU A 351 -11.99 -4.20 -24.66
CA LEU A 351 -11.52 -3.65 -25.92
C LEU A 351 -11.99 -2.21 -26.11
N PHE A 352 -11.16 -1.40 -26.74
CA PHE A 352 -11.48 -0.03 -27.05
C PHE A 352 -11.28 0.22 -28.48
N LEU A 353 -12.04 1.17 -29.02
CA LEU A 353 -11.79 1.64 -30.37
C LEU A 353 -10.92 2.92 -30.42
N ASN A 354 -9.86 2.81 -31.21
CA ASN A 354 -8.96 3.93 -31.41
C ASN A 354 -9.61 4.93 -32.38
N GLU A 355 -8.93 6.03 -32.69
CA GLU A 355 -9.50 7.11 -33.44
C GLU A 355 -9.76 6.70 -34.92
N ASP A 356 -9.09 5.63 -35.36
CA ASP A 356 -9.27 5.04 -36.69
C ASP A 356 -10.23 3.89 -36.77
N GLY A 357 -10.93 3.54 -35.70
CA GLY A 357 -11.97 2.51 -35.71
C GLY A 357 -11.38 1.10 -35.63
N TRP A 358 -10.20 0.96 -35.04
CA TRP A 358 -9.55 -0.38 -34.82
C TRP A 358 -9.61 -0.71 -33.35
N PHE A 359 -9.67 -1.98 -33.03
CA PHE A 359 -9.71 -2.40 -31.62
C PHE A 359 -8.27 -2.47 -31.10
N VAL A 360 -8.17 -1.96 -29.88
CA VAL A 360 -7.03 -2.11 -29.00
C VAL A 360 -7.38 -2.77 -27.67
N MET A 361 -6.62 -3.78 -27.25
CA MET A 361 -6.94 -4.50 -26.02
C MET A 361 -6.34 -3.87 -24.76
N ALA A 362 -7.13 -3.80 -23.71
CA ALA A 362 -6.67 -3.36 -22.39
C ALA A 362 -5.57 -4.33 -21.93
N PRO A 363 -4.49 -3.80 -21.39
CA PRO A 363 -3.39 -4.70 -20.96
C PRO A 363 -3.87 -5.67 -19.88
N PHE A 364 -4.66 -5.18 -18.94
CA PHE A 364 -5.07 -6.01 -17.79
C PHE A 364 -6.51 -6.49 -17.93
N PRO A 365 -6.90 -7.55 -17.22
CA PRO A 365 -8.26 -7.99 -17.20
C PRO A 365 -9.25 -6.94 -16.65
N TYR A 366 -10.49 -7.11 -16.99
CA TYR A 366 -11.46 -6.09 -16.77
C TYR A 366 -11.80 -5.98 -15.29
N GLY A 367 -11.64 -4.79 -14.74
CA GLY A 367 -11.87 -4.55 -13.33
C GLY A 367 -12.88 -3.47 -13.11
N GLY A 368 -13.74 -3.24 -14.13
CA GLY A 368 -14.74 -2.27 -14.00
C GLY A 368 -14.43 -0.90 -14.54
N GLU A 369 -13.27 -0.74 -15.11
CA GLU A 369 -12.77 0.52 -15.60
C GLU A 369 -13.60 1.11 -16.74
N THR A 370 -13.72 2.42 -16.70
CA THR A 370 -14.46 3.16 -17.74
C THR A 370 -13.46 4.20 -18.24
N VAL A 371 -13.24 4.30 -19.55
CA VAL A 371 -12.33 5.30 -20.03
C VAL A 371 -12.91 6.69 -19.71
N SER A 372 -12.00 7.58 -19.38
CA SER A 372 -12.26 9.02 -19.43
C SER A 372 -10.97 9.78 -19.68
N LYS A 373 -11.06 11.07 -19.94
CA LYS A 373 -9.90 11.90 -20.15
C LYS A 373 -9.10 11.96 -18.84
N LEU A 374 -7.81 11.82 -18.97
CA LEU A 374 -6.92 11.87 -17.80
C LEU A 374 -6.25 13.22 -17.85
N PRO A 375 -6.03 13.88 -16.68
CA PRO A 375 -5.12 15.00 -16.88
C PRO A 375 -3.67 14.65 -17.18
N ASN A 376 -2.92 15.61 -17.72
CA ASN A 376 -1.48 15.43 -18.00
C ASN A 376 -0.61 14.81 -16.92
N GLU A 377 -0.87 15.21 -15.70
CA GLU A 377 -0.15 14.70 -14.54
C GLU A 377 -0.28 13.17 -14.34
N GLU A 378 -1.38 12.60 -14.83
CA GLU A 378 -1.60 11.16 -14.73
C GLU A 378 -1.03 10.43 -15.95
N ILE A 379 -0.59 11.15 -16.98
CA ILE A 379 -0.07 10.54 -18.19
C ILE A 379 1.42 10.54 -18.14
N VAL A 380 2.02 11.67 -17.77
CA VAL A 380 3.48 11.86 -17.81
C VAL A 380 4.18 10.90 -16.85
N GLY A 381 5.31 10.28 -17.25
CA GLY A 381 5.99 9.37 -16.36
C GLY A 381 6.66 8.23 -17.08
N GLU A 382 7.20 7.31 -16.32
CA GLU A 382 7.91 6.16 -16.84
C GLU A 382 6.93 5.00 -16.99
N TYR A 383 7.06 4.27 -18.08
CA TYR A 383 6.20 3.16 -18.43
C TYR A 383 7.02 1.92 -18.67
N GLN A 384 6.48 0.75 -18.37
CA GLN A 384 6.87 -0.48 -18.99
C GLN A 384 6.18 -0.54 -20.36
N PHE A 385 6.98 -0.81 -21.35
CA PHE A 385 6.54 -0.86 -22.74
C PHE A 385 6.76 -2.21 -23.38
N ILE A 386 5.68 -2.81 -23.90
CA ILE A 386 5.67 -4.04 -24.62
C ILE A 386 5.20 -3.76 -26.04
N ASN A 387 6.02 -4.19 -26.93
CA ASN A 387 5.72 -4.27 -28.39
C ASN A 387 5.51 -5.74 -28.71
N HIS A 388 4.29 -6.09 -29.08
CA HIS A 388 3.87 -7.44 -29.36
C HIS A 388 4.30 -7.95 -30.75
N GLY A 389 4.82 -7.06 -31.60
CA GLY A 389 5.27 -7.40 -32.95
C GLY A 389 4.22 -7.90 -33.87
N LYS A 390 4.69 -8.59 -34.91
CA LYS A 390 3.81 -9.09 -35.94
C LYS A 390 3.96 -10.59 -36.11
N GLU A 391 4.91 -11.22 -35.41
CA GLU A 391 5.29 -12.60 -35.78
C GLU A 391 4.43 -13.66 -35.03
N ILE A 392 4.41 -14.91 -35.49
CA ILE A 392 3.88 -16.02 -34.73
C ILE A 392 5.10 -16.66 -34.03
N THR A 393 5.27 -16.42 -32.73
CA THR A 393 6.45 -16.88 -32.02
C THR A 393 6.08 -17.34 -30.64
N ASP A 394 6.76 -18.34 -30.09
CA ASP A 394 6.52 -18.65 -28.66
C ASP A 394 7.35 -17.82 -27.66
N LYS A 395 8.10 -16.85 -28.21
CA LYS A 395 8.91 -16.00 -27.37
C LYS A 395 8.00 -15.19 -26.45
N ILE A 396 8.42 -15.13 -25.20
CA ILE A 396 7.70 -14.40 -24.14
C ILE A 396 8.34 -13.04 -24.12
N LYS A 397 7.63 -12.11 -24.73
CA LYS A 397 8.05 -10.72 -24.77
C LYS A 397 8.12 -10.02 -23.41
N GLN A 398 9.18 -9.26 -23.17
CA GLN A 398 9.30 -8.49 -21.89
C GLN A 398 9.38 -6.98 -22.16
N PRO A 399 9.18 -6.18 -21.13
CA PRO A 399 9.01 -4.75 -21.41
C PRO A 399 10.33 -4.08 -21.33
N VAL A 400 10.40 -3.00 -22.01
CA VAL A 400 11.50 -2.04 -21.85
C VAL A 400 10.99 -0.81 -21.12
N ARG A 401 11.88 0.07 -20.66
CA ARG A 401 11.39 1.28 -20.06
C ARG A 401 11.47 2.51 -20.95
N ILE A 402 10.37 3.21 -20.99
CA ILE A 402 10.28 4.50 -21.69
C ILE A 402 9.65 5.55 -20.79
N LYS A 403 9.77 6.82 -21.15
CA LYS A 403 9.09 7.91 -20.46
C LYS A 403 8.33 8.76 -21.46
N LEU A 404 7.09 9.04 -21.11
CA LEU A 404 6.30 10.08 -21.71
C LEU A 404 6.46 11.38 -20.94
N ASN A 405 7.08 12.36 -21.58
CA ASN A 405 7.49 13.60 -20.94
C ASN A 405 6.51 14.70 -21.16
N SER A 406 6.49 15.62 -20.23
CA SER A 406 5.58 16.78 -20.38
C SER A 406 5.60 17.56 -21.66
N ASP A 407 6.77 17.64 -22.30
CA ASP A 407 6.98 18.42 -23.55
C ASP A 407 6.51 17.68 -24.83
N GLY A 408 5.93 16.49 -24.60
CA GLY A 408 5.42 15.61 -25.70
C GLY A 408 6.47 14.63 -26.19
N SER A 409 7.68 14.69 -25.65
CA SER A 409 8.73 13.75 -26.06
C SER A 409 8.57 12.33 -25.42
N ILE A 410 9.01 11.33 -26.19
CA ILE A 410 9.23 10.01 -25.69
C ILE A 410 10.72 9.77 -25.62
N THR A 411 11.15 9.38 -24.45
CA THR A 411 12.58 9.05 -24.19
C THR A 411 12.75 7.63 -23.59
N GLY A 412 14.01 7.25 -23.37
CA GLY A 412 14.37 5.90 -22.75
C GLY A 412 14.78 4.93 -23.82
N ALA A 413 14.18 3.75 -23.74
CA ALA A 413 14.49 2.67 -24.63
C ALA A 413 14.14 2.96 -26.08
N VAL A 414 13.17 3.85 -26.27
CA VAL A 414 12.76 4.36 -27.60
C VAL A 414 12.67 5.87 -27.55
N GLU A 415 12.80 6.51 -28.72
CA GLU A 415 12.55 7.91 -28.84
C GLU A 415 11.38 8.17 -29.77
N GLY A 416 10.71 9.25 -29.47
CA GLY A 416 9.59 9.66 -30.29
C GLY A 416 8.87 10.82 -29.66
N ARG A 417 7.60 10.91 -30.01
CA ARG A 417 6.70 11.94 -29.53
C ARG A 417 5.35 11.30 -29.24
N TRP A 418 4.65 11.85 -28.27
CA TRP A 418 3.26 11.44 -28.00
C TRP A 418 2.29 12.63 -27.92
N GLU A 419 1.00 12.42 -28.21
CA GLU A 419 0.08 13.46 -27.99
C GLU A 419 -1.24 12.83 -27.63
N ARG A 420 -2.19 13.57 -27.13
CA ARG A 420 -3.48 12.93 -26.88
C ARG A 420 -4.56 13.90 -27.20
N LYS A 421 -5.74 13.35 -27.42
CA LYS A 421 -6.90 14.17 -27.65
C LYS A 421 -7.98 13.35 -26.92
N GLU A 422 -8.64 13.89 -25.92
CA GLU A 422 -9.48 13.16 -24.98
C GLU A 422 -8.75 11.91 -24.49
N HIS A 423 -9.31 10.74 -24.74
CA HIS A 423 -8.66 9.47 -24.33
C HIS A 423 -7.83 8.84 -25.47
N TYR A 424 -7.88 9.42 -26.65
CA TYR A 424 -7.07 8.96 -27.77
C TYR A 424 -5.62 9.42 -27.71
N ILE A 425 -4.70 8.44 -27.69
CA ILE A 425 -3.27 8.68 -27.73
C ILE A 425 -2.71 8.33 -29.03
N THR A 426 -1.75 9.13 -29.44
CA THR A 426 -0.92 8.84 -30.59
C THR A 426 0.52 8.85 -30.22
N LEU A 427 1.23 7.76 -30.54
CA LEU A 427 2.64 7.67 -30.29
C LEU A 427 3.36 7.57 -31.65
N LYS A 428 4.35 8.41 -31.80
CA LYS A 428 5.16 8.43 -33.01
C LYS A 428 6.54 7.99 -32.59
N ILE A 429 6.90 6.73 -32.93
CA ILE A 429 8.11 6.10 -32.37
C ILE A 429 9.11 5.74 -33.45
N ILE A 430 10.36 6.08 -33.15
CA ILE A 430 11.49 5.85 -34.04
C ILE A 430 11.93 4.41 -33.97
N GLU A 431 11.82 3.69 -35.08
CA GLU A 431 12.14 2.27 -35.16
C GLU A 431 13.12 2.16 -36.31
N GLY A 432 14.38 1.93 -35.99
CA GLY A 432 15.43 1.96 -36.99
C GLY A 432 15.48 3.30 -37.68
N ASN A 433 15.31 3.26 -38.99
CA ASN A 433 15.39 4.43 -39.85
C ASN A 433 14.01 4.92 -40.21
N THR A 434 12.98 4.54 -39.45
CA THR A 434 11.64 5.05 -39.72
C THR A 434 10.84 5.35 -38.45
N THR A 435 9.84 6.20 -38.60
CA THR A 435 8.89 6.49 -37.53
C THR A 435 7.64 5.70 -37.75
N VAL A 436 7.16 5.04 -36.72
CA VAL A 436 5.92 4.25 -36.81
C VAL A 436 4.91 4.98 -35.92
N ILE A 437 3.68 5.12 -36.42
CA ILE A 437 2.65 5.81 -35.70
C ILE A 437 1.73 4.73 -35.06
N TYR A 438 1.55 4.81 -33.75
CA TYR A 438 0.67 3.93 -33.06
C TYR A 438 -0.51 4.75 -32.55
N LYS A 439 -1.72 4.27 -32.78
CA LYS A 439 -2.87 4.93 -32.34
C LYS A 439 -3.66 4.09 -31.42
N GLY A 440 -4.01 4.69 -30.29
CA GLY A 440 -4.75 4.01 -29.27
C GLY A 440 -5.50 4.79 -28.18
N VAL A 441 -5.61 4.23 -27.00
CA VAL A 441 -6.35 4.85 -25.91
C VAL A 441 -5.45 4.80 -24.64
N LEU A 442 -5.77 5.77 -23.80
CA LEU A 442 -5.19 5.97 -22.47
C LEU A 442 -6.31 5.77 -21.46
N LEU A 443 -6.05 5.03 -20.40
CA LEU A 443 -7.03 4.98 -19.29
C LEU A 443 -6.41 4.57 -17.98
N LYS A 444 -7.21 4.55 -16.94
CA LYS A 444 -6.76 3.99 -15.66
C LYS A 444 -7.30 2.60 -15.61
N GLN A 445 -6.48 1.63 -15.24
CA GLN A 445 -6.85 0.22 -15.04
C GLN A 445 -6.32 -0.32 -13.72
N TRP A 446 -6.89 -1.43 -13.32
CA TRP A 446 -6.42 -2.18 -12.15
C TRP A 446 -5.22 -3.01 -12.49
N HIS A 447 -4.03 -2.70 -11.92
CA HIS A 447 -2.86 -3.51 -12.16
C HIS A 447 -3.03 -4.89 -11.50
N TYR A 448 -3.17 -5.89 -12.34
CA TYR A 448 -3.64 -7.20 -11.88
C TYR A 448 -2.70 -7.81 -10.81
N SER A 449 -1.40 -7.55 -10.95
CA SER A 449 -0.44 -8.15 -10.04
C SER A 449 -0.05 -7.25 -8.90
N GLU A 450 -0.01 -5.94 -9.12
CA GLU A 450 0.43 -4.98 -8.11
C GLU A 450 -0.71 -4.53 -7.21
N LYS A 451 -1.94 -4.78 -7.64
CA LYS A 451 -3.13 -4.44 -6.90
C LYS A 451 -3.27 -2.95 -6.61
N LYS A 452 -3.23 -2.11 -7.64
CA LYS A 452 -3.45 -0.72 -7.54
C LYS A 452 -3.86 -0.23 -8.90
N TRP A 453 -4.53 0.90 -8.88
CA TRP A 453 -4.91 1.54 -10.13
C TRP A 453 -3.74 2.26 -10.78
N VAL A 454 -3.56 2.09 -12.09
CA VAL A 454 -2.40 2.68 -12.77
C VAL A 454 -2.84 3.24 -14.14
N THR A 455 -2.06 4.20 -14.68
CA THR A 455 -2.35 4.60 -16.08
C THR A 455 -1.76 3.55 -17.03
N VAL A 456 -2.49 3.25 -18.10
CA VAL A 456 -2.08 2.33 -19.15
C VAL A 456 -2.45 2.98 -20.46
N PHE A 457 -1.73 2.55 -21.48
CA PHE A 457 -2.12 2.81 -22.87
C PHE A 457 -2.02 1.51 -23.67
N THR A 458 -2.80 1.48 -24.77
CA THR A 458 -2.73 0.36 -25.68
C THR A 458 -3.05 0.90 -27.07
N ALA A 459 -2.22 0.57 -28.04
CA ALA A 459 -2.24 1.27 -29.30
C ALA A 459 -1.74 0.36 -30.39
N LEU A 460 -2.10 0.74 -31.63
CA LEU A 460 -1.95 -0.11 -32.80
C LEU A 460 -1.43 0.71 -33.97
N SER A 461 -0.50 0.18 -34.71
CA SER A 461 -0.03 0.85 -35.93
C SER A 461 -0.77 0.40 -37.17
N ASN A 462 -0.56 1.15 -38.28
CA ASN A 462 -1.17 0.69 -39.55
C ASN A 462 -0.55 -0.60 -40.11
N GLN A 463 0.60 -1.01 -39.60
CA GLN A 463 1.17 -2.30 -39.91
C GLN A 463 0.72 -3.38 -38.97
N GLY A 464 -0.24 -3.09 -38.09
CA GLY A 464 -0.94 -4.09 -37.32
C GLY A 464 -0.18 -4.56 -36.10
N VAL A 465 0.72 -3.72 -35.59
CA VAL A 465 1.50 -4.01 -34.36
C VAL A 465 0.93 -3.26 -33.20
N SER A 466 0.70 -3.99 -32.11
CA SER A 466 0.25 -3.49 -30.87
C SER A 466 1.40 -3.20 -29.89
N VAL A 467 1.23 -2.08 -29.23
CA VAL A 467 2.06 -1.69 -28.09
C VAL A 467 1.23 -1.43 -26.87
N TRP A 468 1.76 -1.86 -25.69
CA TRP A 468 1.17 -1.59 -24.43
C TRP A 468 2.17 -0.83 -23.56
N GLY A 469 1.61 0.12 -22.84
CA GLY A 469 2.32 0.84 -21.78
C GLY A 469 1.67 0.77 -20.44
N ILE A 470 2.47 0.48 -19.35
CA ILE A 470 1.89 0.39 -18.03
C ILE A 470 2.75 1.35 -17.17
N ARG A 471 2.09 2.35 -16.66
CA ARG A 471 2.83 3.43 -15.92
C ARG A 471 3.36 2.87 -14.64
N VAL A 472 4.64 3.15 -14.34
CA VAL A 472 5.34 2.73 -13.07
C VAL A 472 4.94 3.85 -12.11
N GLU A 473 4.20 3.52 -11.07
CA GLU A 473 3.72 4.55 -10.15
C GLU A 473 4.18 4.26 -8.72
N GLN B 25 27.58 18.51 -14.12
CA GLN B 25 28.00 17.47 -13.12
C GLN B 25 29.08 17.97 -12.17
N PRO B 26 28.64 18.54 -11.05
CA PRO B 26 29.43 19.00 -9.93
C PRO B 26 30.42 17.94 -9.48
N THR B 27 31.65 18.36 -9.17
CA THR B 27 32.59 17.47 -8.48
C THR B 27 33.26 18.23 -7.34
N PHE B 28 33.77 17.51 -6.34
CA PHE B 28 34.21 18.20 -5.11
C PHE B 28 35.54 17.70 -4.68
N ARG B 29 36.26 18.52 -3.95
CA ARG B 29 37.41 18.04 -3.18
C ARG B 29 37.49 18.95 -1.92
N TRP B 30 37.14 18.37 -0.79
CA TRP B 30 36.96 19.16 0.40
C TRP B 30 38.30 19.29 1.08
N ALA B 31 38.41 20.21 2.00
CA ALA B 31 39.62 20.33 2.77
C ALA B 31 39.36 20.03 4.22
N VAL B 32 40.44 19.94 5.01
CA VAL B 32 40.34 19.68 6.42
C VAL B 32 40.61 20.98 7.17
N VAL B 33 39.52 21.70 7.52
CA VAL B 33 39.58 22.99 8.20
C VAL B 33 38.52 23.03 9.29
N HIS B 34 38.98 22.96 10.54
CA HIS B 34 38.12 23.08 11.71
C HIS B 34 37.83 24.58 11.99
N ASP B 35 36.60 24.94 12.31
CA ASP B 35 36.23 26.32 12.63
C ASP B 35 36.62 27.23 11.48
N PRO B 36 36.08 26.97 10.32
CA PRO B 36 36.53 27.73 9.14
C PRO B 36 35.97 29.16 9.04
N SER B 37 36.85 30.10 8.77
CA SER B 37 36.46 31.50 8.57
C SER B 37 36.79 31.98 7.17
N ILE B 38 35.76 32.42 6.46
CA ILE B 38 35.84 32.79 5.08
C ILE B 38 36.33 34.21 4.87
N ILE B 39 37.21 34.36 3.88
CA ILE B 39 37.60 35.62 3.33
C ILE B 39 37.84 35.46 1.81
N LYS B 40 37.33 36.46 1.05
CA LYS B 40 37.52 36.48 -0.42
C LYS B 40 38.63 37.47 -0.71
N VAL B 41 39.66 37.00 -1.40
CA VAL B 41 40.77 37.87 -1.82
C VAL B 41 40.87 37.75 -3.34
N GLY B 42 40.64 38.84 -4.03
CA GLY B 42 40.53 38.83 -5.49
C GLY B 42 39.51 37.78 -5.86
N ASN B 43 39.93 36.78 -6.63
CA ASN B 43 39.02 35.76 -7.15
C ASN B 43 39.13 34.41 -6.41
N MET B 44 39.89 34.45 -5.32
CA MET B 44 40.12 33.27 -4.48
C MET B 44 39.40 33.42 -3.11
N TYR B 45 38.64 32.38 -2.74
CA TYR B 45 38.11 32.19 -1.40
C TYR B 45 39.15 31.46 -0.53
N TYR B 46 39.34 31.95 0.69
CA TYR B 46 40.19 31.27 1.63
C TYR B 46 39.36 30.99 2.84
N VAL B 47 39.54 29.82 3.45
CA VAL B 47 39.10 29.64 4.83
C VAL B 47 40.36 29.49 5.71
N PHE B 48 40.33 30.18 6.84
CA PHE B 48 41.34 30.01 7.93
C PHE B 48 40.64 29.29 9.06
N GLY B 49 41.33 28.35 9.66
CA GLY B 49 40.73 27.62 10.76
C GLY B 49 41.70 27.19 11.83
N THR B 50 41.13 26.53 12.84
CA THR B 50 41.86 26.10 14.03
C THR B 50 43.09 25.28 13.57
N HIS B 51 44.17 25.35 14.35
CA HIS B 51 45.49 24.71 14.05
C HIS B 51 46.18 25.29 12.80
N LEU B 52 45.86 26.52 12.45
CA LEU B 52 46.32 27.11 11.17
C LEU B 52 46.00 26.27 9.96
N GLN B 53 44.83 25.60 9.97
CA GLN B 53 44.37 24.89 8.79
C GLN B 53 43.86 25.95 7.81
N VAL B 54 44.39 25.97 6.58
CA VAL B 54 44.13 27.01 5.59
C VAL B 54 43.88 26.28 4.28
N ALA B 55 42.81 26.70 3.60
CA ALA B 55 42.53 26.11 2.29
C ALA B 55 41.95 27.21 1.42
N LYS B 56 42.10 27.03 0.12
CA LYS B 56 41.60 28.02 -0.85
C LYS B 56 40.88 27.38 -2.04
N SER B 57 40.01 28.17 -2.64
CA SER B 57 39.17 27.67 -3.73
C SER B 57 38.76 28.79 -4.63
N LYS B 58 38.62 28.49 -5.92
CA LYS B 58 38.04 29.43 -6.87
C LYS B 58 36.53 29.27 -6.96
N ASP B 59 36.06 28.04 -6.75
CA ASP B 59 34.69 27.62 -7.13
C ASP B 59 33.80 27.22 -5.96
N LEU B 60 34.40 27.29 -4.76
CA LEU B 60 33.82 26.75 -3.49
C LEU B 60 33.62 25.24 -3.35
N MET B 61 34.07 24.49 -4.33
CA MET B 61 33.83 23.04 -4.44
C MET B 61 35.10 22.26 -4.34
N HIS B 62 36.13 22.69 -5.09
CA HIS B 62 37.42 22.08 -5.09
C HIS B 62 38.38 22.95 -4.28
N TRP B 63 38.86 22.40 -3.17
CA TRP B 63 39.61 23.18 -2.18
C TRP B 63 41.03 22.65 -2.25
N GLU B 64 42.01 23.57 -2.17
CA GLU B 64 43.42 23.19 -2.09
C GLU B 64 43.89 23.52 -0.67
N GLN B 65 44.37 22.48 0.04
CA GLN B 65 44.95 22.66 1.35
C GLN B 65 46.30 23.33 1.20
N ILE B 66 46.45 24.43 1.91
CA ILE B 66 47.65 25.26 1.94
C ILE B 66 48.43 25.02 3.26
N ASN B 67 47.75 24.82 4.38
CA ASN B 67 48.47 24.44 5.63
C ASN B 67 47.61 23.52 6.52
N THR B 68 48.26 22.66 7.30
CA THR B 68 47.54 21.73 8.18
C THR B 68 47.82 21.81 9.67
N SER B 69 48.96 22.36 10.10
CA SER B 69 49.18 22.55 11.52
C SER B 69 50.04 23.78 11.80
N ALA B 70 50.05 24.17 13.06
CA ALA B 70 50.78 25.29 13.56
C ALA B 70 52.16 24.80 14.10
N HIS B 71 52.76 23.84 13.40
CA HIS B 71 54.15 23.34 13.66
C HIS B 71 55.11 24.48 13.44
N ASP B 72 56.32 24.38 14.01
CA ASP B 72 57.24 25.48 13.95
C ASP B 72 57.55 25.92 12.55
N LYS B 73 57.58 25.00 11.60
CA LYS B 73 58.02 25.36 10.29
C LYS B 73 56.90 25.78 9.32
N ASN B 74 55.68 25.94 9.81
CA ASN B 74 54.58 26.35 8.94
C ASN B 74 54.85 27.75 8.34
N PRO B 75 54.39 27.98 7.10
CA PRO B 75 54.53 29.25 6.35
C PRO B 75 53.59 30.38 6.71
N ILE B 76 52.48 30.07 7.39
CA ILE B 76 51.54 31.07 7.69
C ILE B 76 51.96 31.97 8.87
N ILE B 77 52.39 31.31 9.95
CA ILE B 77 53.03 31.96 11.09
C ILE B 77 54.32 31.12 11.49
N PRO B 78 55.45 31.36 10.77
CA PRO B 78 56.71 30.69 11.13
C PRO B 78 57.08 30.97 12.55
N ASN B 79 57.56 29.92 13.22
CA ASN B 79 58.03 29.99 14.58
C ASN B 79 57.00 30.61 15.47
N ILE B 80 55.77 30.15 15.31
CA ILE B 80 54.63 30.70 16.01
C ILE B 80 54.84 30.81 17.52
N ASN B 81 55.60 29.89 18.10
CA ASN B 81 55.80 29.96 19.57
C ASN B 81 56.55 31.22 20.02
N GLU B 82 57.50 31.64 19.21
CA GLU B 82 58.19 32.90 19.42
C GLU B 82 57.38 34.06 18.89
N GLU B 83 56.78 33.92 17.70
CA GLU B 83 55.99 35.01 17.17
C GLU B 83 54.82 35.48 18.08
N LEU B 84 54.00 34.54 18.53
CA LEU B 84 52.82 34.81 19.40
C LEU B 84 53.11 34.46 20.85
N LYS B 85 54.37 34.62 21.26
CA LYS B 85 54.73 34.37 22.66
C LYS B 85 53.83 35.05 23.69
N GLU B 86 53.34 36.26 23.43
CA GLU B 86 52.49 36.92 24.42
C GLU B 86 51.19 36.13 24.72
N THR B 87 50.43 35.83 23.68
CA THR B 87 49.12 35.17 23.89
C THR B 87 49.33 33.72 24.25
N LEU B 88 50.41 33.12 23.75
CA LEU B 88 50.66 31.69 24.01
C LEU B 88 51.15 31.49 25.45
N SER B 89 51.93 32.45 25.95
CA SER B 89 52.39 32.49 27.34
C SER B 89 51.18 32.61 28.23
N TRP B 90 50.29 33.53 27.85
CA TRP B 90 49.10 33.74 28.60
C TRP B 90 48.28 32.47 28.71
N ALA B 91 48.06 31.79 27.61
CA ALA B 91 47.25 30.59 27.62
C ALA B 91 48.01 29.32 28.07
N ARG B 92 49.33 29.44 28.28
CA ARG B 92 50.15 28.29 28.69
C ARG B 92 50.14 27.14 27.69
N THR B 93 50.23 27.47 26.39
CA THR B 93 50.16 26.45 25.36
C THR B 93 51.23 26.73 24.34
N ARG B 94 51.34 25.84 23.35
CA ARG B 94 52.31 25.96 22.24
C ARG B 94 51.81 25.30 20.93
N ASN B 95 52.34 25.75 19.79
CA ASN B 95 52.16 25.05 18.51
C ASN B 95 50.67 24.89 18.23
N ASP B 96 49.90 25.88 18.61
CA ASP B 96 48.48 25.90 18.29
C ASP B 96 47.86 27.27 18.47
N ILE B 97 46.96 27.60 17.53
CA ILE B 97 46.06 28.70 17.78
C ILE B 97 44.69 28.19 17.29
N TRP B 98 43.67 28.71 17.91
CA TRP B 98 42.26 28.36 17.62
C TRP B 98 41.48 29.53 16.90
N ALA B 99 40.56 29.08 16.06
CA ALA B 99 39.52 29.91 15.47
C ALA B 99 40.01 31.27 14.96
N PRO B 100 41.06 31.25 14.09
CA PRO B 100 41.49 32.46 13.48
C PRO B 100 40.47 32.92 12.42
N GLN B 101 40.36 34.23 12.34
CA GLN B 101 39.67 34.83 11.23
C GLN B 101 40.53 35.98 10.68
N VAL B 102 40.76 35.92 9.38
CA VAL B 102 41.48 36.96 8.67
C VAL B 102 40.49 37.96 8.03
N ILE B 103 40.67 39.23 8.34
CA ILE B 103 39.90 40.31 7.72
C ILE B 103 40.84 41.39 7.19
N GLN B 104 40.50 41.93 6.02
CA GLN B 104 41.28 43.04 5.51
C GLN B 104 40.71 44.35 6.01
N LEU B 105 41.54 45.18 6.63
CA LEU B 105 41.09 46.49 7.12
C LEU B 105 41.47 47.62 6.14
N SER B 106 41.20 48.88 6.49
CA SER B 106 41.34 50.03 5.57
C SER B 106 42.74 50.33 5.02
N ASP B 107 43.80 49.87 5.71
CA ASP B 107 45.15 50.02 5.16
C ASP B 107 45.53 48.97 4.11
N GLY B 108 44.60 48.08 3.76
CA GLY B 108 44.92 47.01 2.80
C GLY B 108 45.63 45.77 3.36
N ARG B 109 46.05 45.83 4.63
CA ARG B 109 46.68 44.66 5.26
C ARG B 109 45.60 43.64 5.76
N TYR B 110 46.02 42.39 5.95
CA TYR B 110 45.19 41.30 6.44
C TYR B 110 45.46 41.07 7.91
N TYR B 111 44.41 41.13 8.74
CA TYR B 111 44.52 41.06 10.17
C TYR B 111 43.88 39.75 10.57
N MET B 112 44.68 38.88 11.16
CA MET B 112 44.21 37.62 11.66
C MET B 112 43.95 37.80 13.14
N TYR B 113 42.66 37.71 13.50
CA TYR B 113 42.17 37.75 14.87
C TYR B 113 42.14 36.26 15.27
N TYR B 114 42.63 35.91 16.44
CA TYR B 114 42.72 34.51 16.74
C TYR B 114 42.61 34.41 18.23
N CYS B 115 42.51 33.21 18.70
CA CYS B 115 42.59 32.96 20.17
C CYS B 115 43.60 31.87 20.51
N ALA B 116 44.14 31.98 21.73
CA ALA B 116 44.95 30.93 22.28
C ALA B 116 44.33 30.48 23.62
N SER B 117 44.29 29.17 23.78
CA SER B 117 43.69 28.52 24.94
C SER B 117 44.11 27.06 25.18
N THR B 118 43.56 26.45 26.23
CA THR B 118 43.70 25.00 26.45
C THR B 118 42.32 24.44 26.68
N PHE B 119 42.15 23.17 26.32
CA PHE B 119 40.85 22.49 26.35
C PHE B 119 40.24 22.54 27.72
N GLY B 120 39.11 23.21 27.85
CA GLY B 120 38.33 23.27 29.08
C GLY B 120 38.58 24.48 29.92
N SER B 121 39.51 25.35 29.51
CA SER B 121 39.90 26.44 30.36
C SER B 121 39.39 27.80 29.97
N PRO B 122 39.08 28.63 30.95
CA PRO B 122 38.84 30.06 30.69
C PRO B 122 40.10 30.94 30.60
N ARG B 123 41.29 30.32 30.76
CA ARG B 123 42.57 31.01 30.63
C ARG B 123 42.93 31.15 29.18
N SER B 124 42.50 32.28 28.61
CA SER B 124 42.48 32.48 27.17
C SER B 124 42.80 33.89 26.81
N ALA B 125 43.23 34.08 25.56
CA ALA B 125 43.42 35.39 25.08
C ALA B 125 43.07 35.49 23.57
N ILE B 126 42.63 36.68 23.21
CA ILE B 126 42.38 37.04 21.78
C ILE B 126 43.48 38.01 21.39
N GLY B 127 44.18 37.66 20.35
CA GLY B 127 45.22 38.48 19.75
C GLY B 127 44.94 38.76 18.29
N ILE B 128 45.77 39.63 17.77
CA ILE B 128 45.81 39.93 16.36
C ILE B 128 47.22 39.82 15.82
N ALA B 129 47.36 39.16 14.69
CA ALA B 129 48.56 39.13 13.85
C ALA B 129 48.29 39.74 12.48
N VAL B 130 49.32 40.10 11.73
CA VAL B 130 49.05 40.95 10.54
C VAL B 130 50.05 40.58 9.45
N SER B 131 49.60 40.64 8.20
CA SER B 131 50.40 40.32 7.03
C SER B 131 49.96 41.26 5.90
N ASP B 132 50.90 41.61 5.04
CA ASP B 132 50.53 42.30 3.82
C ASP B 132 49.94 41.39 2.75
N ASP B 133 50.17 40.09 2.87
CA ASP B 133 49.71 39.13 1.91
C ASP B 133 48.86 38.06 2.57
N ILE B 134 47.81 37.65 1.89
CA ILE B 134 46.81 36.82 2.53
C ILE B 134 47.38 35.47 3.05
N GLU B 135 48.34 34.90 2.33
CA GLU B 135 48.92 33.63 2.72
C GLU B 135 50.07 33.78 3.71
N GLY B 136 50.30 35.00 4.19
CA GLY B 136 51.31 35.19 5.24
C GLY B 136 52.64 35.56 4.60
N PRO B 137 53.68 35.58 5.41
CA PRO B 137 53.66 35.30 6.86
C PRO B 137 53.09 36.41 7.72
N TYR B 138 52.38 35.99 8.75
CA TYR B 138 51.75 36.86 9.64
C TYR B 138 52.65 37.11 10.88
N LYS B 139 52.60 38.34 11.34
CA LYS B 139 53.31 38.74 12.56
C LYS B 139 52.48 39.36 13.64
N HIS B 140 52.99 39.19 14.87
CA HIS B 140 52.35 39.81 16.00
C HIS B 140 51.97 41.29 15.87
N TYR B 141 50.70 41.56 16.11
CA TYR B 141 50.19 42.90 16.12
C TYR B 141 49.73 43.39 17.49
N ALA B 142 48.76 42.73 18.10
CA ALA B 142 48.26 43.13 19.41
C ALA B 142 47.66 41.95 20.14
N VAL B 143 47.60 42.08 21.44
CA VAL B 143 46.73 41.29 22.34
C VAL B 143 45.61 42.18 22.82
N ILE B 144 44.34 41.77 22.63
CA ILE B 144 43.24 42.69 22.88
C ILE B 144 42.23 42.26 23.92
N VAL B 145 42.05 40.96 24.17
CA VAL B 145 41.18 40.52 25.29
C VAL B 145 41.76 39.33 26.01
N LYS B 146 41.71 39.34 27.37
CA LYS B 146 42.19 38.22 28.13
C LYS B 146 41.17 37.79 29.17
N SER B 147 41.14 36.50 29.41
CA SER B 147 40.30 35.91 30.47
C SER B 147 41.16 35.02 31.34
N GLY B 148 40.66 34.71 32.54
CA GLY B 148 41.38 33.80 33.43
C GLY B 148 42.41 34.46 34.34
N GLN B 149 42.33 35.75 34.50
CA GLN B 149 43.21 36.48 35.40
C GLN B 149 43.03 35.90 36.80
N VAL B 150 44.15 35.62 37.47
CA VAL B 150 44.15 35.14 38.86
C VAL B 150 44.53 36.39 39.63
N TYR B 151 43.55 36.92 40.36
CA TYR B 151 43.63 38.24 40.95
C TYR B 151 44.98 38.58 41.61
N SER B 152 45.49 37.67 42.44
CA SER B 152 46.73 37.99 43.22
C SER B 152 47.96 38.21 42.34
N VAL B 153 47.95 37.55 41.18
CA VAL B 153 49.05 37.53 40.26
C VAL B 153 48.78 38.54 39.14
N ASP B 154 47.63 38.37 38.49
CA ASP B 154 47.29 39.12 37.30
C ASP B 154 46.47 40.37 37.55
N GLY B 155 45.81 40.46 38.69
CA GLY B 155 44.96 41.60 38.97
C GLY B 155 43.59 41.36 38.34
N PRO B 156 42.84 42.42 38.05
CA PRO B 156 41.44 42.22 37.65
C PRO B 156 41.23 41.80 36.18
N SER B 157 40.01 41.33 35.90
CA SER B 157 39.57 41.07 34.51
C SER B 157 39.51 42.38 33.71
N GLU B 158 39.12 42.31 32.43
CA GLU B 158 38.97 43.51 31.64
C GLU B 158 37.97 44.55 32.15
N ASP B 159 37.04 44.19 33.03
CA ASP B 159 36.07 45.20 33.50
C ASP B 159 36.46 45.83 34.85
N GLY B 160 37.74 45.64 35.21
CA GLY B 160 38.30 46.14 36.49
C GLY B 160 37.88 45.33 37.73
N THR B 161 37.06 44.29 37.52
CA THR B 161 36.60 43.41 38.59
C THR B 161 37.27 42.03 38.47
N PRO B 162 37.41 41.35 39.63
CA PRO B 162 37.92 39.99 39.68
C PRO B 162 37.24 39.16 38.63
N TYR B 163 38.03 38.40 37.87
CA TYR B 163 37.55 37.52 36.84
C TYR B 163 36.75 36.38 37.49
N ASP B 164 35.65 36.04 36.85
CA ASP B 164 34.67 35.10 37.38
C ASP B 164 34.06 34.55 36.14
N SER B 165 34.30 33.26 35.90
CA SER B 165 34.03 32.64 34.60
C SER B 165 32.57 32.30 34.32
N ARG B 166 31.70 32.59 35.29
CA ARG B 166 30.24 32.60 35.12
C ARG B 166 29.67 33.88 34.49
N LYS B 167 30.25 35.04 34.73
CA LYS B 167 29.68 36.31 34.28
C LYS B 167 30.57 36.98 33.23
N HIS B 168 31.86 36.70 33.31
CA HIS B 168 32.80 37.08 32.27
C HIS B 168 32.99 36.05 31.15
N PRO B 169 33.12 36.51 29.87
CA PRO B 169 33.44 35.50 28.88
C PRO B 169 34.85 34.87 28.95
N ASN B 170 34.96 33.76 28.23
CA ASN B 170 36.19 33.18 27.77
C ASN B 170 36.64 33.97 26.51
N ALA B 171 37.96 34.24 26.44
CA ALA B 171 38.53 35.06 25.36
C ALA B 171 38.83 34.19 24.21
N LEU B 172 37.75 33.77 23.53
CA LEU B 172 37.84 32.83 22.45
C LEU B 172 36.91 33.27 21.30
N ASP B 173 37.18 32.68 20.15
CA ASP B 173 36.24 32.66 19.00
C ASP B 173 35.93 34.08 18.48
N PRO B 174 36.96 34.84 18.05
CA PRO B 174 36.61 36.18 17.50
C PRO B 174 35.80 36.10 16.17
N GLY B 175 34.76 36.91 16.06
CA GLY B 175 34.06 37.18 14.82
C GLY B 175 34.00 38.67 14.59
N VAL B 176 34.73 39.10 13.57
CA VAL B 176 34.93 40.45 13.26
C VAL B 176 34.18 40.83 11.98
N PHE B 177 33.60 42.00 12.01
CA PHE B 177 32.76 42.48 10.87
C PHE B 177 32.57 43.96 10.89
N TYR B 178 32.49 44.56 9.71
CA TYR B 178 32.07 45.95 9.57
C TYR B 178 30.55 46.01 9.55
N ASP B 179 29.97 47.06 10.05
CA ASP B 179 28.52 47.18 10.02
C ASP B 179 28.22 47.93 8.71
N LYS B 180 26.96 48.20 8.43
CA LYS B 180 26.62 48.88 7.17
C LYS B 180 27.11 50.32 7.18
N GLU B 181 27.43 50.88 8.35
CA GLU B 181 27.87 52.27 8.42
C GLU B 181 29.38 52.44 8.47
N GLY B 182 30.11 51.34 8.42
CA GLY B 182 31.58 51.40 8.39
C GLY B 182 32.23 51.25 9.75
N ASN B 183 31.43 51.06 10.79
CA ASN B 183 32.03 50.83 12.15
C ASN B 183 32.50 49.41 12.14
N LEU B 184 33.39 49.05 13.06
CA LEU B 184 33.98 47.71 13.13
C LEU B 184 33.71 47.11 14.49
N TRP B 185 33.34 45.84 14.47
CA TRP B 185 32.88 45.12 15.66
C TRP B 185 33.57 43.75 15.79
N MET B 186 33.68 43.25 17.02
CA MET B 186 34.08 41.86 17.18
C MET B 186 33.12 41.23 18.18
N VAL B 187 32.47 40.19 17.73
CA VAL B 187 31.65 39.33 18.57
C VAL B 187 32.55 38.15 18.98
N TYR B 188 32.45 37.73 20.24
CA TYR B 188 33.25 36.57 20.61
C TYR B 188 32.69 35.83 21.82
N GLY B 189 33.31 34.67 22.15
CA GLY B 189 32.93 33.88 23.30
C GLY B 189 32.71 32.41 23.09
N SER B 190 32.84 31.66 24.21
CA SER B 190 32.67 30.22 24.20
C SER B 190 32.35 29.82 25.64
N TRP B 191 31.15 29.31 25.86
CA TRP B 191 30.70 28.87 27.21
C TRP B 191 30.96 29.97 28.24
N PHE B 192 31.21 29.59 29.52
CA PHE B 192 31.59 30.58 30.55
C PHE B 192 30.59 31.77 30.58
N GLY B 193 31.06 33.00 30.59
CA GLY B 193 30.19 34.11 30.77
C GLY B 193 29.28 34.53 29.58
N GLY B 194 29.46 33.83 28.43
CA GLY B 194 28.63 34.00 27.23
C GLY B 194 29.28 34.73 26.06
N ILE B 195 28.42 35.33 25.23
CA ILE B 195 28.77 35.90 23.93
C ILE B 195 28.72 37.44 24.08
N TYR B 196 29.85 38.10 23.83
CA TYR B 196 29.96 39.51 24.02
C TYR B 196 30.32 40.20 22.71
N ILE B 197 29.98 41.49 22.65
CA ILE B 197 30.41 42.36 21.55
C ILE B 197 31.14 43.62 21.98
N LEU B 198 32.24 43.83 21.30
CA LEU B 198 33.13 45.00 21.48
C LEU B 198 33.16 45.83 20.21
N LYS B 199 33.06 47.14 20.37
CA LYS B 199 33.26 48.07 19.25
C LYS B 199 34.78 48.28 19.04
N LEU B 200 35.21 48.11 17.80
CA LEU B 200 36.60 48.29 17.40
C LEU B 200 36.86 49.62 16.68
N ASP B 201 38.10 50.12 16.76
CA ASP B 201 38.54 51.27 15.97
C ASP B 201 38.82 50.80 14.54
N PRO B 202 38.08 51.29 13.53
CA PRO B 202 38.38 50.77 12.18
C PRO B 202 39.77 51.16 11.65
N ASN B 203 40.37 52.20 12.21
CA ASN B 203 41.72 52.64 11.82
C ASN B 203 42.79 51.66 12.31
N THR B 204 42.48 50.88 13.37
CA THR B 204 43.52 50.09 14.02
C THR B 204 43.16 48.68 14.35
N GLY B 205 41.87 48.36 14.29
CA GLY B 205 41.38 47.07 14.68
C GLY B 205 41.36 46.77 16.18
N LEU B 206 41.74 47.74 17.00
CA LEU B 206 41.77 47.60 18.46
C LEU B 206 40.44 48.01 19.13
N PRO B 207 40.07 47.38 20.24
CA PRO B 207 38.83 47.79 20.91
C PRO B 207 38.84 49.25 21.28
N LEU B 208 37.74 49.98 21.08
CA LEU B 208 37.66 51.36 21.65
C LEU B 208 37.81 51.23 23.18
N PRO B 209 38.40 52.25 23.86
CA PRO B 209 38.63 52.26 25.31
C PRO B 209 37.39 52.22 26.17
N GLY B 210 37.53 51.61 27.34
CA GLY B 210 36.51 51.62 28.41
C GLY B 210 35.24 50.81 28.28
N GLN B 211 35.31 49.76 27.47
CA GLN B 211 34.17 48.84 27.29
C GLN B 211 34.21 47.61 28.14
N GLY B 212 35.32 47.39 28.84
CA GLY B 212 35.56 46.08 29.45
C GLY B 212 35.50 44.90 28.49
N TYR B 213 34.63 43.92 28.78
CA TYR B 213 34.40 42.81 27.86
C TYR B 213 33.40 43.22 26.74
N GLY B 214 32.82 44.41 26.85
CA GLY B 214 31.74 44.84 25.93
C GLY B 214 30.36 44.49 26.45
N LYS B 215 29.41 44.42 25.53
CA LYS B 215 27.99 44.18 25.81
C LYS B 215 27.66 42.69 25.60
N ARG B 216 26.93 42.05 26.52
CA ARG B 216 26.62 40.62 26.37
C ARG B 216 25.41 40.53 25.42
N LEU B 217 25.45 39.58 24.49
CA LEU B 217 24.32 39.30 23.59
C LEU B 217 23.58 38.04 23.90
N VAL B 218 24.29 37.04 24.43
CA VAL B 218 23.72 35.72 24.69
C VAL B 218 24.50 35.06 25.80
N GLY B 219 23.87 34.16 26.52
CA GLY B 219 24.55 33.17 27.34
C GLY B 219 24.85 33.70 28.73
N GLY B 220 25.77 33.03 29.36
CA GLY B 220 26.04 33.31 30.76
C GLY B 220 26.01 32.02 31.54
N ASN B 221 26.71 31.99 32.68
CA ASN B 221 26.62 30.80 33.54
C ASN B 221 26.91 29.42 32.91
N HIS B 222 27.93 29.38 32.05
CA HIS B 222 28.45 28.20 31.46
C HIS B 222 27.48 27.61 30.50
N SER B 223 26.74 28.45 29.79
CA SER B 223 25.82 27.97 28.76
C SER B 223 26.60 27.43 27.56
N SER B 224 26.08 26.38 26.92
CA SER B 224 26.78 25.60 25.92
C SER B 224 26.64 26.24 24.52
N MET B 225 27.40 27.29 24.29
CA MET B 225 27.34 28.04 23.04
C MET B 225 28.68 28.72 22.75
N GLU B 226 29.07 28.75 21.48
CA GLU B 226 30.36 29.30 21.11
C GLU B 226 30.32 29.60 19.61
N GLY B 227 31.45 30.06 19.10
CA GLY B 227 31.63 30.35 17.66
C GLY B 227 30.70 31.41 17.06
N PRO B 228 30.44 32.53 17.74
CA PRO B 228 29.54 33.55 17.18
C PRO B 228 30.09 34.11 15.88
N TYR B 229 29.21 34.40 14.93
CA TYR B 229 29.63 35.06 13.71
C TYR B 229 28.47 35.92 13.35
N ILE B 230 28.73 37.15 12.95
CA ILE B 230 27.62 38.02 12.53
C ILE B 230 27.83 38.35 11.02
N LEU B 231 26.74 38.23 10.23
CA LEU B 231 26.71 38.53 8.82
C LEU B 231 25.61 39.59 8.66
N TYR B 232 25.93 40.65 7.92
CA TYR B 232 24.92 41.66 7.46
C TYR B 232 24.32 41.25 6.11
N SER B 233 22.99 41.35 6.01
CA SER B 233 22.25 40.95 4.79
C SER B 233 21.73 42.21 4.15
N PRO B 234 22.26 42.60 3.00
CA PRO B 234 21.60 43.81 2.48
C PRO B 234 20.21 43.59 1.87
N ASP B 235 19.89 42.34 1.58
CA ASP B 235 18.55 41.94 1.17
C ASP B 235 17.45 42.13 2.25
N THR B 236 17.76 42.00 3.56
CA THR B 236 16.75 42.20 4.58
C THR B 236 17.06 43.36 5.52
N ASP B 237 18.27 43.92 5.39
CA ASP B 237 18.84 44.97 6.24
C ASP B 237 18.85 44.52 7.71
N TYR B 238 19.00 43.24 7.93
CA TYR B 238 19.21 42.67 9.31
C TYR B 238 20.66 42.19 9.42
N TYR B 239 21.17 42.18 10.68
CA TYR B 239 22.40 41.44 11.03
C TYR B 239 21.91 40.11 11.58
N TYR B 240 22.60 39.04 11.19
CA TYR B 240 22.33 37.72 11.66
C TYR B 240 23.47 37.25 12.53
N LEU B 241 23.13 36.95 13.76
CA LEU B 241 24.05 36.19 14.66
C LEU B 241 23.93 34.66 14.49
N PHE B 242 25.03 34.00 14.14
CA PHE B 242 25.09 32.57 14.05
C PHE B 242 25.87 32.14 15.29
N LEU B 243 25.40 31.07 15.89
CA LEU B 243 26.02 30.44 17.07
C LEU B 243 26.02 28.94 16.93
N SER B 244 26.98 28.28 17.60
CA SER B 244 26.93 26.85 17.71
C SER B 244 26.65 26.42 19.17
N PHE B 245 25.60 25.65 19.33
CA PHE B 245 25.22 25.03 20.57
C PHE B 245 25.71 23.62 20.69
N GLY B 246 25.96 23.20 21.95
CA GLY B 246 26.41 21.84 22.23
C GLY B 246 27.91 21.61 22.19
N GLY B 247 28.27 20.34 22.07
CA GLY B 247 29.69 19.90 22.02
C GLY B 247 30.10 19.60 20.62
N LEU B 248 31.31 19.99 20.25
CA LEU B 248 31.82 19.65 18.90
C LEU B 248 32.06 18.22 18.56
N ASP B 249 32.13 17.31 19.53
CA ASP B 249 32.56 15.99 19.22
C ASP B 249 31.45 15.15 18.62
N TYR B 250 31.74 13.91 18.31
CA TYR B 250 30.77 12.99 17.68
C TYR B 250 29.50 12.88 18.57
N ARG B 251 29.69 12.88 19.89
CA ARG B 251 28.54 12.78 20.78
C ARG B 251 27.98 14.08 21.39
N GLY B 252 28.41 15.28 20.93
CA GLY B 252 28.15 16.53 21.56
C GLY B 252 26.86 17.22 21.14
N GLY B 253 26.26 16.74 20.03
CA GLY B 253 25.09 17.40 19.45
C GLY B 253 25.26 18.81 18.89
N TYR B 254 26.47 19.09 18.37
CA TYR B 254 26.78 20.42 17.84
C TYR B 254 25.73 20.71 16.79
N ASN B 255 25.18 21.89 16.88
CA ASN B 255 24.14 22.38 15.93
C ASN B 255 24.27 23.91 15.77
N ILE B 256 23.87 24.38 14.60
CA ILE B 256 23.93 25.78 14.19
C ILE B 256 22.61 26.53 14.43
N ARG B 257 22.69 27.60 15.20
CA ARG B 257 21.62 28.53 15.61
C ARG B 257 21.75 29.91 14.99
N VAL B 258 20.60 30.43 14.60
CA VAL B 258 20.55 31.78 14.11
C VAL B 258 19.53 32.66 14.81
N ALA B 259 19.89 33.93 15.00
CA ALA B 259 19.05 35.06 15.42
C ALA B 259 19.40 36.29 14.61
N ARG B 260 18.64 37.35 14.83
CA ARG B 260 18.78 38.58 14.08
C ARG B 260 18.41 39.87 14.79
N SER B 261 18.98 40.95 14.26
CA SER B 261 18.77 42.32 14.73
C SER B 261 18.92 43.36 13.70
N LYS B 262 18.16 44.44 13.85
CA LYS B 262 18.37 45.67 13.08
C LYS B 262 19.73 46.32 13.41
N ASN B 263 20.18 46.07 14.64
CA ASN B 263 21.47 46.57 15.06
C ASN B 263 22.63 45.56 15.14
N PRO B 264 23.84 46.01 14.84
CA PRO B 264 25.00 45.09 14.87
C PRO B 264 25.27 44.52 16.25
N ASN B 265 25.00 45.38 17.22
CA ASN B 265 25.15 45.05 18.66
C ASN B 265 23.84 44.72 19.40
N GLY B 266 22.81 44.29 18.62
CA GLY B 266 21.64 43.75 19.20
C GLY B 266 20.64 44.75 19.77
N PRO B 267 19.70 44.25 20.61
CA PRO B 267 19.50 42.85 20.98
C PRO B 267 19.13 41.95 19.82
N TYR B 268 19.60 40.70 19.87
CA TYR B 268 19.24 39.65 18.83
C TYR B 268 17.97 38.96 19.24
N TYR B 269 17.07 38.68 18.26
CA TYR B 269 15.87 37.94 18.49
C TYR B 269 15.76 36.73 17.59
N ASP B 270 15.07 35.69 18.09
CA ASP B 270 14.86 34.48 17.29
C ASP B 270 13.52 34.58 16.57
N PRO B 271 13.15 33.57 15.79
CA PRO B 271 11.90 33.82 15.01
C PRO B 271 10.64 33.84 15.82
N GLU B 272 10.68 33.29 17.03
CA GLU B 272 9.55 33.41 17.94
C GLU B 272 9.43 34.76 18.60
N GLY B 273 10.45 35.60 18.49
CA GLY B 273 10.49 36.86 19.17
C GLY B 273 11.20 36.85 20.52
N LYS B 274 11.75 35.71 20.91
CA LYS B 274 12.54 35.65 22.16
C LYS B 274 13.85 36.42 21.96
N SER B 275 14.27 37.16 23.00
CA SER B 275 15.52 37.90 23.03
C SER B 275 16.60 36.91 23.38
N MET B 276 17.71 37.00 22.68
CA MET B 276 18.77 36.07 22.94
C MET B 276 19.49 36.51 24.21
N GLU B 277 19.25 37.73 24.65
CA GLU B 277 19.80 38.18 25.93
C GLU B 277 19.31 37.24 27.07
N ASN B 278 18.17 36.58 26.86
CA ASN B 278 17.52 35.72 27.84
C ASN B 278 17.91 34.25 27.62
N CYS B 279 18.71 33.99 26.59
CA CYS B 279 19.08 32.63 26.32
C CYS B 279 20.33 32.25 27.19
N MET B 280 20.06 31.51 28.25
CA MET B 280 21.12 31.02 29.15
C MET B 280 20.55 29.92 30.03
N GLY B 281 21.43 29.00 30.42
CA GLY B 281 21.09 27.90 31.29
C GLY B 281 21.64 26.62 30.77
N SER B 282 20.94 25.53 31.09
CA SER B 282 21.33 24.20 30.75
C SER B 282 21.04 24.03 29.29
N LYS B 283 21.49 22.90 28.79
CA LYS B 283 21.32 22.52 27.35
C LYS B 283 19.85 22.49 27.02
N THR B 284 19.06 21.86 27.89
CA THR B 284 17.60 21.84 27.61
C THR B 284 17.02 23.24 27.47
N VAL B 285 17.37 24.16 28.35
CA VAL B 285 16.84 25.52 28.32
C VAL B 285 17.30 26.38 27.13
N ILE B 286 18.59 26.39 26.86
CA ILE B 286 19.08 27.22 25.77
C ILE B 286 18.58 26.68 24.44
N SER B 287 18.30 25.42 24.34
CA SER B 287 17.73 24.86 23.10
C SER B 287 16.35 25.38 22.71
N ASN B 288 15.60 25.89 23.69
CA ASN B 288 14.34 26.63 23.42
C ASN B 288 14.53 27.93 22.65
N TYR B 289 15.78 28.33 22.40
CA TYR B 289 16.04 29.57 21.74
C TYR B 289 16.72 29.43 20.38
N GLY B 290 16.48 30.42 19.53
CA GLY B 290 17.14 30.53 18.21
C GLY B 290 16.49 29.70 17.12
N ALA B 291 16.82 30.00 15.87
CA ALA B 291 16.47 29.10 14.78
C ALA B 291 17.56 28.08 14.64
N LYS B 292 17.20 26.80 14.73
CA LYS B 292 18.17 25.67 14.62
C LYS B 292 18.26 25.37 13.14
N LEU B 293 19.36 25.73 12.53
CA LEU B 293 19.50 25.50 11.08
C LEU B 293 19.71 24.07 10.64
N VAL B 294 20.44 23.26 11.40
CA VAL B 294 20.84 21.91 11.03
C VAL B 294 21.34 21.24 12.33
N GLY B 295 21.07 19.97 12.44
CA GLY B 295 21.73 19.11 13.47
C GLY B 295 22.10 17.79 12.82
N ASN B 296 22.26 16.71 13.60
CA ASN B 296 22.74 15.45 12.99
C ASN B 296 21.66 14.72 12.11
N PHE B 297 22.07 14.20 10.99
CA PHE B 297 21.13 13.48 10.11
C PHE B 297 21.86 12.58 9.16
N ILE B 298 21.12 11.60 8.63
CA ILE B 298 21.59 10.76 7.55
C ILE B 298 20.42 10.45 6.61
N LEU B 299 20.64 10.54 5.29
CA LEU B 299 19.65 10.19 4.26
C LEU B 299 19.80 8.73 3.93
N SER B 300 19.69 7.90 4.96
CA SER B 300 19.71 6.49 4.79
C SER B 300 18.39 5.99 5.26
N GLU B 301 17.84 5.13 4.41
CA GLU B 301 16.66 4.32 4.72
C GLU B 301 16.99 3.08 5.54
N SER B 302 18.26 2.65 5.46
CA SER B 302 18.70 1.40 6.11
C SER B 302 19.18 1.58 7.57
N ASN B 303 20.03 2.54 7.84
CA ASN B 303 20.53 2.63 9.23
C ASN B 303 21.18 3.93 9.53
N THR B 304 21.56 4.17 10.78
CA THR B 304 22.11 5.47 11.13
C THR B 304 23.56 5.67 10.74
N ILE B 305 24.22 4.58 10.38
CA ILE B 305 25.54 4.58 9.83
C ILE B 305 25.35 3.78 8.56
N ASP B 306 25.79 4.39 7.48
CA ASP B 306 25.65 3.93 6.11
C ASP B 306 26.60 4.86 5.33
N PHE B 307 27.80 4.39 5.03
CA PHE B 307 28.83 5.22 4.44
C PHE B 307 28.54 5.66 2.98
N LYS B 308 27.58 5.04 2.32
CA LYS B 308 27.23 5.49 0.96
C LYS B 308 26.14 6.56 1.01
N ALA B 309 25.68 6.96 2.20
CA ALA B 309 24.54 7.87 2.36
C ALA B 309 25.03 9.21 2.86
N PHE B 310 24.43 10.27 2.34
CA PHE B 310 24.78 11.60 2.76
C PHE B 310 24.34 11.90 4.23
N GLY B 311 25.28 12.42 5.07
CA GLY B 311 24.88 12.62 6.44
C GLY B 311 25.94 13.40 7.21
N TYR B 312 25.51 14.13 8.22
CA TYR B 312 26.41 14.92 9.09
C TYR B 312 26.17 14.63 10.56
N VAL B 313 27.26 14.71 11.36
CA VAL B 313 27.23 14.61 12.82
C VAL B 313 27.98 15.85 13.30
N SER B 314 27.38 16.61 14.21
CA SER B 314 27.99 17.79 14.80
C SER B 314 28.51 18.84 13.82
N PRO B 315 27.66 19.21 12.86
CA PRO B 315 27.98 20.35 12.01
C PRO B 315 27.97 21.66 12.81
N GLY B 316 29.02 22.49 12.65
CA GLY B 316 29.02 23.80 13.25
C GLY B 316 30.30 24.56 13.11
N HIS B 317 30.40 25.56 14.00
CA HIS B 317 31.34 26.63 14.08
C HIS B 317 31.55 27.22 12.71
N ASN B 318 30.54 27.93 12.28
CA ASN B 318 30.52 28.51 10.99
C ASN B 318 30.90 29.95 10.86
N SER B 319 31.24 30.31 9.61
CA SER B 319 31.16 31.65 9.16
C SER B 319 30.15 31.64 7.96
N ALA B 320 30.07 32.79 7.39
CA ALA B 320 29.14 33.02 6.23
C ALA B 320 29.62 34.13 5.31
N TYR B 321 29.03 34.19 4.09
CA TYR B 321 29.48 35.17 3.11
C TYR B 321 28.36 35.53 2.13
N TYR B 322 28.18 36.82 1.91
CA TYR B 322 27.21 37.33 0.91
C TYR B 322 28.10 37.72 -0.28
N ASP B 323 27.87 37.13 -1.48
CA ASP B 323 28.60 37.49 -2.70
C ASP B 323 27.83 38.55 -3.48
N PRO B 324 28.31 39.79 -3.50
CA PRO B 324 27.56 40.82 -4.22
C PRO B 324 27.50 40.59 -5.77
N GLU B 325 28.38 39.80 -6.31
CA GLU B 325 28.33 39.55 -7.73
C GLU B 325 27.06 38.80 -8.13
N THR B 326 26.63 37.84 -7.31
CA THR B 326 25.57 36.86 -7.65
C THR B 326 24.35 37.00 -6.76
N GLY B 327 24.50 37.64 -5.62
CA GLY B 327 23.47 37.70 -4.62
C GLY B 327 23.25 36.51 -3.77
N LYS B 328 24.19 35.58 -3.86
CA LYS B 328 24.13 34.30 -3.16
C LYS B 328 24.75 34.46 -1.79
N TYR B 329 24.22 33.66 -0.87
CA TYR B 329 24.75 33.51 0.49
C TYR B 329 25.27 32.13 0.68
N PHE B 330 26.41 32.02 1.44
CA PHE B 330 27.01 30.72 1.67
C PHE B 330 27.33 30.59 3.16
N ILE B 331 27.18 29.39 3.66
CA ILE B 331 27.71 29.03 5.02
C ILE B 331 28.86 28.07 4.87
N PHE B 332 29.87 28.24 5.78
CA PHE B 332 31.11 27.53 5.76
C PHE B 332 31.24 26.96 7.15
N PHE B 333 31.33 25.65 7.27
CA PHE B 333 31.37 25.01 8.55
C PHE B 333 32.18 23.79 8.44
N HIS B 334 32.57 23.19 9.57
CA HIS B 334 33.07 21.89 9.58
C HIS B 334 32.02 20.92 10.11
N THR B 335 32.24 19.67 9.83
CA THR B 335 31.36 18.59 10.23
C THR B 335 32.08 17.25 10.38
N ARG B 336 31.60 16.47 11.35
CA ARG B 336 31.80 15.01 11.43
C ARG B 336 30.75 14.23 10.61
N PHE B 337 30.88 12.94 10.55
CA PHE B 337 30.06 12.09 9.68
C PHE B 337 29.63 10.88 10.44
N PRO B 338 28.40 10.34 10.18
CA PRO B 338 27.91 9.10 10.82
C PRO B 338 28.92 7.97 10.76
N GLY B 339 29.19 7.43 11.95
CA GLY B 339 30.12 6.30 12.15
C GLY B 339 31.58 6.54 11.84
N ARG B 340 31.99 7.80 11.68
CA ARG B 340 33.40 8.05 11.38
CA ARG B 340 33.38 8.13 11.36
C ARG B 340 34.13 8.80 12.49
N GLY B 341 33.54 8.78 13.67
CA GLY B 341 34.13 9.44 14.81
C GLY B 341 34.47 10.90 14.68
N GLU B 342 35.69 11.25 15.09
CA GLU B 342 36.03 12.66 15.11
C GLU B 342 36.59 13.22 13.80
N THR B 343 36.62 12.41 12.74
CA THR B 343 37.07 12.84 11.44
C THR B 343 36.16 13.97 10.94
N TYR B 344 36.75 15.07 10.50
CA TYR B 344 35.99 16.21 10.01
C TYR B 344 36.51 16.76 8.69
N GLN B 345 35.64 17.54 8.02
CA GLN B 345 36.03 18.20 6.79
C GLN B 345 35.25 19.51 6.77
N LEU B 346 35.75 20.49 6.02
CA LEU B 346 35.03 21.66 5.69
C LEU B 346 33.82 21.29 4.84
N ARG B 347 32.67 21.99 4.99
CA ARG B 347 31.62 21.85 3.98
C ARG B 347 31.11 23.21 3.61
N VAL B 348 30.56 23.38 2.40
CA VAL B 348 30.02 24.68 2.01
C VAL B 348 28.58 24.45 1.42
N HIS B 349 27.63 25.13 2.00
CA HIS B 349 26.18 25.10 1.57
C HIS B 349 25.73 26.51 1.26
N GLN B 350 24.86 26.58 0.26
CA GLN B 350 24.10 27.76 0.02
C GLN B 350 23.01 28.00 1.11
N LEU B 351 22.90 29.23 1.56
CA LEU B 351 21.79 29.70 2.42
C LEU B 351 20.83 30.53 1.59
N PHE B 352 19.56 30.41 1.93
CA PHE B 352 18.56 31.25 1.24
C PHE B 352 17.79 32.03 2.22
N LEU B 353 17.17 33.16 1.79
CA LEU B 353 16.25 33.92 2.62
C LEU B 353 14.83 33.51 2.31
N ASN B 354 14.07 33.19 3.33
CA ASN B 354 12.64 32.81 3.15
C ASN B 354 11.82 34.08 3.11
N GLU B 355 10.48 33.96 2.99
CA GLU B 355 9.63 35.15 2.76
C GLU B 355 9.69 36.12 3.94
N ASP B 356 10.08 35.61 5.12
CA ASP B 356 9.96 36.31 6.38
C ASP B 356 11.33 36.86 6.77
N GLY B 357 12.30 36.60 5.91
CA GLY B 357 13.63 37.12 6.07
C GLY B 357 14.49 36.27 6.99
N TRP B 358 14.22 35.00 7.08
CA TRP B 358 15.13 34.10 7.80
C TRP B 358 15.88 33.22 6.87
N PHE B 359 17.09 32.84 7.31
CA PHE B 359 17.88 31.87 6.56
C PHE B 359 17.41 30.43 6.72
N VAL B 360 17.40 29.73 5.59
CA VAL B 360 17.19 28.33 5.46
C VAL B 360 18.33 27.74 4.70
N MET B 361 18.86 26.62 5.18
CA MET B 361 20.06 26.07 4.60
C MET B 361 19.74 25.00 3.54
N ALA B 362 20.41 25.08 2.41
CA ALA B 362 20.26 23.97 1.39
C ALA B 362 20.65 22.65 1.96
N PRO B 363 19.90 21.57 1.70
CA PRO B 363 20.25 20.25 2.23
C PRO B 363 21.62 19.77 1.83
N PHE B 364 22.04 20.03 0.57
CA PHE B 364 23.25 19.52 0.01
C PHE B 364 24.31 20.60 -0.19
N PRO B 365 25.59 20.19 -0.26
CA PRO B 365 26.68 21.13 -0.57
C PRO B 365 26.47 21.90 -1.84
N TYR B 366 27.06 23.08 -1.91
CA TYR B 366 26.92 23.96 -3.10
C TYR B 366 27.49 23.32 -4.31
N GLY B 367 26.63 23.07 -5.32
CA GLY B 367 27.01 22.53 -6.60
C GLY B 367 26.85 23.54 -7.75
N GLY B 368 26.68 24.83 -7.45
CA GLY B 368 26.51 25.90 -8.49
C GLY B 368 25.04 26.24 -8.76
N GLU B 369 24.18 25.60 -8.00
CA GLU B 369 22.73 25.78 -8.09
C GLU B 369 22.30 27.23 -7.93
N THR B 370 21.43 27.68 -8.84
CA THR B 370 20.77 28.96 -8.70
C THR B 370 19.27 28.71 -8.53
N VAL B 371 18.64 29.36 -7.56
CA VAL B 371 17.23 29.22 -7.32
C VAL B 371 16.44 29.80 -8.50
N SER B 372 15.30 29.22 -8.78
CA SER B 372 14.34 29.84 -9.69
C SER B 372 13.05 29.05 -9.65
N LYS B 373 11.99 29.62 -10.20
CA LYS B 373 10.67 29.02 -10.08
C LYS B 373 10.72 27.63 -10.69
N LEU B 374 10.06 26.67 -10.07
CA LEU B 374 9.90 25.34 -10.67
C LEU B 374 8.43 25.12 -11.04
N PRO B 375 8.16 24.44 -12.16
CA PRO B 375 6.77 24.06 -12.45
C PRO B 375 6.23 23.06 -11.47
N ASN B 376 4.91 22.98 -11.28
CA ASN B 376 4.31 21.89 -10.48
C ASN B 376 4.87 20.45 -10.63
N GLU B 377 5.22 20.11 -11.89
CA GLU B 377 5.75 18.76 -12.30
CA GLU B 377 5.65 18.74 -12.18
C GLU B 377 6.97 18.41 -11.45
N GLU B 378 7.74 19.44 -11.22
CA GLU B 378 9.02 19.29 -10.55
C GLU B 378 8.89 19.36 -9.00
N ILE B 379 7.73 19.75 -8.47
CA ILE B 379 7.49 19.87 -7.03
C ILE B 379 6.69 18.66 -6.49
N VAL B 380 5.61 18.34 -7.17
CA VAL B 380 4.80 17.22 -6.79
C VAL B 380 5.56 15.88 -6.74
N GLY B 381 5.30 15.10 -5.71
CA GLY B 381 5.87 13.81 -5.55
C GLY B 381 6.21 13.44 -4.10
N GLU B 382 6.98 12.38 -3.99
CA GLU B 382 7.41 11.77 -2.69
C GLU B 382 8.78 12.31 -2.27
N TYR B 383 8.87 12.71 -1.01
CA TYR B 383 10.04 13.31 -0.45
C TYR B 383 10.57 12.55 0.79
N GLN B 384 11.89 12.50 0.87
CA GLN B 384 12.55 12.25 2.18
C GLN B 384 12.46 13.56 2.97
N PHE B 385 12.01 13.48 4.21
CA PHE B 385 11.63 14.63 4.97
C PHE B 385 12.39 14.50 6.31
N ILE B 386 13.24 15.48 6.57
CA ILE B 386 14.00 15.60 7.83
C ILE B 386 13.51 16.80 8.63
N ASN B 387 13.11 16.54 9.88
CA ASN B 387 12.75 17.54 10.80
C ASN B 387 13.92 17.59 11.78
N HIS B 388 14.65 18.69 11.79
CA HIS B 388 15.85 18.80 12.64
C HIS B 388 15.51 19.19 14.06
N GLY B 389 14.27 19.52 14.34
CA GLY B 389 13.88 19.69 15.75
C GLY B 389 14.50 20.89 16.40
N LYS B 390 14.46 20.92 17.74
CA LYS B 390 14.86 22.12 18.48
C LYS B 390 15.96 21.72 19.51
N GLU B 391 16.13 20.45 19.74
CA GLU B 391 17.00 19.96 20.82
C GLU B 391 18.53 20.00 20.54
N ILE B 392 19.33 19.88 21.60
CA ILE B 392 20.75 19.59 21.48
C ILE B 392 20.83 18.11 21.76
N THR B 393 21.11 17.32 20.72
CA THR B 393 21.15 15.89 20.81
C THR B 393 22.13 15.26 19.87
N ASP B 394 22.73 14.13 20.27
CA ASP B 394 23.62 13.38 19.42
C ASP B 394 22.92 12.41 18.51
N LYS B 395 21.61 12.21 18.68
CA LYS B 395 20.90 11.31 17.78
C LYS B 395 21.03 11.73 16.32
N ILE B 396 21.25 10.71 15.47
CA ILE B 396 21.33 10.86 14.02
C ILE B 396 19.94 10.62 13.48
N LYS B 397 19.32 11.72 13.06
CA LYS B 397 17.93 11.73 12.53
C LYS B 397 17.84 11.15 11.13
N GLN B 398 16.76 10.41 10.89
CA GLN B 398 16.63 9.70 9.63
C GLN B 398 15.36 10.18 8.95
N PRO B 399 15.23 10.01 7.59
CA PRO B 399 13.98 10.68 7.03
C PRO B 399 12.74 9.89 7.26
N VAL B 400 11.59 10.59 7.18
CA VAL B 400 10.30 9.89 6.91
C VAL B 400 9.86 10.23 5.44
N ARG B 401 8.80 9.57 4.95
CA ARG B 401 8.32 9.78 3.60
C ARG B 401 7.02 10.58 3.68
N ILE B 402 7.02 11.72 3.01
CA ILE B 402 5.85 12.53 2.74
C ILE B 402 5.62 12.68 1.23
N LYS B 403 4.41 13.15 0.89
CA LYS B 403 4.06 13.42 -0.50
C LYS B 403 3.44 14.82 -0.58
N LEU B 404 4.01 15.62 -1.45
CA LEU B 404 3.46 16.90 -1.91
C LEU B 404 2.56 16.60 -3.10
N ASN B 405 1.24 16.66 -2.87
CA ASN B 405 0.29 16.28 -3.93
C ASN B 405 -0.18 17.48 -4.75
N SER B 406 -0.52 17.21 -6.04
CA SER B 406 -1.10 18.19 -6.99
C SER B 406 -2.19 19.04 -6.41
N ASP B 407 -2.98 18.47 -5.51
CA ASP B 407 -4.11 19.17 -4.99
C ASP B 407 -3.79 20.06 -3.78
N GLY B 408 -2.52 20.20 -3.44
CA GLY B 408 -2.15 21.06 -2.31
C GLY B 408 -2.01 20.33 -1.00
N SER B 409 -2.40 19.07 -0.97
CA SER B 409 -2.29 18.26 0.25
C SER B 409 -0.89 17.74 0.42
N ILE B 410 -0.55 17.50 1.71
CA ILE B 410 0.64 16.74 2.11
C ILE B 410 0.09 15.49 2.79
N THR B 411 0.53 14.30 2.37
CA THR B 411 0.23 13.01 2.99
C THR B 411 1.50 12.19 3.33
N GLY B 412 1.31 10.95 3.80
CA GLY B 412 2.38 10.07 4.24
C GLY B 412 2.62 10.28 5.72
N ALA B 413 3.88 10.48 6.10
CA ALA B 413 4.22 10.57 7.51
C ALA B 413 3.67 11.78 8.25
N VAL B 414 3.40 12.89 7.59
CA VAL B 414 2.62 13.95 8.20
C VAL B 414 1.50 14.37 7.26
N GLU B 415 0.57 15.13 7.80
CA GLU B 415 -0.56 15.62 7.06
C GLU B 415 -0.52 17.07 7.08
N GLY B 416 -0.98 17.67 5.99
CA GLY B 416 -1.06 19.11 5.95
C GLY B 416 -1.33 19.62 4.58
N ARG B 417 -0.93 20.87 4.35
CA ARG B 417 -1.16 21.59 3.07
C ARG B 417 0.15 22.29 2.65
N TRP B 418 0.42 22.37 1.35
CA TRP B 418 1.59 23.15 0.89
C TRP B 418 1.12 24.14 -0.13
N GLU B 419 1.90 25.19 -0.30
CA GLU B 419 1.70 26.09 -1.44
C GLU B 419 3.03 26.81 -1.73
N ARG B 420 3.18 27.29 -2.95
CA ARG B 420 4.35 28.08 -3.22
C ARG B 420 3.98 29.33 -3.93
N LYS B 421 4.82 30.34 -3.76
CA LYS B 421 4.91 31.45 -4.71
C LYS B 421 6.35 31.65 -5.17
N GLU B 422 6.51 31.60 -6.49
CA GLU B 422 7.86 31.68 -7.07
C GLU B 422 8.64 30.53 -6.43
N HIS B 423 9.77 30.85 -5.82
CA HIS B 423 10.56 29.82 -5.14
C HIS B 423 10.22 29.68 -3.65
N TYR B 424 9.31 30.49 -3.14
CA TYR B 424 9.01 30.47 -1.70
C TYR B 424 7.99 29.35 -1.44
N ILE B 425 8.29 28.40 -0.52
CA ILE B 425 7.34 27.35 -0.16
C ILE B 425 6.81 27.55 1.28
N THR B 426 5.54 27.22 1.45
CA THR B 426 4.87 27.25 2.75
C THR B 426 4.25 25.89 2.99
N LEU B 427 4.65 25.30 4.12
CA LEU B 427 4.18 23.98 4.47
C LEU B 427 3.36 24.22 5.72
N LYS B 428 2.16 23.63 5.79
CA LYS B 428 1.36 23.90 6.98
C LYS B 428 1.09 22.50 7.46
N ILE B 429 1.79 22.06 8.51
CA ILE B 429 1.81 20.65 8.85
C ILE B 429 1.13 20.40 10.21
N ILE B 430 0.20 19.45 10.27
CA ILE B 430 -0.43 19.09 11.56
C ILE B 430 0.58 18.34 12.38
N GLU B 431 0.85 18.83 13.59
CA GLU B 431 1.77 18.18 14.52
C GLU B 431 1.03 18.13 15.82
N GLY B 432 0.54 16.95 16.17
CA GLY B 432 -0.30 16.75 17.35
C GLY B 432 -1.63 17.49 17.28
N ASN B 433 -1.75 18.49 18.14
CA ASN B 433 -2.97 19.22 18.40
C ASN B 433 -3.02 20.55 17.64
N THR B 434 -2.16 20.70 16.63
CA THR B 434 -1.91 22.03 16.13
C THR B 434 -1.28 22.04 14.73
N THR B 435 -1.49 23.12 14.01
CA THR B 435 -0.89 23.32 12.66
C THR B 435 0.35 24.23 12.79
N VAL B 436 1.51 23.73 12.36
CA VAL B 436 2.77 24.48 12.39
C VAL B 436 3.12 24.95 10.97
N ILE B 437 3.52 26.23 10.84
CA ILE B 437 3.80 26.83 9.53
C ILE B 437 5.30 26.93 9.35
N TYR B 438 5.80 26.27 8.30
CA TYR B 438 7.19 26.36 7.90
C TYR B 438 7.26 27.12 6.62
N LYS B 439 8.16 28.08 6.57
CA LYS B 439 8.37 28.88 5.34
C LYS B 439 9.76 28.71 4.81
N GLY B 440 9.91 28.52 3.51
CA GLY B 440 11.24 28.15 3.03
C GLY B 440 11.32 28.38 1.54
N VAL B 441 12.21 27.63 0.95
CA VAL B 441 12.52 27.77 -0.45
C VAL B 441 12.54 26.39 -1.05
N LEU B 442 12.11 26.35 -2.34
CA LEU B 442 12.19 25.16 -3.18
C LEU B 442 13.20 25.41 -4.27
N LEU B 443 14.01 24.41 -4.59
CA LEU B 443 14.95 24.50 -5.70
C LEU B 443 15.48 23.15 -6.20
N LYS B 444 16.25 23.23 -7.30
CA LYS B 444 16.92 22.08 -7.84
C LYS B 444 18.37 22.05 -7.29
N GLN B 445 18.85 20.93 -6.72
CA GLN B 445 20.22 20.83 -6.15
C GLN B 445 20.82 19.56 -6.60
N TRP B 446 22.14 19.46 -6.53
CA TRP B 446 22.83 18.24 -6.77
C TRP B 446 22.80 17.32 -5.56
N HIS B 447 22.21 16.15 -5.75
CA HIS B 447 22.15 15.10 -4.73
C HIS B 447 23.57 14.58 -4.50
N TYR B 448 24.11 14.89 -3.32
CA TYR B 448 25.57 14.69 -3.09
C TYR B 448 26.01 13.23 -3.25
N SER B 449 25.17 12.31 -2.80
CA SER B 449 25.45 10.89 -2.79
C SER B 449 24.92 10.21 -4.00
N GLU B 450 23.79 10.65 -4.48
CA GLU B 450 23.13 10.00 -5.62
C GLU B 450 23.63 10.50 -6.97
N LYS B 451 24.33 11.61 -6.98
CA LYS B 451 24.94 12.20 -8.19
C LYS B 451 23.98 12.45 -9.34
N LYS B 452 22.97 13.23 -9.01
CA LYS B 452 21.90 13.61 -9.91
C LYS B 452 21.24 14.85 -9.39
N TRP B 453 20.64 15.63 -10.28
CA TRP B 453 19.86 16.78 -9.82
C TRP B 453 18.50 16.36 -9.33
N VAL B 454 18.12 16.84 -8.15
CA VAL B 454 16.81 16.54 -7.56
C VAL B 454 16.14 17.81 -7.10
N THR B 455 14.82 17.79 -6.94
CA THR B 455 14.15 18.89 -6.26
C THR B 455 14.32 18.71 -4.75
N VAL B 456 14.62 19.81 -4.08
CA VAL B 456 14.67 19.87 -2.61
C VAL B 456 13.84 21.06 -2.09
N PHE B 457 13.42 21.06 -0.81
CA PHE B 457 13.03 22.25 -0.14
C PHE B 457 13.71 22.30 1.25
N THR B 458 13.79 23.48 1.75
CA THR B 458 14.32 23.73 3.09
C THR B 458 13.47 24.89 3.67
N ALA B 459 12.94 24.75 4.88
CA ALA B 459 11.99 25.69 5.47
C ALA B 459 12.12 25.73 6.99
N LEU B 460 11.55 26.73 7.55
CA LEU B 460 11.73 27.06 8.98
C LEU B 460 10.42 27.58 9.56
N SER B 461 10.05 27.03 10.73
CA SER B 461 8.93 27.53 11.48
C SER B 461 9.22 28.75 12.42
N ASN B 462 8.15 29.41 12.86
CA ASN B 462 8.30 30.48 13.81
C ASN B 462 8.83 29.96 15.13
N GLN B 463 8.85 28.66 15.41
CA GLN B 463 9.42 28.15 16.69
C GLN B 463 10.87 27.75 16.48
N GLY B 464 11.39 28.04 15.28
CA GLY B 464 12.82 27.93 14.98
C GLY B 464 13.27 26.52 14.57
N VAL B 465 12.34 25.67 14.12
CA VAL B 465 12.60 24.37 13.64
C VAL B 465 12.65 24.34 12.11
N SER B 466 13.69 23.67 11.62
CA SER B 466 14.01 23.47 10.21
C SER B 466 13.63 22.13 9.70
N VAL B 467 13.12 22.08 8.43
CA VAL B 467 12.70 20.85 7.85
C VAL B 467 13.30 20.89 6.42
N TRP B 468 13.79 19.76 5.98
CA TRP B 468 14.40 19.58 4.68
C TRP B 468 13.58 18.53 4.00
N GLY B 469 13.31 18.73 2.71
CA GLY B 469 12.74 17.68 1.90
C GLY B 469 13.56 17.46 0.64
N ILE B 470 13.81 16.20 0.36
CA ILE B 470 14.54 15.74 -0.79
C ILE B 470 13.67 14.82 -1.61
N ARG B 471 13.30 15.26 -2.80
CA ARG B 471 12.33 14.46 -3.63
C ARG B 471 13.01 13.18 -4.12
N VAL B 472 12.27 12.06 -4.04
CA VAL B 472 12.67 10.75 -4.51
C VAL B 472 12.25 10.73 -5.99
N GLU B 473 13.21 10.56 -6.91
CA GLU B 473 12.92 10.79 -8.36
C GLU B 473 13.18 9.55 -9.20
N GLN C 25 -1.42 1.48 36.14
CA GLN C 25 -1.07 0.44 35.12
C GLN C 25 -2.08 -0.71 35.18
N PRO C 26 -2.82 -0.92 34.06
CA PRO C 26 -4.03 -1.72 34.18
C PRO C 26 -3.75 -3.15 34.58
N THR C 27 -4.68 -3.75 35.32
CA THR C 27 -4.53 -5.14 35.73
C THR C 27 -5.76 -5.95 35.35
N PHE C 28 -5.60 -7.27 35.56
CA PHE C 28 -6.63 -8.27 35.29
C PHE C 28 -6.77 -9.33 36.40
N ARG C 29 -8.00 -9.71 36.63
CA ARG C 29 -8.27 -11.03 37.18
C ARG C 29 -9.56 -11.53 36.46
N TRP C 30 -9.42 -12.66 35.78
CA TRP C 30 -10.51 -13.14 34.90
C TRP C 30 -11.29 -14.28 35.48
N ALA C 31 -12.47 -14.45 34.87
CA ALA C 31 -13.57 -15.33 35.33
C ALA C 31 -13.63 -16.63 34.53
N VAL C 32 -14.67 -17.42 34.80
CA VAL C 32 -14.81 -18.74 34.12
C VAL C 32 -16.22 -18.78 33.61
N VAL C 33 -16.36 -18.41 32.36
CA VAL C 33 -17.66 -18.40 31.76
C VAL C 33 -17.48 -19.05 30.39
N HIS C 34 -18.11 -20.21 30.23
CA HIS C 34 -18.05 -20.94 28.95
C HIS C 34 -19.25 -20.40 28.21
N ASP C 35 -19.04 -20.00 26.95
CA ASP C 35 -20.09 -19.52 26.10
C ASP C 35 -20.61 -18.24 26.74
N PRO C 36 -19.70 -17.28 26.94
CA PRO C 36 -20.11 -16.06 27.64
C PRO C 36 -20.91 -15.13 26.76
N SER C 37 -22.11 -14.83 27.24
CA SER C 37 -23.03 -13.87 26.67
C SER C 37 -23.11 -12.62 27.55
N ILE C 38 -23.03 -11.45 26.88
CA ILE C 38 -22.93 -10.07 27.48
C ILE C 38 -24.22 -9.40 27.71
N ILE C 39 -24.27 -8.71 28.87
CA ILE C 39 -25.35 -7.85 29.37
C ILE C 39 -24.62 -6.79 30.14
N LYS C 40 -24.93 -5.56 29.80
CA LYS C 40 -24.77 -4.41 30.69
C LYS C 40 -26.23 -3.91 30.84
N VAL C 41 -26.73 -3.81 32.06
CA VAL C 41 -28.05 -3.17 32.27
C VAL C 41 -28.02 -1.72 32.78
N GLY C 42 -27.54 -1.47 33.98
CA GLY C 42 -26.85 -2.39 34.83
C GLY C 42 -25.56 -1.79 35.18
N ASN C 43 -25.47 -0.46 35.02
CA ASN C 43 -24.22 0.25 34.72
C ASN C 43 -22.99 -0.58 35.09
N MET C 44 -23.07 -1.87 34.74
CA MET C 44 -22.13 -2.91 35.16
C MET C 44 -22.34 -4.12 34.24
N TYR C 45 -21.22 -4.80 33.98
CA TYR C 45 -21.11 -5.82 32.93
C TYR C 45 -21.25 -7.23 33.45
N TYR C 46 -22.27 -7.93 32.96
CA TYR C 46 -22.43 -9.33 33.28
C TYR C 46 -22.29 -10.17 32.02
N VAL C 47 -21.52 -11.25 32.11
CA VAL C 47 -21.68 -12.34 31.17
C VAL C 47 -22.34 -13.55 31.84
N PHE C 48 -23.23 -14.21 31.10
CA PHE C 48 -23.80 -15.47 31.60
C PHE C 48 -23.42 -16.58 30.67
N GLY C 49 -22.94 -17.68 31.28
CA GLY C 49 -22.41 -18.87 30.58
C GLY C 49 -23.00 -20.25 30.87
N THR C 50 -22.52 -21.25 30.12
CA THR C 50 -22.94 -22.63 30.29
C THR C 50 -22.66 -23.04 31.71
N HIS C 51 -23.46 -23.98 32.21
CA HIS C 51 -23.39 -24.45 33.60
C HIS C 51 -23.71 -23.35 34.63
N LEU C 52 -24.47 -22.36 34.20
CA LEU C 52 -24.78 -21.14 34.97
C LEU C 52 -23.54 -20.46 35.59
N GLN C 53 -22.48 -20.39 34.79
CA GLN C 53 -21.32 -19.64 35.23
C GLN C 53 -21.67 -18.20 34.93
N VAL C 54 -21.61 -17.39 35.96
CA VAL C 54 -21.89 -15.98 35.87
C VAL C 54 -20.72 -15.20 36.50
N ALA C 55 -20.41 -14.06 35.88
CA ALA C 55 -19.30 -13.20 36.34
C ALA C 55 -19.72 -11.83 35.94
N LYS C 56 -19.09 -10.80 36.53
CA LYS C 56 -19.52 -9.43 36.27
C LYS C 56 -18.45 -8.40 36.65
N SER C 57 -18.66 -7.16 36.21
CA SER C 57 -17.69 -6.06 36.37
C SER C 57 -18.28 -4.72 35.96
N ASP C 59 -15.48 -2.83 34.85
CA ASP C 59 -14.62 -2.21 33.83
C ASP C 59 -14.25 -3.08 32.58
N LEU C 60 -14.56 -4.38 32.63
CA LEU C 60 -14.28 -5.39 31.52
C LEU C 60 -13.00 -6.17 31.77
N MET C 61 -12.35 -5.79 32.85
CA MET C 61 -10.99 -6.16 33.11
C MET C 61 -10.83 -6.96 34.42
N HIS C 62 -11.55 -6.54 35.46
CA HIS C 62 -11.54 -7.23 36.75
C HIS C 62 -12.91 -7.91 36.94
N TRP C 63 -12.93 -9.22 37.24
CA TRP C 63 -14.18 -10.02 37.23
C TRP C 63 -14.54 -10.67 38.58
N GLU C 64 -15.77 -10.44 39.02
CA GLU C 64 -16.27 -11.15 40.18
C GLU C 64 -17.23 -12.24 39.65
N GLN C 65 -16.83 -13.48 39.88
CA GLN C 65 -17.74 -14.62 39.77
C GLN C 65 -18.94 -14.47 40.74
N ILE C 66 -20.15 -14.60 40.17
CA ILE C 66 -21.43 -14.62 40.90
C ILE C 66 -21.74 -16.11 41.23
N ASN C 67 -21.48 -17.00 40.25
CA ASN C 67 -22.06 -18.35 40.20
C ASN C 67 -21.28 -19.23 39.22
N THR C 68 -21.12 -20.48 39.61
CA THR C 68 -20.18 -21.39 38.98
C THR C 68 -20.84 -22.67 38.44
N SER C 69 -21.70 -23.33 39.24
CA SER C 69 -22.41 -24.52 38.73
C SER C 69 -23.93 -24.36 38.79
N ALA C 70 -24.64 -25.29 38.16
CA ALA C 70 -26.10 -25.22 38.15
C ALA C 70 -26.72 -26.07 39.25
N HIS C 71 -26.09 -26.09 40.42
CA HIS C 71 -26.52 -26.99 41.48
C HIS C 71 -27.81 -26.56 42.19
N ASP C 72 -28.42 -27.51 42.92
CA ASP C 72 -29.75 -27.33 43.51
C ASP C 72 -29.92 -26.01 44.33
N LYS C 73 -28.90 -25.66 45.12
CA LYS C 73 -28.92 -24.38 45.89
C LYS C 73 -28.40 -23.11 45.16
N ASN C 74 -28.03 -23.16 43.88
CA ASN C 74 -27.56 -21.95 43.17
C ASN C 74 -28.62 -20.78 43.13
N PRO C 75 -28.17 -19.53 43.31
CA PRO C 75 -28.93 -18.26 43.42
C PRO C 75 -29.73 -17.85 42.21
N ILE C 76 -29.20 -18.19 41.04
CA ILE C 76 -29.71 -17.62 39.78
C ILE C 76 -30.92 -18.40 39.38
N ILE C 77 -30.78 -19.73 39.32
CA ILE C 77 -31.94 -20.61 39.11
C ILE C 77 -32.00 -21.61 40.26
N PRO C 78 -32.64 -21.23 41.38
CA PRO C 78 -32.71 -22.16 42.51
C PRO C 78 -33.54 -23.41 42.23
N ASN C 79 -33.04 -24.58 42.67
CA ASN C 79 -33.82 -25.80 42.54
C ASN C 79 -34.17 -26.08 41.07
N ILE C 80 -33.11 -25.97 40.24
CA ILE C 80 -33.21 -25.89 38.78
C ILE C 80 -33.88 -27.10 38.10
N ASN C 81 -33.74 -28.30 38.68
CA ASN C 81 -34.47 -29.51 38.17
C ASN C 81 -35.97 -29.45 38.29
N GLU C 82 -36.47 -28.69 39.24
CA GLU C 82 -37.87 -28.46 39.34
C GLU C 82 -38.32 -27.33 38.41
N GLU C 83 -37.64 -26.20 38.48
CA GLU C 83 -38.02 -24.97 37.74
C GLU C 83 -38.00 -25.12 36.24
N LEU C 84 -36.91 -25.67 35.71
CA LEU C 84 -36.78 -25.92 34.28
C LEU C 84 -36.99 -27.42 34.00
N LYS C 85 -37.88 -28.11 34.74
CA LYS C 85 -38.06 -29.56 34.44
C LYS C 85 -38.63 -29.82 33.01
N GLU C 86 -39.44 -28.92 32.45
CA GLU C 86 -39.86 -29.09 31.03
C GLU C 86 -38.68 -29.35 30.06
N THR C 87 -37.72 -28.42 30.02
CA THR C 87 -36.58 -28.51 29.09
C THR C 87 -35.56 -29.59 29.50
N LEU C 88 -35.28 -29.69 30.82
CA LEU C 88 -34.42 -30.76 31.31
C LEU C 88 -34.99 -32.17 30.96
N SER C 89 -36.28 -32.39 31.18
CA SER C 89 -36.91 -33.70 30.81
C SER C 89 -36.76 -34.07 29.32
N TRP C 90 -37.05 -33.12 28.46
CA TRP C 90 -36.91 -33.29 27.01
C TRP C 90 -35.51 -33.73 26.68
N ALA C 91 -34.53 -32.99 27.21
CA ALA C 91 -33.09 -33.22 26.99
C ALA C 91 -32.51 -34.41 27.73
N ARG C 92 -33.30 -35.01 28.64
CA ARG C 92 -32.92 -36.23 29.35
C ARG C 92 -31.66 -35.96 30.18
N THR C 93 -31.67 -34.83 30.85
CA THR C 93 -30.51 -34.40 31.59
C THR C 93 -30.98 -33.66 32.83
N ARG C 94 -30.03 -33.15 33.60
CA ARG C 94 -30.36 -32.46 34.84
C ARG C 94 -29.17 -31.63 35.29
N ASN C 95 -29.45 -30.61 36.10
CA ASN C 95 -28.43 -29.83 36.77
C ASN C 95 -27.43 -29.19 35.82
N ASP C 96 -27.96 -28.69 34.72
CA ASP C 96 -27.10 -28.06 33.73
C ASP C 96 -27.95 -27.34 32.70
N ILE C 97 -27.47 -26.20 32.25
CA ILE C 97 -28.05 -25.59 31.07
C ILE C 97 -26.86 -25.07 30.29
N TRP C 98 -27.06 -24.92 29.00
CA TRP C 98 -26.00 -24.56 28.09
C TRP C 98 -26.27 -23.16 27.52
N ALA C 99 -25.18 -22.44 27.31
CA ALA C 99 -25.19 -21.25 26.51
C ALA C 99 -26.38 -20.34 26.74
N PRO C 100 -26.53 -19.81 27.98
CA PRO C 100 -27.72 -18.99 28.11
C PRO C 100 -27.35 -17.59 27.65
N GLN C 101 -28.33 -16.79 27.27
CA GLN C 101 -28.12 -15.36 27.09
C GLN C 101 -29.29 -14.63 27.74
N VAL C 102 -28.97 -13.62 28.55
CA VAL C 102 -29.98 -12.78 29.19
C VAL C 102 -30.24 -11.51 28.37
N ILE C 103 -31.49 -11.07 28.38
CA ILE C 103 -31.83 -9.84 27.69
C ILE C 103 -33.08 -9.23 28.35
N GLN C 104 -33.00 -7.91 28.68
CA GLN C 104 -34.13 -7.00 29.01
C GLN C 104 -35.01 -6.86 27.76
N LEU C 105 -36.33 -7.12 27.86
CA LEU C 105 -37.34 -7.00 26.74
C LEU C 105 -38.33 -5.82 26.96
N SER C 106 -39.24 -5.52 26.00
CA SER C 106 -40.08 -4.27 26.01
C SER C 106 -40.91 -4.12 27.26
N ASP C 107 -41.28 -5.27 27.83
CA ASP C 107 -42.05 -5.33 29.09
C ASP C 107 -41.16 -4.97 30.28
N GLY C 108 -39.86 -4.77 30.01
CA GLY C 108 -38.94 -4.29 31.01
C GLY C 108 -38.22 -5.39 31.79
N ARG C 109 -38.67 -6.65 31.70
CA ARG C 109 -37.99 -7.72 32.46
C ARG C 109 -36.85 -8.33 31.64
N TYR C 110 -35.81 -8.83 32.34
CA TYR C 110 -34.79 -9.77 31.83
C TYR C 110 -35.31 -11.20 31.50
N TYR C 111 -34.99 -11.70 30.31
CA TYR C 111 -35.44 -13.00 29.85
C TYR C 111 -34.18 -13.80 29.46
N MET C 112 -33.97 -14.97 30.07
CA MET C 112 -32.75 -15.77 29.85
C MET C 112 -33.02 -16.99 28.98
N TYR C 113 -32.38 -16.96 27.82
CA TYR C 113 -32.64 -17.86 26.73
C TYR C 113 -31.53 -18.87 26.88
N TYR C 114 -31.89 -20.12 26.77
CA TYR C 114 -30.90 -21.13 27.09
C TYR C 114 -31.24 -22.42 26.45
N CYS C 115 -30.31 -23.36 26.54
CA CYS C 115 -30.57 -24.71 25.99
C CYS C 115 -30.22 -25.87 26.95
N ALA C 116 -30.95 -26.96 26.77
CA ALA C 116 -30.70 -28.19 27.50
C ALA C 116 -30.51 -29.30 26.45
N SER C 117 -29.53 -30.18 26.70
CA SER C 117 -29.15 -31.17 25.74
C SER C 117 -28.08 -32.09 26.39
N THR C 118 -27.64 -33.11 25.67
CA THR C 118 -26.50 -33.92 26.11
C THR C 118 -25.48 -33.99 25.03
N PHE C 119 -24.28 -34.38 25.40
CA PHE C 119 -23.10 -34.36 24.49
C PHE C 119 -23.31 -35.10 23.17
N GLY C 120 -23.24 -34.40 22.06
CA GLY C 120 -23.27 -35.03 20.73
C GLY C 120 -24.66 -35.40 20.22
N SER C 121 -25.71 -34.96 20.92
CA SER C 121 -27.07 -35.40 20.67
C SER C 121 -27.91 -34.27 20.12
N PRO C 122 -28.81 -34.58 19.17
CA PRO C 122 -29.78 -33.62 18.65
C PRO C 122 -31.09 -33.55 19.45
N ARG C 123 -31.14 -34.28 20.58
CA ARG C 123 -32.29 -34.17 21.44
C ARG C 123 -32.08 -33.01 22.42
N SER C 124 -32.58 -31.86 22.04
CA SER C 124 -32.34 -30.65 22.79
C SER C 124 -33.53 -29.74 22.77
N ALA C 125 -33.53 -28.75 23.66
CA ALA C 125 -34.58 -27.77 23.62
C ALA C 125 -34.04 -26.38 23.99
N ILE C 126 -34.58 -25.36 23.31
CA ILE C 126 -34.31 -24.00 23.76
C ILE C 126 -35.39 -23.49 24.67
N GLY C 127 -34.99 -23.02 25.85
CA GLY C 127 -35.96 -22.47 26.81
C GLY C 127 -35.67 -21.05 27.16
N ILE C 128 -36.58 -20.52 27.98
CA ILE C 128 -36.61 -19.10 28.34
C ILE C 128 -37.09 -19.04 29.76
N ALA C 129 -36.28 -18.37 30.57
CA ALA C 129 -36.61 -18.07 31.96
C ALA C 129 -36.61 -16.56 32.17
N VAL C 130 -37.48 -16.09 33.05
CA VAL C 130 -37.69 -14.65 33.19
C VAL C 130 -37.51 -14.24 34.64
N SER C 131 -36.69 -13.22 34.89
CA SER C 131 -36.67 -12.56 36.18
C SER C 131 -36.92 -11.06 36.10
N ASP C 132 -36.99 -10.41 37.28
CA ASP C 132 -37.20 -8.96 37.33
C ASP C 132 -35.92 -8.20 37.64
N ASP C 133 -35.06 -8.76 38.51
CA ASP C 133 -33.65 -8.31 38.66
C ASP C 133 -32.65 -9.17 37.82
N ILE C 134 -31.42 -8.67 37.72
CA ILE C 134 -30.43 -9.20 36.79
C ILE C 134 -29.69 -10.43 37.29
N GLU C 135 -29.59 -10.61 38.60
CA GLU C 135 -28.99 -11.81 39.17
C GLU C 135 -30.07 -12.88 39.54
N GLY C 136 -31.34 -12.63 39.20
CA GLY C 136 -32.41 -13.59 39.44
C GLY C 136 -33.11 -13.43 40.78
N PRO C 137 -33.89 -14.44 41.22
CA PRO C 137 -34.13 -15.75 40.55
C PRO C 137 -35.00 -15.70 39.27
N TYR C 138 -34.61 -16.47 38.25
CA TYR C 138 -35.44 -16.62 37.05
C TYR C 138 -36.40 -17.79 37.25
N LYS C 139 -37.61 -17.66 36.75
CA LYS C 139 -38.59 -18.72 36.82
C LYS C 139 -38.72 -19.21 35.40
N HIS C 140 -39.05 -20.47 35.23
CA HIS C 140 -39.56 -20.89 33.94
C HIS C 140 -40.60 -19.96 33.27
N TYR C 141 -40.37 -19.60 32.01
CA TYR C 141 -41.33 -18.81 31.24
C TYR C 141 -41.87 -19.59 30.06
N ALA C 142 -41.00 -20.18 29.26
CA ALA C 142 -41.46 -20.91 28.08
C ALA C 142 -40.39 -21.90 27.55
N VAL C 143 -40.89 -22.93 26.87
CA VAL C 143 -40.08 -23.76 25.98
C VAL C 143 -40.38 -23.32 24.58
N ILE C 144 -39.36 -23.00 23.78
CA ILE C 144 -39.71 -22.42 22.47
C ILE C 144 -39.27 -23.16 21.26
N VAL C 145 -38.25 -24.01 21.35
CA VAL C 145 -37.83 -24.83 20.18
C VAL C 145 -37.32 -26.19 20.64
N LYS C 146 -37.78 -27.23 19.99
CA LYS C 146 -37.35 -28.61 20.27
C LYS C 146 -36.75 -29.31 19.06
N SER C 147 -35.71 -30.11 19.29
CA SER C 147 -35.19 -31.03 18.28
C SER C 147 -35.10 -32.45 18.91
N GLY C 148 -35.01 -33.48 18.06
CA GLY C 148 -34.84 -34.83 18.50
C GLY C 148 -36.21 -35.52 18.69
N GLN C 149 -37.27 -34.93 18.15
CA GLN C 149 -38.61 -35.57 18.29
C GLN C 149 -38.56 -37.02 17.74
N VAL C 150 -39.20 -37.96 18.47
CA VAL C 150 -39.39 -39.36 18.02
C VAL C 150 -40.84 -39.39 17.56
N TYR C 151 -41.08 -39.68 16.30
CA TYR C 151 -42.39 -39.44 15.71
C TYR C 151 -43.58 -40.04 16.46
N SER C 152 -43.53 -41.35 16.70
CA SER C 152 -44.64 -42.04 17.32
C SER C 152 -45.03 -41.50 18.68
N VAL C 153 -44.07 -40.86 19.37
CA VAL C 153 -44.32 -40.40 20.76
C VAL C 153 -44.47 -38.89 20.89
N ASP C 154 -43.58 -38.14 20.22
CA ASP C 154 -43.55 -36.69 20.19
C ASP C 154 -44.27 -36.02 19.00
N GLY C 155 -44.56 -36.77 17.93
CA GLY C 155 -44.96 -36.15 16.70
C GLY C 155 -43.85 -35.50 15.88
N PRO C 156 -44.26 -34.76 14.84
CA PRO C 156 -43.31 -34.10 13.94
C PRO C 156 -42.38 -33.08 14.59
N SER C 157 -41.33 -32.76 13.82
CA SER C 157 -40.48 -31.63 14.14
C SER C 157 -41.27 -30.31 14.04
N GLU C 158 -40.61 -29.24 14.48
CA GLU C 158 -41.19 -27.89 14.39
C GLU C 158 -41.74 -27.51 13.02
N ASP C 159 -41.16 -28.05 11.95
CA ASP C 159 -41.60 -27.67 10.60
C ASP C 159 -42.70 -28.60 10.10
N GLY C 160 -43.19 -29.48 10.97
CA GLY C 160 -44.27 -30.37 10.54
C GLY C 160 -43.85 -31.65 9.83
N THR C 161 -42.58 -31.85 9.51
CA THR C 161 -42.07 -33.12 8.94
C THR C 161 -41.32 -33.89 10.04
N PRO C 162 -41.05 -35.19 9.84
CA PRO C 162 -40.39 -35.94 10.92
C PRO C 162 -39.00 -35.36 11.16
N TYR C 163 -38.62 -35.23 12.42
CA TYR C 163 -37.27 -34.80 12.73
C TYR C 163 -36.21 -35.70 12.09
N ASP C 164 -35.20 -35.04 11.53
CA ASP C 164 -34.10 -35.67 10.87
C ASP C 164 -32.90 -34.75 11.14
N SER C 165 -31.94 -35.29 11.88
CA SER C 165 -30.86 -34.47 12.41
C SER C 165 -29.93 -33.96 11.30
N ARG C 166 -30.05 -34.52 10.09
CA ARG C 166 -29.24 -34.06 8.97
C ARG C 166 -29.83 -32.82 8.39
N LYS C 167 -31.16 -32.75 8.33
CA LYS C 167 -31.78 -31.53 7.75
C LYS C 167 -32.22 -30.50 8.75
N HIS C 168 -32.45 -30.90 9.99
CA HIS C 168 -32.99 -30.01 11.01
C HIS C 168 -31.91 -29.62 11.95
N PRO C 169 -32.01 -28.42 12.52
CA PRO C 169 -30.99 -27.94 13.42
C PRO C 169 -31.11 -28.67 14.73
N ASN C 170 -30.05 -28.52 15.50
CA ASN C 170 -30.01 -28.88 16.88
C ASN C 170 -30.53 -27.67 17.58
N ALA C 171 -31.45 -27.85 18.54
CA ALA C 171 -32.00 -26.73 19.23
C ALA C 171 -31.04 -26.27 20.34
N LEU C 172 -29.99 -25.57 19.97
CA LEU C 172 -28.92 -25.18 20.93
C LEU C 172 -28.46 -23.76 20.63
N ASP C 173 -27.80 -23.11 21.59
CA ASP C 173 -26.99 -21.88 21.35
C ASP C 173 -27.73 -20.62 20.94
N PRO C 174 -28.76 -20.21 21.72
CA PRO C 174 -29.58 -19.13 21.20
C PRO C 174 -28.86 -17.77 21.17
N GLY C 175 -29.09 -16.97 20.15
CA GLY C 175 -28.50 -15.61 20.07
C GLY C 175 -29.57 -14.59 19.88
N VAL C 176 -29.86 -13.87 20.95
CA VAL C 176 -31.00 -12.97 20.93
C VAL C 176 -30.49 -11.52 20.78
N PHE C 177 -31.17 -10.83 19.91
CA PHE C 177 -30.82 -9.46 19.67
C PHE C 177 -31.99 -8.65 19.23
N TYR C 178 -32.10 -7.50 19.91
CA TYR C 178 -32.88 -6.42 19.41
C TYR C 178 -32.20 -5.96 18.13
N ASP C 179 -32.93 -5.88 17.01
CA ASP C 179 -32.33 -5.33 15.80
C ASP C 179 -32.39 -3.77 15.91
N LYS C 180 -31.75 -3.05 14.98
CA LYS C 180 -31.69 -1.58 15.05
C LYS C 180 -33.06 -0.88 15.03
N GLU C 181 -34.04 -1.52 14.36
CA GLU C 181 -35.43 -1.07 14.24
C GLU C 181 -36.33 -1.93 15.15
N GLY C 182 -35.94 -2.03 16.43
CA GLY C 182 -36.81 -2.59 17.50
C GLY C 182 -37.34 -4.03 17.48
N ASN C 183 -37.34 -4.74 16.34
CA ASN C 183 -37.87 -6.12 16.34
C ASN C 183 -36.92 -7.13 16.95
N LEU C 184 -37.43 -8.34 17.22
CA LEU C 184 -36.67 -9.33 18.01
C LEU C 184 -36.36 -10.55 17.18
N TRP C 185 -35.15 -11.06 17.40
CA TRP C 185 -34.58 -12.19 16.62
C TRP C 185 -33.82 -13.11 17.49
N MET C 186 -33.83 -14.39 17.11
CA MET C 186 -33.03 -15.35 17.82
C MET C 186 -32.29 -16.10 16.75
N VAL C 187 -30.95 -15.97 16.74
CA VAL C 187 -30.14 -16.85 15.91
C VAL C 187 -29.79 -18.07 16.75
N TYR C 188 -29.68 -19.25 16.12
CA TYR C 188 -29.36 -20.47 16.94
C TYR C 188 -28.85 -21.61 16.07
N GLY C 189 -28.37 -22.70 16.71
CA GLY C 189 -27.79 -23.83 16.01
C GLY C 189 -26.47 -24.34 16.50
N SER C 190 -26.26 -25.61 16.19
CA SER C 190 -24.99 -26.26 16.38
C SER C 190 -24.90 -27.58 15.65
N TRP C 191 -23.94 -27.68 14.71
CA TRP C 191 -23.76 -28.84 13.85
C TRP C 191 -25.06 -29.28 13.15
N PHE C 192 -25.31 -30.58 13.00
CA PHE C 192 -26.59 -31.05 12.44
C PHE C 192 -27.14 -30.18 11.23
N GLY C 193 -28.37 -29.74 11.25
CA GLY C 193 -28.96 -29.04 10.10
C GLY C 193 -28.54 -27.63 9.81
N GLY C 194 -27.76 -27.05 10.73
CA GLY C 194 -27.15 -25.72 10.51
C GLY C 194 -27.57 -24.65 11.49
N ILE C 195 -27.35 -23.41 11.07
CA ILE C 195 -27.63 -22.23 11.80
C ILE C 195 -28.89 -21.55 11.22
N TYR C 196 -29.80 -21.22 12.12
CA TYR C 196 -31.20 -20.79 11.77
C TYR C 196 -31.55 -19.56 12.54
N ILE C 197 -32.43 -18.78 11.98
CA ILE C 197 -32.87 -17.59 12.64
C ILE C 197 -34.40 -17.49 12.63
N LEU C 198 -34.94 -17.12 13.79
CA LEU C 198 -36.40 -17.11 13.99
C LEU C 198 -36.80 -15.73 14.33
N LYS C 199 -37.93 -15.26 13.76
CA LYS C 199 -38.47 -13.98 14.22
C LYS C 199 -39.33 -14.24 15.44
N LEU C 200 -39.06 -13.41 16.44
CA LEU C 200 -39.71 -13.43 17.72
C LEU C 200 -40.79 -12.34 17.89
N ASP C 201 -41.62 -12.51 18.92
CA ASP C 201 -42.57 -11.48 19.33
C ASP C 201 -41.83 -10.46 20.19
N PRO C 202 -41.65 -9.25 19.62
CA PRO C 202 -41.03 -8.30 20.50
C PRO C 202 -41.78 -8.21 21.83
N ASN C 203 -43.10 -8.43 21.79
CA ASN C 203 -43.97 -8.42 22.97
C ASN C 203 -43.70 -9.53 23.97
N THR C 204 -43.52 -10.77 23.50
CA THR C 204 -43.51 -11.93 24.42
C THR C 204 -42.19 -12.67 24.52
N GLY C 205 -41.30 -12.42 23.55
CA GLY C 205 -40.04 -13.18 23.41
C GLY C 205 -40.22 -14.53 22.67
N LEU C 206 -41.46 -14.86 22.27
CA LEU C 206 -41.79 -16.15 21.68
C LEU C 206 -41.76 -16.08 20.16
N PRO C 207 -41.41 -17.20 19.49
CA PRO C 207 -41.45 -17.26 18.03
C PRO C 207 -42.82 -16.89 17.46
N LEU C 208 -42.83 -16.01 16.46
CA LEU C 208 -44.06 -15.73 15.74
C LEU C 208 -44.48 -17.02 15.07
N PRO C 209 -45.80 -17.24 14.90
CA PRO C 209 -46.29 -18.51 14.38
C PRO C 209 -45.95 -18.80 12.91
N GLY C 210 -45.86 -20.08 12.57
CA GLY C 210 -45.74 -20.49 11.20
C GLY C 210 -44.35 -20.50 10.63
N GLN C 211 -43.33 -20.32 11.48
CA GLN C 211 -41.93 -20.27 10.97
C GLN C 211 -41.22 -21.60 11.00
N GLY C 212 -41.77 -22.57 11.75
CA GLY C 212 -41.06 -23.81 11.95
C GLY C 212 -39.72 -23.56 12.66
N TYR C 213 -38.63 -24.02 12.04
CA TYR C 213 -37.28 -23.82 12.58
C TYR C 213 -36.65 -22.44 12.27
N GLY C 214 -37.33 -21.68 11.42
CA GLY C 214 -36.82 -20.47 10.84
C GLY C 214 -36.16 -20.65 9.47
N LYS C 215 -35.24 -19.74 9.21
CA LYS C 215 -34.55 -19.61 7.91
C LYS C 215 -33.08 -19.99 8.15
N ARG C 216 -32.58 -20.90 7.34
CA ARG C 216 -31.17 -21.33 7.40
C ARG C 216 -30.28 -20.21 6.90
N LEU C 217 -29.43 -19.71 7.77
CA LEU C 217 -28.42 -18.72 7.38
C LEU C 217 -27.10 -19.33 6.92
N VAL C 218 -26.71 -20.45 7.52
CA VAL C 218 -25.47 -21.08 7.17
C VAL C 218 -25.47 -22.53 7.62
N GLY C 219 -24.52 -23.29 7.08
CA GLY C 219 -24.32 -24.68 7.49
C GLY C 219 -25.34 -25.64 6.89
N GLY C 220 -25.53 -26.78 7.59
CA GLY C 220 -26.21 -27.95 7.04
C GLY C 220 -25.33 -29.18 6.84
N ASN C 221 -26.01 -30.31 6.73
CA ASN C 221 -25.36 -31.59 6.50
C ASN C 221 -24.22 -31.84 7.53
N HIS C 222 -24.48 -31.57 8.81
CA HIS C 222 -23.50 -31.87 9.93
C HIS C 222 -22.19 -31.06 9.87
N SER C 223 -22.29 -29.81 9.37
CA SER C 223 -21.16 -28.86 9.26
C SER C 223 -20.73 -28.40 10.65
N SER C 224 -19.42 -28.28 10.85
CA SER C 224 -18.80 -27.96 12.12
C SER C 224 -18.84 -26.48 12.48
N MET C 225 -20.01 -26.02 12.87
CA MET C 225 -20.22 -24.64 13.31
C MET C 225 -21.33 -24.58 14.31
N GLU C 226 -21.15 -23.66 15.25
CA GLU C 226 -22.11 -23.42 16.28
C GLU C 226 -21.83 -22.04 16.95
N GLY C 227 -22.57 -21.76 18.02
CA GLY C 227 -22.47 -20.47 18.70
C GLY C 227 -22.76 -19.21 17.88
N PRO C 228 -23.86 -19.17 17.12
CA PRO C 228 -24.05 -17.95 16.29
C PRO C 228 -24.37 -16.73 17.16
N TYR C 229 -23.90 -15.53 16.79
CA TYR C 229 -24.34 -14.33 17.52
C TYR C 229 -24.38 -13.17 16.53
N ILE C 230 -25.32 -12.26 16.69
CA ILE C 230 -25.45 -11.23 15.68
C ILE C 230 -25.33 -9.88 16.40
N LEU C 231 -24.59 -8.95 15.79
CA LEU C 231 -24.36 -7.60 16.38
C LEU C 231 -24.63 -6.60 15.27
N TYR C 232 -25.36 -5.53 15.58
CA TYR C 232 -25.55 -4.45 14.59
C TYR C 232 -24.61 -3.35 15.08
N SER C 233 -24.03 -2.67 14.10
CA SER C 233 -23.04 -1.66 14.32
C SER C 233 -23.67 -0.36 13.89
N PRO C 234 -23.80 0.62 14.82
CA PRO C 234 -24.04 2.03 14.43
C PRO C 234 -22.95 2.56 13.46
N ASP C 235 -21.69 2.38 13.84
CA ASP C 235 -20.57 2.89 13.00
C ASP C 235 -20.71 2.53 11.50
N THR C 236 -21.20 1.32 11.17
CA THR C 236 -21.27 0.86 9.76
C THR C 236 -22.66 0.37 9.31
N ASP C 237 -23.65 0.25 10.22
CA ASP C 237 -25.03 -0.12 9.81
C ASP C 237 -25.12 -1.45 9.03
N TYR C 238 -24.21 -2.38 9.31
CA TYR C 238 -24.34 -3.74 8.79
C TYR C 238 -24.70 -4.57 10.00
N TYR C 239 -25.27 -5.76 9.84
CA TYR C 239 -25.37 -6.67 10.97
C TYR C 239 -24.24 -7.68 10.78
N TYR C 240 -23.54 -8.02 11.86
CA TYR C 240 -22.42 -8.97 11.84
C TYR C 240 -22.75 -10.29 12.52
N LEU C 241 -22.72 -11.37 11.73
CA LEU C 241 -22.88 -12.73 12.27
C LEU C 241 -21.55 -13.39 12.66
N PHE C 242 -21.44 -13.65 13.95
CA PHE C 242 -20.34 -14.36 14.52
C PHE C 242 -20.69 -15.85 14.57
N LEU C 243 -19.67 -16.67 14.37
CA LEU C 243 -19.79 -18.14 14.45
C LEU C 243 -18.49 -18.72 14.92
N SER C 244 -18.57 -19.92 15.49
CA SER C 244 -17.44 -20.71 15.80
C SER C 244 -17.42 -21.99 14.98
N PHE C 245 -16.34 -22.19 14.26
CA PHE C 245 -16.15 -23.36 13.45
C PHE C 245 -15.28 -24.31 14.22
N GLY C 246 -15.39 -25.60 13.95
CA GLY C 246 -14.47 -26.50 14.60
C GLY C 246 -15.02 -27.14 15.89
N GLY C 247 -14.14 -27.78 16.65
CA GLY C 247 -14.50 -28.37 17.93
C GLY C 247 -13.93 -27.53 19.07
N LEU C 248 -14.69 -27.42 20.17
CA LEU C 248 -14.35 -26.58 21.33
C LEU C 248 -13.12 -27.00 22.13
N ASP C 249 -12.76 -28.27 22.00
CA ASP C 249 -11.79 -28.87 22.90
C ASP C 249 -10.40 -28.43 22.48
N TYR C 250 -9.38 -28.87 23.21
CA TYR C 250 -8.02 -28.39 22.90
C TYR C 250 -7.55 -28.72 21.49
N ARG C 251 -7.90 -29.87 20.94
CA ARG C 251 -7.47 -30.15 19.57
C ARG C 251 -8.58 -29.95 18.52
N GLY C 252 -9.67 -29.30 18.89
CA GLY C 252 -10.78 -29.15 17.94
C GLY C 252 -10.63 -28.03 16.94
N GLY C 253 -9.61 -27.19 17.11
CA GLY C 253 -9.38 -26.11 16.14
C GLY C 253 -10.47 -25.02 16.13
N TYR C 254 -11.12 -24.77 17.29
CA TYR C 254 -12.21 -23.76 17.43
C TYR C 254 -11.67 -22.42 17.02
N ASN C 255 -12.49 -21.71 16.24
CA ASN C 255 -12.08 -20.38 15.82
C ASN C 255 -13.29 -19.55 15.49
N ILE C 256 -13.11 -18.23 15.56
CA ILE C 256 -14.25 -17.30 15.38
C ILE C 256 -14.21 -16.79 13.95
N ARG C 257 -15.39 -16.89 13.34
CA ARG C 257 -15.69 -16.40 11.97
C ARG C 257 -16.77 -15.31 12.00
N VAL C 258 -16.68 -14.37 11.06
CA VAL C 258 -17.53 -13.27 10.92
C VAL C 258 -17.98 -13.16 9.44
N ALA C 259 -19.25 -12.78 9.27
CA ALA C 259 -19.86 -12.45 8.02
C ALA C 259 -20.81 -11.29 8.35
N ARG C 260 -21.35 -10.64 7.32
CA ARG C 260 -22.22 -9.47 7.48
C ARG C 260 -23.32 -9.37 6.42
N SER C 261 -24.40 -8.69 6.82
CA SER C 261 -25.56 -8.46 5.97
C SER C 261 -26.13 -7.14 6.34
N LYS C 262 -26.80 -6.54 5.35
CA LYS C 262 -27.64 -5.35 5.54
C LYS C 262 -28.90 -5.68 6.37
N ASN C 263 -29.33 -6.95 6.37
CA ASN C 263 -30.54 -7.38 7.07
C ASN C 263 -30.21 -8.23 8.28
N PRO C 264 -31.04 -8.17 9.33
CA PRO C 264 -30.73 -9.01 10.51
C PRO C 264 -30.75 -10.52 10.17
N ASN C 265 -31.51 -10.88 9.15
CA ASN C 265 -31.80 -12.28 8.84
C ASN C 265 -31.15 -12.64 7.53
N GLY C 266 -30.10 -11.88 7.18
CA GLY C 266 -29.28 -12.21 6.04
C GLY C 266 -29.90 -11.89 4.69
N PRO C 267 -29.39 -12.52 3.61
CA PRO C 267 -28.23 -13.44 3.62
C PRO C 267 -26.95 -12.74 4.06
N TYR C 268 -26.04 -13.56 4.57
CA TYR C 268 -24.80 -13.05 5.14
C TYR C 268 -23.69 -13.40 4.18
N TYR C 269 -22.72 -12.50 4.06
CA TYR C 269 -21.70 -12.57 3.03
C TYR C 269 -20.36 -12.40 3.71
N ASP C 270 -19.29 -13.01 3.18
CA ASP C 270 -17.93 -12.88 3.78
C ASP C 270 -17.14 -11.81 3.03
N PRO C 271 -15.91 -11.46 3.51
CA PRO C 271 -15.16 -10.41 2.80
C PRO C 271 -14.82 -10.74 1.34
N GLU C 272 -14.69 -12.02 1.00
CA GLU C 272 -14.55 -12.43 -0.39
C GLU C 272 -15.84 -12.14 -1.24
N GLY C 273 -16.96 -11.91 -0.55
CA GLY C 273 -18.26 -11.74 -1.22
C GLY C 273 -18.99 -13.06 -1.41
N LYS C 274 -18.48 -14.14 -0.81
CA LYS C 274 -19.19 -15.42 -0.91
C LYS C 274 -20.40 -15.43 0.05
N SER C 275 -21.49 -16.09 -0.36
CA SER C 275 -22.62 -16.26 0.52
C SER C 275 -22.37 -17.37 1.55
N MET C 276 -22.69 -17.07 2.82
CA MET C 276 -22.66 -18.04 3.91
C MET C 276 -23.79 -19.06 3.80
N GLU C 277 -24.80 -18.80 2.96
CA GLU C 277 -25.76 -19.88 2.68
C GLU C 277 -25.08 -21.10 1.98
N ASN C 278 -24.01 -20.93 1.17
CA ASN C 278 -23.32 -22.04 0.58
C ASN C 278 -22.24 -22.59 1.47
N CYS C 279 -22.09 -22.03 2.66
CA CYS C 279 -21.03 -22.52 3.56
C CYS C 279 -21.51 -23.76 4.30
N MET C 280 -21.21 -24.92 3.72
CA MET C 280 -21.56 -26.21 4.31
C MET C 280 -20.73 -27.32 3.66
N GLY C 281 -20.48 -28.39 4.42
CA GLY C 281 -19.70 -29.53 3.94
C GLY C 281 -18.70 -29.92 5.03
N SER C 282 -17.67 -30.63 4.60
CA SER C 282 -16.48 -30.90 5.38
C SER C 282 -15.78 -29.67 6.01
N LYS C 283 -14.93 -29.97 6.99
CA LYS C 283 -14.15 -28.88 7.58
C LYS C 283 -13.32 -28.16 6.50
N THR C 284 -12.72 -28.89 5.58
CA THR C 284 -11.93 -28.26 4.54
C THR C 284 -12.80 -27.23 3.81
N VAL C 285 -13.97 -27.69 3.36
CA VAL C 285 -14.86 -26.84 2.56
C VAL C 285 -15.37 -25.63 3.31
N ILE C 286 -15.89 -25.81 4.50
CA ILE C 286 -16.42 -24.67 5.22
C ILE C 286 -15.28 -23.69 5.56
N SER C 287 -14.05 -24.18 5.69
CA SER C 287 -12.91 -23.32 6.08
C SER C 287 -12.69 -22.18 5.04
N ASN C 288 -13.19 -22.38 3.84
CA ASN C 288 -13.03 -21.35 2.83
C ASN C 288 -13.90 -20.13 3.01
N TYR C 289 -14.86 -20.18 3.93
CA TYR C 289 -15.88 -19.12 4.16
C TYR C 289 -15.64 -18.33 5.44
N GLY C 290 -16.04 -17.06 5.35
CA GLY C 290 -16.04 -16.15 6.44
C GLY C 290 -14.69 -15.53 6.74
N ALA C 291 -14.75 -14.50 7.56
CA ALA C 291 -13.60 -13.78 8.00
C ALA C 291 -13.15 -14.54 9.23
N LYS C 292 -12.00 -15.20 9.19
CA LYS C 292 -11.52 -15.82 10.39
C LYS C 292 -10.83 -14.79 11.31
N LEU C 293 -11.43 -14.54 12.46
CA LEU C 293 -10.90 -13.47 13.37
C LEU C 293 -9.66 -13.87 14.17
N VAL C 294 -9.65 -15.12 14.62
CA VAL C 294 -8.54 -15.56 15.46
C VAL C 294 -8.59 -17.05 15.48
N GLY C 295 -7.40 -17.66 15.52
CA GLY C 295 -7.22 -19.13 15.63
C GLY C 295 -6.24 -19.46 16.81
N ASN C 296 -5.56 -20.59 16.74
CA ASN C 296 -4.57 -20.92 17.80
C ASN C 296 -3.25 -20.21 17.52
N PHE C 297 -2.69 -19.56 18.54
CA PHE C 297 -1.39 -18.88 18.40
C PHE C 297 -0.67 -18.88 19.75
N ILE C 298 0.65 -18.70 19.76
CA ILE C 298 1.31 -18.28 21.01
C ILE C 298 2.35 -17.22 20.65
N LEU C 299 2.41 -16.17 21.44
CA LEU C 299 3.38 -15.07 21.21
C LEU C 299 4.80 -15.43 21.71
N SER C 300 5.43 -16.41 21.08
CA SER C 300 6.76 -16.89 21.50
C SER C 300 7.60 -17.31 20.32
N ALA C 309 3.85 -16.22 28.60
CA ALA C 309 3.53 -16.08 27.19
C ALA C 309 2.04 -15.83 26.99
N PHE C 310 1.73 -14.95 26.05
CA PHE C 310 0.34 -14.75 25.66
C PHE C 310 0.08 -15.73 24.54
N GLY C 311 -0.97 -16.53 24.67
CA GLY C 311 -1.37 -17.45 23.61
C GLY C 311 -2.74 -18.03 23.91
N TYR C 312 -3.53 -18.33 22.87
CA TYR C 312 -4.84 -18.93 23.04
C TYR C 312 -4.95 -20.23 22.23
N VAL C 313 -5.84 -21.12 22.69
CA VAL C 313 -6.17 -22.35 21.99
C VAL C 313 -7.70 -22.47 22.02
N SER C 314 -8.25 -22.90 20.88
CA SER C 314 -9.71 -22.96 20.71
C SER C 314 -10.53 -21.75 21.26
N PRO C 315 -10.11 -20.54 20.92
CA PRO C 315 -10.90 -19.39 21.29
C PRO C 315 -12.28 -19.36 20.57
N GLY C 316 -13.37 -19.22 21.30
CA GLY C 316 -14.68 -19.37 20.60
C GLY C 316 -15.90 -19.16 21.41
N HIS C 317 -17.03 -19.48 20.77
CA HIS C 317 -18.36 -19.19 21.21
C HIS C 317 -18.52 -17.81 21.87
N ASN C 318 -18.62 -16.82 21.00
CA ASN C 318 -18.63 -15.47 21.49
C ASN C 318 -19.93 -14.67 21.43
N SER C 319 -19.93 -13.55 22.17
CA SER C 319 -20.95 -12.52 22.03
C SER C 319 -20.23 -11.20 21.77
N ALA C 320 -20.99 -10.15 21.49
CA ALA C 320 -20.35 -8.85 21.39
C ALA C 320 -21.29 -7.72 21.80
N TYR C 321 -20.68 -6.55 22.05
CA TYR C 321 -21.38 -5.42 22.66
C TYR C 321 -21.02 -4.11 21.96
N THR C 326 -18.50 5.61 24.66
CA THR C 326 -17.17 5.48 24.06
C THR C 326 -17.14 5.31 22.50
N GLY C 327 -18.27 4.90 21.91
CA GLY C 327 -18.35 4.63 20.46
C GLY C 327 -17.64 3.34 20.06
N LYS C 328 -17.38 2.50 21.04
CA LYS C 328 -16.50 1.36 20.91
C LYS C 328 -17.21 -0.01 20.91
N TYR C 329 -16.50 -1.01 20.37
CA TYR C 329 -17.02 -2.36 20.12
C TYR C 329 -16.27 -3.38 20.95
N PHE C 330 -16.97 -4.41 21.49
CA PHE C 330 -16.28 -5.46 22.23
C PHE C 330 -16.77 -6.87 21.88
N ILE C 331 -15.84 -7.83 21.98
CA ILE C 331 -16.08 -9.30 21.80
C ILE C 331 -15.72 -9.99 23.12
N PHE C 332 -16.62 -10.86 23.61
CA PHE C 332 -16.40 -11.65 24.78
C PHE C 332 -16.38 -13.09 24.36
N PHE C 333 -15.42 -13.83 24.87
CA PHE C 333 -15.33 -15.20 24.41
C PHE C 333 -14.62 -16.03 25.42
N HIS C 334 -14.80 -17.34 25.33
CA HIS C 334 -13.93 -18.19 26.13
C HIS C 334 -12.80 -18.72 25.25
N THR C 335 -11.82 -19.29 25.93
CA THR C 335 -10.64 -19.84 25.31
C THR C 335 -9.95 -20.81 26.23
N ARG C 336 -9.25 -21.75 25.60
CA ARG C 336 -8.28 -22.60 26.21
C ARG C 336 -6.92 -22.00 25.91
N PHE C 337 -5.87 -22.62 26.47
CA PHE C 337 -4.55 -21.97 26.54
C PHE C 337 -3.51 -23.00 26.20
N PRO C 338 -2.42 -22.59 25.47
CA PRO C 338 -1.45 -23.56 25.05
C PRO C 338 -0.92 -24.32 26.27
N GLY C 339 -0.90 -25.65 26.15
CA GLY C 339 -0.39 -26.56 27.20
C GLY C 339 -1.19 -26.80 28.48
N ARG C 340 -2.44 -26.32 28.53
CA ARG C 340 -3.24 -26.29 29.76
C ARG C 340 -4.53 -27.10 29.61
N GLY C 341 -4.55 -27.99 28.63
CA GLY C 341 -5.74 -28.85 28.31
C GLY C 341 -7.08 -28.14 28.19
N GLU C 342 -8.04 -28.62 28.97
CA GLU C 342 -9.40 -28.09 28.92
C GLU C 342 -9.65 -26.90 29.86
N THR C 343 -8.61 -26.43 30.54
CA THR C 343 -8.74 -25.21 31.31
C THR C 343 -9.20 -24.08 30.41
N TYR C 344 -10.17 -23.26 30.88
CA TYR C 344 -10.73 -22.16 30.10
C TYR C 344 -11.18 -20.91 30.93
N GLN C 345 -11.18 -19.76 30.29
CA GLN C 345 -11.60 -18.53 30.91
C GLN C 345 -12.24 -17.60 29.91
N LEU C 346 -12.86 -16.59 30.48
CA LEU C 346 -13.45 -15.54 29.73
C LEU C 346 -12.31 -14.66 29.30
N ARG C 347 -12.33 -14.27 28.03
CA ARG C 347 -11.48 -13.13 27.62
C ARG C 347 -12.29 -12.04 27.05
N VAL C 348 -11.68 -10.85 27.03
CA VAL C 348 -12.39 -9.76 26.43
C VAL C 348 -11.51 -8.90 25.53
N HIS C 349 -11.95 -8.67 24.28
CA HIS C 349 -11.14 -7.84 23.34
C HIS C 349 -11.96 -6.71 22.76
N GLN C 350 -11.26 -5.59 22.51
CA GLN C 350 -11.80 -4.54 21.68
C GLN C 350 -11.78 -5.00 20.22
N LEU C 351 -12.86 -4.73 19.52
CA LEU C 351 -12.89 -4.96 18.06
C LEU C 351 -12.78 -3.56 17.42
N PHE C 352 -12.04 -3.46 16.32
CA PHE C 352 -12.09 -2.21 15.52
C PHE C 352 -12.72 -2.49 14.14
N LEU C 353 -13.40 -1.49 13.57
CA LEU C 353 -13.91 -1.62 12.18
C LEU C 353 -12.85 -1.06 11.25
N ASN C 354 -12.28 -1.90 10.41
CA ASN C 354 -11.29 -1.41 9.40
C ASN C 354 -11.92 -0.52 8.33
N GLU C 355 -11.09 0.00 7.43
CA GLU C 355 -11.59 0.89 6.36
C GLU C 355 -12.71 0.32 5.50
N ASP C 356 -12.74 -1.01 5.32
CA ASP C 356 -13.80 -1.66 4.59
C ASP C 356 -15.02 -2.11 5.42
N GLY C 357 -15.07 -1.80 6.70
CA GLY C 357 -16.25 -2.13 7.51
C GLY C 357 -16.29 -3.60 7.90
N TRP C 358 -15.11 -4.22 7.99
CA TRP C 358 -14.99 -5.52 8.62
C TRP C 358 -14.33 -5.36 9.97
N PHE C 359 -14.72 -6.22 10.93
CA PHE C 359 -14.03 -6.20 12.21
C PHE C 359 -12.69 -6.85 12.19
N VAL C 360 -11.81 -6.16 12.89
CA VAL C 360 -10.55 -6.70 13.22
C VAL C 360 -10.45 -6.65 14.71
N MET C 361 -9.75 -7.65 15.24
CA MET C 361 -9.72 -7.95 16.63
C MET C 361 -8.40 -7.51 17.18
N ALA C 362 -8.44 -6.70 18.24
CA ALA C 362 -7.17 -6.33 18.93
C ALA C 362 -6.45 -7.54 19.41
N PRO C 363 -5.12 -7.61 19.20
CA PRO C 363 -4.39 -8.77 19.67
C PRO C 363 -4.47 -9.02 21.16
N PHE C 364 -4.36 -7.98 22.00
CA PHE C 364 -4.30 -8.18 23.50
C PHE C 364 -5.63 -7.94 24.18
N PRO C 365 -5.79 -8.41 25.44
CA PRO C 365 -7.05 -8.05 26.14
C PRO C 365 -7.30 -6.56 26.35
N TYR C 366 -8.57 -6.17 26.43
CA TYR C 366 -8.95 -4.78 26.54
C TYR C 366 -8.27 -4.29 27.82
N GLY C 367 -7.25 -3.43 27.67
CA GLY C 367 -6.39 -2.89 28.78
C GLY C 367 -6.46 -1.38 29.04
N GLY C 368 -7.57 -0.73 28.71
CA GLY C 368 -7.64 0.72 28.91
C GLY C 368 -7.52 1.48 27.60
N GLU C 369 -7.01 0.78 26.58
CA GLU C 369 -6.58 1.39 25.32
C GLU C 369 -7.72 1.98 24.47
N THR C 370 -7.34 2.97 23.66
CA THR C 370 -8.22 3.69 22.77
C THR C 370 -7.38 3.97 21.51
N VAL C 371 -8.02 4.02 20.34
CA VAL C 371 -7.27 4.23 19.09
C VAL C 371 -6.98 5.73 18.84
N SER C 372 -5.70 6.05 18.64
CA SER C 372 -5.32 7.40 18.18
C SER C 372 -4.18 7.41 17.15
N LYS C 373 -4.11 8.47 16.33
CA LYS C 373 -3.06 8.58 15.34
C LYS C 373 -1.74 8.42 15.98
N LEU C 374 -0.97 7.59 15.32
CA LEU C 374 0.40 7.36 15.70
C LEU C 374 1.33 8.04 14.74
N PRO C 375 2.27 8.80 15.30
CA PRO C 375 3.36 9.28 14.47
C PRO C 375 4.25 8.14 13.99
N ASN C 376 4.97 8.42 12.90
CA ASN C 376 5.78 7.45 12.24
C ASN C 376 6.83 6.74 13.07
N GLU C 377 7.37 7.47 14.05
CA GLU C 377 8.31 6.90 15.01
C GLU C 377 7.71 5.83 15.95
N GLU C 378 6.38 5.83 16.07
CA GLU C 378 5.66 4.80 16.86
C GLU C 378 5.12 3.65 16.00
N ILE C 379 5.31 3.76 14.70
CA ILE C 379 4.95 2.70 13.74
C ILE C 379 6.17 1.91 13.24
N VAL C 380 7.23 2.61 12.84
CA VAL C 380 8.39 1.93 12.24
C VAL C 380 9.20 1.00 13.21
N GLY C 381 9.80 -0.06 12.68
CA GLY C 381 10.57 -0.96 13.51
C GLY C 381 10.24 -2.42 13.26
N GLU C 382 10.62 -3.26 14.23
CA GLU C 382 10.52 -4.70 14.09
C GLU C 382 9.23 -5.18 14.69
N TYR C 383 8.54 -6.08 14.02
CA TYR C 383 7.31 -6.57 14.61
C TYR C 383 7.36 -8.08 14.71
N GLN C 384 6.74 -8.61 15.76
CA GLN C 384 6.28 -10.01 15.74
C GLN C 384 5.01 -10.11 14.88
N PHE C 385 5.00 -11.06 13.94
CA PHE C 385 3.94 -11.19 12.92
C PHE C 385 3.29 -12.60 12.95
N ILE C 386 2.00 -12.65 13.28
CA ILE C 386 1.19 -13.86 13.23
C ILE C 386 0.13 -13.74 12.14
N ASN C 387 0.09 -14.73 11.26
CA ASN C 387 -0.94 -14.86 10.24
C ASN C 387 -1.84 -16.04 10.64
N HIS C 388 -3.10 -15.79 10.95
CA HIS C 388 -4.00 -16.79 11.57
C HIS C 388 -4.55 -17.75 10.54
N GLY C 389 -4.46 -17.36 9.26
CA GLY C 389 -4.80 -18.28 8.17
C GLY C 389 -6.30 -18.39 7.95
N LYS C 390 -6.69 -19.42 7.23
CA LYS C 390 -8.12 -19.62 6.96
C LYS C 390 -8.62 -20.98 7.47
N GLU C 391 -7.71 -21.86 7.81
CA GLU C 391 -8.09 -23.20 8.20
C GLU C 391 -8.72 -23.43 9.61
N ILE C 392 -9.40 -24.57 9.72
CA ILE C 392 -9.78 -25.14 11.00
C ILE C 392 -8.67 -26.14 11.40
N THR C 393 -7.83 -25.78 12.39
CA THR C 393 -6.66 -26.61 12.74
C THR C 393 -6.35 -26.45 14.20
N ASP C 394 -5.86 -27.52 14.82
CA ASP C 394 -5.42 -27.38 16.20
C ASP C 394 -4.01 -26.83 16.28
N LYS C 395 -3.33 -26.71 15.12
CA LYS C 395 -2.01 -26.11 15.08
C LYS C 395 -1.93 -24.72 15.73
N ILE C 396 -0.90 -24.52 16.55
CA ILE C 396 -0.74 -23.28 17.30
C ILE C 396 0.28 -22.36 16.64
N LYS C 397 -0.20 -21.30 16.00
CA LYS C 397 0.71 -20.42 15.27
C LYS C 397 1.57 -19.55 16.20
N GLN C 398 2.81 -19.38 15.73
CA GLN C 398 3.83 -18.54 16.42
C GLN C 398 4.35 -17.46 15.48
N PRO C 399 4.94 -16.40 16.05
CA PRO C 399 5.20 -15.26 15.15
C PRO C 399 6.42 -15.46 14.26
N VAL C 400 6.68 -14.50 13.40
CA VAL C 400 7.93 -14.42 12.66
C VAL C 400 8.24 -12.94 12.78
N ARG C 401 9.48 -12.55 12.44
CA ARG C 401 9.87 -11.17 12.57
C ARG C 401 9.80 -10.44 11.20
N ILE C 402 9.04 -9.36 11.16
CA ILE C 402 9.03 -8.39 10.05
C ILE C 402 9.48 -7.00 10.46
N LYS C 403 9.88 -6.21 9.46
CA LYS C 403 10.18 -4.79 9.70
C LYS C 403 9.25 -3.91 8.87
N LEU C 404 8.65 -2.90 9.52
CA LEU C 404 7.93 -1.80 8.83
C LEU C 404 8.94 -0.66 8.70
N ASN C 405 9.37 -0.39 7.49
CA ASN C 405 10.44 0.60 7.25
C ASN C 405 9.86 1.93 6.82
N SER C 406 10.61 2.99 7.16
CA SER C 406 10.18 4.35 6.92
C SER C 406 9.85 4.68 5.46
N ASP C 407 10.52 3.99 4.55
CA ASP C 407 10.28 4.14 3.11
C ASP C 407 9.10 3.38 2.58
N GLY C 408 8.30 2.82 3.49
CA GLY C 408 7.07 2.11 3.18
C GLY C 408 7.18 0.66 2.77
N SER C 409 8.40 0.09 2.79
CA SER C 409 8.63 -1.31 2.51
C SER C 409 8.42 -2.10 3.80
N ILE C 410 7.96 -3.35 3.64
CA ILE C 410 7.99 -4.36 4.71
C ILE C 410 9.12 -5.28 4.33
N THR C 411 10.02 -5.56 5.27
CA THR C 411 11.06 -6.60 5.05
C THR C 411 11.07 -7.59 6.21
N GLY C 412 12.04 -8.48 6.21
CA GLY C 412 12.09 -9.57 7.19
C GLY C 412 11.52 -10.86 6.68
N ALA C 413 10.68 -11.51 7.48
CA ALA C 413 10.11 -12.79 7.06
C ALA C 413 9.12 -12.65 5.89
N VAL C 414 8.69 -11.42 5.57
CA VAL C 414 7.83 -11.21 4.41
C VAL C 414 8.29 -9.96 3.65
N GLU C 415 8.06 -9.94 2.33
CA GLU C 415 8.32 -8.78 1.49
C GLU C 415 6.97 -8.05 1.25
N GLY C 416 6.99 -6.74 1.21
CA GLY C 416 5.73 -6.02 0.90
C GLY C 416 5.82 -4.56 1.11
N ARG C 417 4.67 -3.90 1.23
CA ARG C 417 4.64 -2.47 1.45
C ARG C 417 3.56 -2.17 2.49
N TRP C 418 3.72 -1.07 3.21
CA TRP C 418 2.75 -0.66 4.20
C TRP C 418 2.48 0.82 4.08
N GLU C 419 1.28 1.22 4.44
CA GLU C 419 0.92 2.64 4.48
C GLU C 419 -0.14 2.88 5.50
N ARG C 420 -0.11 4.08 6.07
CA ARG C 420 -1.10 4.40 7.08
C ARG C 420 -1.69 5.75 6.89
N LYS C 421 -2.96 5.83 7.26
CA LYS C 421 -3.73 7.01 7.12
C LYS C 421 -4.64 6.92 8.31
N GLU C 422 -4.67 8.04 9.03
CA GLU C 422 -5.44 8.16 10.24
C GLU C 422 -4.97 7.07 11.19
N HIS C 423 -5.89 6.30 11.75
CA HIS C 423 -5.51 5.14 12.54
C HIS C 423 -5.56 3.88 11.68
N TYR C 424 -5.80 3.97 10.36
CA TYR C 424 -5.81 2.74 9.53
C TYR C 424 -4.45 2.45 9.00
N ILE C 425 -4.27 1.18 8.68
CA ILE C 425 -3.03 0.66 8.13
C ILE C 425 -3.47 -0.28 7.02
N THR C 426 -2.76 -0.18 5.88
CA THR C 426 -2.89 -1.14 4.74
C THR C 426 -1.52 -1.74 4.53
N LEU C 427 -1.46 -3.07 4.46
CA LEU C 427 -0.24 -3.83 4.31
C LEU C 427 -0.39 -4.72 3.06
N LYS C 428 0.52 -4.56 2.10
CA LYS C 428 0.46 -5.32 0.85
C LYS C 428 1.63 -6.27 0.95
N ILE C 429 1.30 -7.55 1.10
CA ILE C 429 2.21 -8.57 1.48
C ILE C 429 2.23 -9.69 0.43
N ILE C 430 3.44 -10.06 0.01
CA ILE C 430 3.62 -11.07 -1.01
C ILE C 430 3.54 -12.39 -0.27
N GLU C 431 2.63 -13.24 -0.72
CA GLU C 431 2.40 -14.55 -0.13
C GLU C 431 2.41 -15.54 -1.27
N GLY C 432 3.38 -16.43 -1.31
CA GLY C 432 3.54 -17.28 -2.46
C GLY C 432 3.88 -16.38 -3.65
N ASN C 433 3.00 -16.43 -4.65
CA ASN C 433 3.20 -15.69 -5.87
C ASN C 433 2.34 -14.45 -5.95
N THR C 434 1.51 -14.22 -4.94
CA THR C 434 0.44 -13.20 -5.05
C THR C 434 0.55 -12.10 -3.99
N THR C 435 0.22 -10.87 -4.37
CA THR C 435 0.22 -9.75 -3.41
C THR C 435 -1.13 -9.72 -2.75
N VAL C 436 -1.12 -9.70 -1.43
CA VAL C 436 -2.35 -9.77 -0.68
C VAL C 436 -2.47 -8.48 0.10
N ILE C 437 -3.64 -7.89 0.03
CA ILE C 437 -3.87 -6.63 0.71
C ILE C 437 -4.60 -6.87 2.04
N TYR C 438 -4.03 -6.38 3.14
CA TYR C 438 -4.61 -6.45 4.50
C TYR C 438 -4.94 -5.06 5.01
N LYS C 439 -6.20 -4.85 5.35
CA LYS C 439 -6.66 -3.59 5.95
C LYS C 439 -7.05 -3.70 7.43
N GLY C 440 -6.54 -2.81 8.24
CA GLY C 440 -6.80 -2.85 9.70
C GLY C 440 -6.48 -1.51 10.37
N VAL C 441 -6.08 -1.59 11.62
CA VAL C 441 -5.92 -0.40 12.45
C VAL C 441 -4.64 -0.61 13.18
N LEU C 442 -4.02 0.53 13.47
CA LEU C 442 -2.84 0.65 14.28
C LEU C 442 -3.24 1.21 15.61
N LEU C 443 -2.68 0.71 16.72
CA LEU C 443 -2.86 1.41 18.01
C LEU C 443 -1.87 1.05 19.10
N LYS C 444 -1.89 1.86 20.14
CA LYS C 444 -1.13 1.57 21.37
C LYS C 444 -1.98 0.56 22.19
N GLN C 445 -1.41 -0.57 22.54
CA GLN C 445 -2.05 -1.51 23.51
C GLN C 445 -1.17 -1.90 24.65
N TRP C 446 -1.81 -2.38 25.73
CA TRP C 446 -1.11 -2.94 26.89
C TRP C 446 -0.65 -4.36 26.58
N HIS C 447 0.66 -4.57 26.63
CA HIS C 447 1.20 -5.86 26.34
C HIS C 447 0.97 -6.81 27.55
N TYR C 448 0.14 -7.83 27.33
CA TYR C 448 -0.30 -8.76 28.40
C TYR C 448 0.82 -9.47 29.19
N SER C 449 1.74 -10.15 28.50
CA SER C 449 2.93 -10.71 29.12
C SER C 449 3.99 -9.61 29.40
N TRP C 453 3.16 -0.96 27.39
CA TRP C 453 2.43 -0.30 26.30
C TRP C 453 3.21 -0.40 25.03
N VAL C 454 2.54 -0.82 23.95
CA VAL C 454 3.18 -1.03 22.67
C VAL C 454 2.30 -0.77 21.45
N THR C 455 2.96 -0.37 20.40
CA THR C 455 2.28 -0.30 19.14
C THR C 455 1.94 -1.74 18.64
N VAL C 456 0.67 -1.87 18.20
CA VAL C 456 0.17 -3.08 17.55
C VAL C 456 -0.55 -2.68 16.31
N PHE C 457 -0.65 -3.64 15.39
CA PHE C 457 -1.62 -3.58 14.32
C PHE C 457 -2.45 -4.88 14.20
N THR C 458 -3.66 -4.72 13.69
CA THR C 458 -4.48 -5.89 13.39
C THR C 458 -5.15 -5.61 12.05
N ALA C 459 -5.11 -6.56 11.16
CA ALA C 459 -5.63 -6.37 9.77
C ALA C 459 -6.33 -7.55 9.24
N LEU C 460 -7.13 -7.31 8.23
CA LEU C 460 -7.89 -8.40 7.52
C LEU C 460 -7.86 -8.23 6.00
N SER C 461 -7.60 -9.35 5.32
CA SER C 461 -7.66 -9.46 3.81
C SER C 461 -9.06 -9.69 3.30
N ASN C 462 -9.21 -9.57 1.96
CA ASN C 462 -10.50 -9.90 1.33
C ASN C 462 -10.73 -11.41 1.25
N GLN C 463 -9.67 -12.22 1.47
CA GLN C 463 -9.81 -13.67 1.60
C GLN C 463 -10.16 -14.09 3.02
N GLY C 464 -10.40 -13.15 3.92
CA GLY C 464 -10.86 -13.48 5.28
C GLY C 464 -9.76 -13.96 6.22
N VAL C 465 -8.52 -13.49 5.99
CA VAL C 465 -7.36 -13.85 6.87
C VAL C 465 -6.95 -12.61 7.63
N SER C 466 -6.70 -12.81 8.93
CA SER C 466 -6.29 -11.81 9.90
C SER C 466 -4.80 -11.95 10.16
N VAL C 467 -4.12 -10.82 10.24
CA VAL C 467 -2.72 -10.85 10.62
C VAL C 467 -2.57 -9.91 11.79
N TRP C 468 -1.70 -10.28 12.70
CA TRP C 468 -1.48 -9.41 13.84
C TRP C 468 -0.03 -8.98 13.85
N GLY C 469 0.25 -7.76 14.31
CA GLY C 469 1.63 -7.32 14.47
C GLY C 469 1.83 -6.77 15.86
N ILE C 470 2.91 -7.17 16.52
CA ILE C 470 3.20 -6.63 17.87
C ILE C 470 4.60 -6.03 17.83
N ARG C 471 4.69 -4.70 17.95
CA ARG C 471 6.01 -4.05 17.83
C ARG C 471 6.93 -4.39 19.02
N VAL C 472 8.15 -4.83 18.68
CA VAL C 472 9.27 -5.09 19.62
C VAL C 472 9.94 -3.77 20.08
N GLU C 473 9.51 -3.26 21.25
CA GLU C 473 9.98 -1.99 21.79
C GLU C 473 10.95 -2.18 22.95
C1 PEG D . -7.87 -29.39 -21.82
O1 PEG D . -8.29 -30.71 -21.62
C2 PEG D . -7.17 -29.12 -23.15
O2 PEG D . -8.04 -29.32 -24.27
C3 PEG D . -7.67 -28.53 -25.39
C4 PEG D . -8.57 -28.66 -26.64
O4 PEG D . -8.81 -29.96 -27.13
CA CA E . -15.50 -19.90 -31.61
C1 PEG F . 40.66 18.40 16.03
O1 PEG F . 41.93 18.17 15.37
C2 PEG F . 40.74 19.82 16.50
O2 PEG F . 39.73 20.36 17.36
C3 PEG F . 40.39 21.22 18.30
C4 PEG F . 39.43 21.99 19.17
O4 PEG F . 40.21 22.96 19.90
C1 PEG G . 9.74 19.25 15.61
O1 PEG G . 10.10 19.44 16.98
C2 PEG G . 8.27 19.66 15.41
O2 PEG G . 8.05 20.84 14.58
C3 PEG G . 7.69 22.01 15.30
C4 PEG G . 7.98 23.20 14.39
O4 PEG G . 8.04 24.46 15.05
CA CA H . 34.66 32.04 14.29
C1 PEG I . -47.77 -38.27 17.41
O1 PEG I . -47.82 -38.70 18.77
C2 PEG I . -48.55 -39.22 16.52
O2 PEG I . -48.34 -38.98 15.11
C3 PEG I . -48.62 -37.62 14.81
C4 PEG I . -49.26 -37.37 13.46
O4 PEG I . -49.65 -35.98 13.55
CA CA J . -24.22 -17.75 22.50
#